data_6LW2
#
_entry.id   6LW2
#
_cell.length_a   68.315
_cell.length_b   83.595
_cell.length_c   280.338
_cell.angle_alpha   90.000
_cell.angle_beta   90.000
_cell.angle_gamma   90.000
#
_symmetry.space_group_name_H-M   'P 21 21 21'
#
loop_
_entity.id
_entity.type
_entity.pdbx_description
1 polymer 'Fructose-1,6-bisphosphatase 1'
2 non-polymer 7-chloranyl-4-[(3-methoxyphenyl)amino]-N-(4-methoxyphenyl)sulfonyl-1-methyl-indole-2-carboxamide
3 water water
#
_entity_poly.entity_id   1
_entity_poly.type   'polypeptide(L)'
_entity_poly.pdbx_seq_one_letter_code
;MADQAPFDTDVNTLTRFVMEEGRKARGTGELTQLLNSLCTAVKAISSAVRKAGIAHLYGIAGSTNVTGDQVKKLDVLSND
LVMNMLKSSFATCVLVSEEDKHAIIVEPEKRGKYVVCFDPLDGSSNIDCLVSVGTIFGIYRKKSTDEPSEKDALQPGRNL
VAAGYALYGSATMLVLAMDCGVNCFMLDPAIGEFILVDKDVKIKKKGKIYSLNEGYARDFDPAVTEYIQRKKFPPDNSAP
YGARYVGSMVADVHRTLVYGGIFLYPANKKSPNGKLRLLYECNPMAYVMEKAGGMATTGKEAVLDVIPTDIHQRAPVILG
SPDDVLEFLKVYEKHSAQ
;
_entity_poly.pdbx_strand_id   A,B,C,D
#
loop_
_chem_comp.id
_chem_comp.type
_chem_comp.name
_chem_comp.formula
EW0 non-polymer 7-chloranyl-4-[(3-methoxyphenyl)amino]-N-(4-methoxyphenyl)sulfonyl-1-methyl-indole-2-carboxamide 'C24 H22 Cl N3 O5 S'
#
# COMPACT_ATOMS: atom_id res chain seq x y z
N ASP A 10 10.73 -12.95 -20.14
CA ASP A 10 10.95 -11.68 -19.45
C ASP A 10 9.62 -10.98 -19.09
N VAL A 11 9.55 -10.42 -17.88
CA VAL A 11 8.39 -9.63 -17.52
C VAL A 11 8.35 -8.38 -18.39
N ASN A 12 7.13 -7.93 -18.72
CA ASN A 12 6.89 -6.78 -19.58
C ASN A 12 5.85 -5.88 -18.92
N THR A 13 6.10 -4.57 -18.95
CA THR A 13 5.14 -3.59 -18.44
C THR A 13 4.46 -2.90 -19.61
N LEU A 14 3.40 -2.14 -19.28
CA LEU A 14 2.70 -1.38 -20.29
C LEU A 14 3.60 -0.31 -20.90
N THR A 15 4.31 0.46 -20.07
CA THR A 15 5.17 1.49 -20.63
C THR A 15 6.34 0.89 -21.40
N ARG A 16 6.85 -0.26 -20.98
CA ARG A 16 7.88 -0.92 -21.79
C ARG A 16 7.29 -1.47 -23.09
N PHE A 17 6.10 -2.04 -23.01
CA PHE A 17 5.41 -2.51 -24.19
C PHE A 17 5.19 -1.38 -25.20
N VAL A 18 4.63 -0.26 -24.75
CA VAL A 18 4.18 0.76 -25.69
C VAL A 18 5.37 1.55 -26.23
N MET A 19 6.43 1.72 -25.44
CA MET A 19 7.68 2.30 -25.92
C MET A 19 8.22 1.53 -27.11
N GLU A 20 8.11 0.21 -27.08
CA GLU A 20 8.75 -0.62 -28.09
C GLU A 20 7.96 -0.60 -29.40
N GLU A 21 6.62 -0.57 -29.32
CA GLU A 21 5.81 -0.37 -30.53
C GLU A 21 6.10 1.00 -31.12
N GLY A 22 6.21 2.02 -30.28
CA GLY A 22 6.47 3.37 -30.73
C GLY A 22 7.77 3.54 -31.48
N ARG A 23 8.89 3.21 -30.81
CA ARG A 23 10.19 3.15 -31.49
C ARG A 23 10.09 2.46 -32.85
N LYS A 24 9.47 1.28 -32.90
CA LYS A 24 9.38 0.53 -34.15
C LYS A 24 8.57 1.26 -35.20
N ALA A 25 7.59 2.07 -34.79
CA ALA A 25 6.89 2.95 -35.73
C ALA A 25 7.64 4.24 -36.02
N ARG A 26 8.75 4.49 -35.33
CA ARG A 26 9.58 5.68 -35.53
C ARG A 26 8.77 6.96 -35.40
N GLY A 27 8.00 7.04 -34.32
CA GLY A 27 7.15 8.18 -34.05
C GLY A 27 7.83 9.25 -33.19
N THR A 28 7.01 10.23 -32.77
CA THR A 28 7.44 11.39 -32.00
C THR A 28 7.40 11.20 -30.50
N GLY A 29 6.85 10.08 -29.98
CA GLY A 29 6.76 9.89 -28.56
C GLY A 29 5.51 10.41 -27.88
N GLU A 30 4.63 11.11 -28.62
CA GLU A 30 3.50 11.77 -27.97
C GLU A 30 2.49 10.74 -27.49
N LEU A 31 2.31 9.65 -28.24
CA LEU A 31 1.32 8.65 -27.84
C LEU A 31 1.78 7.91 -26.59
N THR A 32 3.07 7.55 -26.53
CA THR A 32 3.66 6.98 -25.33
C THR A 32 3.50 7.91 -24.13
N GLN A 33 3.74 9.20 -24.31
CA GLN A 33 3.59 10.12 -23.17
C GLN A 33 2.12 10.22 -22.75
N LEU A 34 1.20 10.21 -23.71
CA LEU A 34 -0.23 10.19 -23.38
C LEU A 34 -0.55 8.99 -22.51
N LEU A 35 -0.19 7.78 -22.97
CA LEU A 35 -0.56 6.57 -22.23
C LEU A 35 0.11 6.50 -20.86
N ASN A 36 1.33 7.04 -20.73
CA ASN A 36 1.97 7.10 -19.42
C ASN A 36 1.18 7.98 -18.46
N SER A 37 0.77 9.17 -18.90
CA SER A 37 -0.08 10.03 -18.06
C SER A 37 -1.35 9.30 -17.66
N LEU A 38 -1.94 8.55 -18.60
CA LEU A 38 -3.17 7.81 -18.36
C LEU A 38 -2.96 6.74 -17.28
N CYS A 39 -1.86 5.98 -17.35
CA CYS A 39 -1.53 5.01 -16.32
C CYS A 39 -1.38 5.66 -14.94
N THR A 40 -0.68 6.78 -14.86
CA THR A 40 -0.54 7.44 -13.57
C THR A 40 -1.90 7.86 -13.04
N ALA A 41 -2.79 8.34 -13.91
CA ALA A 41 -4.14 8.66 -13.48
C ALA A 41 -4.88 7.41 -12.97
N VAL A 42 -4.84 6.34 -13.76
CA VAL A 42 -5.54 5.12 -13.40
C VAL A 42 -5.09 4.62 -12.04
N LYS A 43 -3.77 4.67 -11.76
CA LYS A 43 -3.30 4.23 -10.45
C LYS A 43 -3.81 5.13 -9.35
N ALA A 44 -3.98 6.42 -9.62
CA ALA A 44 -4.47 7.32 -8.58
C ALA A 44 -5.95 7.08 -8.33
N ILE A 45 -6.70 6.79 -9.40
CA ILE A 45 -8.12 6.53 -9.25
C ILE A 45 -8.35 5.28 -8.43
N SER A 46 -7.52 4.25 -8.69
CA SER A 46 -7.63 2.95 -8.03
C SER A 46 -7.44 3.08 -6.53
N SER A 47 -6.39 3.80 -6.13
CA SER A 47 -6.06 3.94 -4.72
C SER A 47 -7.16 4.68 -3.99
N ALA A 48 -7.89 5.54 -4.69
CA ALA A 48 -9.00 6.25 -4.06
C ALA A 48 -10.29 5.43 -4.09
N VAL A 49 -10.51 4.69 -5.18
CA VAL A 49 -11.64 3.77 -5.27
C VAL A 49 -11.55 2.69 -4.17
N ARG A 50 -10.36 2.19 -3.90
CA ARG A 50 -10.15 1.27 -2.79
C ARG A 50 -10.08 1.97 -1.44
N LYS A 51 -10.29 3.29 -1.41
CA LYS A 51 -10.56 4.02 -0.17
C LYS A 51 -9.31 4.19 0.71
N ALA A 52 -8.14 4.36 0.08
CA ALA A 52 -6.89 4.64 0.81
C ALA A 52 -7.01 5.76 1.84
N GLY A 53 -7.70 6.84 1.53
CA GLY A 53 -7.63 7.83 2.60
C GLY A 53 -8.73 7.85 3.67
N ILE A 54 -9.62 6.84 3.70
CA ILE A 54 -10.95 6.98 4.29
C ILE A 54 -10.93 7.28 5.79
N ALA A 55 -9.88 6.87 6.51
CA ALA A 55 -9.89 7.10 7.96
C ALA A 55 -9.88 8.59 8.27
N HIS A 56 -9.19 9.38 7.44
CA HIS A 56 -9.13 10.82 7.72
C HIS A 56 -10.48 11.47 7.48
N LEU A 57 -11.28 10.92 6.57
CA LEU A 57 -12.61 11.48 6.34
C LEU A 57 -13.54 11.25 7.51
N TYR A 58 -13.24 10.25 8.36
CA TYR A 58 -14.06 9.88 9.49
C TYR A 58 -13.45 10.28 10.83
N GLY A 59 -12.36 11.06 10.83
CA GLY A 59 -11.90 11.78 12.00
C GLY A 59 -10.77 11.20 12.84
N ILE A 60 -9.86 10.40 12.26
CA ILE A 60 -8.76 9.84 13.06
C ILE A 60 -7.81 10.92 13.53
N ALA A 61 -7.74 12.04 12.82
CA ALA A 61 -6.92 13.19 13.20
C ALA A 61 -7.78 14.35 13.67
N GLY A 62 -9.01 14.07 14.08
CA GLY A 62 -9.87 15.10 14.64
C GLY A 62 -10.53 16.05 13.67
N SER A 63 -11.13 15.54 12.60
CA SER A 63 -12.00 16.32 11.72
C SER A 63 -12.58 15.44 10.60
N LYS A 73 -18.09 12.69 -5.28
CA LYS A 73 -16.75 13.27 -5.31
C LYS A 73 -15.72 12.32 -5.92
N LEU A 74 -15.94 11.00 -5.81
CA LEU A 74 -15.07 10.05 -6.52
C LEU A 74 -15.07 10.29 -8.04
N ASP A 75 -16.22 10.56 -8.65
CA ASP A 75 -16.16 10.71 -10.10
C ASP A 75 -15.67 12.10 -10.49
N VAL A 76 -16.00 13.12 -9.69
CA VAL A 76 -15.34 14.40 -9.85
C VAL A 76 -13.82 14.24 -9.74
N LEU A 77 -13.35 13.61 -8.66
CA LEU A 77 -11.91 13.46 -8.44
C LEU A 77 -11.26 12.67 -9.57
N SER A 78 -11.90 11.57 -10.00
CA SER A 78 -11.40 10.81 -11.14
C SER A 78 -11.28 11.68 -12.38
N ASN A 79 -12.28 12.51 -12.67
CA ASN A 79 -12.21 13.38 -13.84
C ASN A 79 -11.05 14.36 -13.68
N ASP A 80 -10.93 14.99 -12.50
CA ASP A 80 -9.80 15.89 -12.23
C ASP A 80 -8.47 15.21 -12.50
N LEU A 81 -8.29 13.98 -12.00
CA LEU A 81 -7.04 13.27 -12.23
C LEU A 81 -6.75 13.12 -13.71
N VAL A 82 -7.75 12.65 -14.47
CA VAL A 82 -7.53 12.30 -15.86
C VAL A 82 -7.35 13.55 -16.70
N MET A 83 -8.14 14.58 -16.42
CA MET A 83 -7.99 15.88 -17.06
C MET A 83 -6.57 16.41 -16.87
N ASN A 84 -6.09 16.49 -15.63
CA ASN A 84 -4.80 17.14 -15.43
C ASN A 84 -3.64 16.30 -15.94
N MET A 85 -3.72 14.97 -15.91
CA MET A 85 -2.56 14.20 -16.35
C MET A 85 -2.38 14.29 -17.85
N LEU A 86 -3.49 14.26 -18.61
CA LEU A 86 -3.42 14.34 -20.06
C LEU A 86 -2.98 15.73 -20.53
N LYS A 87 -3.47 16.77 -19.86
CA LYS A 87 -2.98 18.11 -20.16
C LYS A 87 -1.49 18.16 -19.99
N SER A 88 -1.01 17.68 -18.84
CA SER A 88 0.39 17.72 -18.46
C SER A 88 1.28 16.88 -19.36
N SER A 89 0.71 16.09 -20.28
CA SER A 89 1.49 15.18 -21.12
C SER A 89 2.03 15.85 -22.38
N PHE A 90 1.52 17.03 -22.71
CA PHE A 90 1.85 17.76 -23.94
C PHE A 90 1.51 16.98 -25.19
N ALA A 91 0.59 16.01 -25.10
CA ALA A 91 0.22 15.21 -26.26
C ALA A 91 -1.22 15.40 -26.69
N THR A 92 -1.97 16.33 -26.10
CA THR A 92 -3.39 16.43 -26.42
C THR A 92 -3.78 17.87 -26.69
N CYS A 93 -4.94 18.01 -27.34
CA CYS A 93 -5.47 19.34 -27.61
C CYS A 93 -6.95 19.48 -27.32
N VAL A 94 -7.74 18.42 -27.43
CA VAL A 94 -9.18 18.47 -27.17
C VAL A 94 -9.54 17.27 -26.31
N LEU A 95 -10.31 17.51 -25.25
CA LEU A 95 -10.65 16.46 -24.31
C LEU A 95 -12.15 16.47 -24.08
N VAL A 96 -12.78 15.30 -24.20
CA VAL A 96 -14.22 15.17 -24.05
C VAL A 96 -14.46 14.16 -22.92
N SER A 97 -15.18 14.60 -21.88
CA SER A 97 -15.43 13.76 -20.72
C SER A 97 -16.93 13.69 -20.46
N GLU A 98 -17.37 12.53 -19.96
CA GLU A 98 -18.75 12.39 -19.52
C GLU A 98 -19.13 13.48 -18.52
N GLU A 99 -18.17 13.90 -17.69
CA GLU A 99 -18.48 14.87 -16.64
C GLU A 99 -18.62 16.30 -17.15
N ASP A 100 -18.10 16.65 -18.31
CA ASP A 100 -18.07 18.05 -18.74
C ASP A 100 -19.07 18.28 -19.86
N LYS A 101 -19.81 19.39 -19.77
CA LYS A 101 -20.83 19.69 -20.75
C LYS A 101 -20.21 19.95 -22.12
N HIS A 102 -19.13 20.71 -22.15
CA HIS A 102 -18.45 21.10 -23.38
C HIS A 102 -17.10 20.41 -23.45
N ALA A 103 -16.58 20.31 -24.67
CA ALA A 103 -15.21 19.86 -24.87
C ALA A 103 -14.26 20.87 -24.23
N ILE A 104 -13.26 20.33 -23.51
CA ILE A 104 -12.19 21.12 -22.93
C ILE A 104 -11.07 21.24 -23.94
N ILE A 105 -10.64 22.48 -24.19
CA ILE A 105 -9.57 22.79 -25.13
C ILE A 105 -8.30 22.98 -24.31
N VAL A 106 -7.22 22.31 -24.71
CA VAL A 106 -5.97 22.43 -23.97
C VAL A 106 -5.34 23.77 -24.26
N GLU A 107 -4.71 24.36 -23.23
CA GLU A 107 -4.06 25.65 -23.37
C GLU A 107 -3.00 25.58 -24.46
N PRO A 108 -2.79 26.69 -25.18
CA PRO A 108 -1.89 26.67 -26.35
C PRO A 108 -0.52 26.08 -26.09
N GLU A 109 0.11 26.43 -24.96
CA GLU A 109 1.46 26.02 -24.62
C GLU A 109 1.61 24.51 -24.36
N LYS A 110 0.50 23.80 -24.18
CA LYS A 110 0.50 22.38 -23.83
C LYS A 110 -0.11 21.50 -24.90
N ARG A 111 -0.50 22.07 -26.05
CA ARG A 111 -1.17 21.29 -27.09
C ARG A 111 -0.23 20.25 -27.67
N GLY A 112 -0.69 18.99 -27.67
CA GLY A 112 -0.19 17.94 -28.51
C GLY A 112 -1.17 17.62 -29.61
N LYS A 113 -1.04 16.43 -30.19
CA LYS A 113 -1.76 16.16 -31.43
C LYS A 113 -2.92 15.17 -31.31
N TYR A 114 -3.31 14.77 -30.11
CA TYR A 114 -4.34 13.76 -29.95
C TYR A 114 -5.62 14.32 -29.33
N VAL A 115 -6.75 13.73 -29.70
CA VAL A 115 -8.04 13.94 -29.06
C VAL A 115 -8.34 12.73 -28.17
N VAL A 116 -8.88 12.95 -26.97
CA VAL A 116 -9.17 11.87 -26.03
C VAL A 116 -10.62 11.98 -25.57
N CYS A 117 -11.38 10.93 -25.76
CA CYS A 117 -12.76 10.88 -25.28
C CYS A 117 -12.78 9.87 -24.14
N PHE A 118 -13.31 10.26 -22.98
CA PHE A 118 -13.25 9.32 -21.86
C PHE A 118 -14.42 9.47 -20.91
N ASP A 119 -14.67 8.37 -20.21
CA ASP A 119 -15.57 8.30 -19.08
C ASP A 119 -14.69 7.94 -17.88
N PRO A 120 -14.46 8.86 -16.94
CA PRO A 120 -13.39 8.63 -15.96
C PRO A 120 -13.76 7.63 -14.89
N LEU A 121 -15.06 7.47 -14.58
CA LEU A 121 -15.48 6.48 -13.59
C LEU A 121 -16.89 6.00 -13.99
N ASP A 122 -16.92 5.08 -14.94
CA ASP A 122 -18.19 4.53 -15.37
C ASP A 122 -18.73 3.53 -14.33
N GLY A 123 -20.05 3.52 -14.17
CA GLY A 123 -20.70 2.68 -13.19
C GLY A 123 -20.81 3.28 -11.81
N SER A 124 -20.08 4.35 -11.51
CA SER A 124 -20.05 4.90 -10.16
C SER A 124 -21.41 5.37 -9.66
N SER A 125 -22.44 5.36 -10.52
CA SER A 125 -23.78 5.68 -10.03
C SER A 125 -24.13 4.78 -8.86
N ASN A 126 -23.70 3.53 -8.93
CA ASN A 126 -24.04 2.54 -7.91
C ASN A 126 -22.84 2.13 -7.07
N ILE A 127 -21.76 2.93 -7.08
CA ILE A 127 -20.59 2.69 -6.27
C ILE A 127 -20.91 2.56 -4.79
N ASP A 128 -22.16 2.86 -4.41
CA ASP A 128 -22.58 2.69 -3.02
C ASP A 128 -22.56 1.23 -2.62
N CYS A 129 -22.89 0.31 -3.53
CA CYS A 129 -22.87 -1.09 -3.15
C CYS A 129 -21.52 -1.75 -3.43
N LEU A 130 -20.48 -0.95 -3.76
CA LEU A 130 -19.12 -1.42 -4.03
C LEU A 130 -19.06 -2.29 -5.27
N VAL A 131 -20.04 -2.09 -6.16
CA VAL A 131 -20.00 -2.66 -7.48
C VAL A 131 -18.71 -2.27 -8.22
N SER A 132 -18.26 -3.16 -9.10
CA SER A 132 -17.19 -2.92 -10.07
C SER A 132 -17.44 -1.65 -10.87
N VAL A 133 -16.43 -0.79 -10.95
CA VAL A 133 -16.47 0.41 -11.78
C VAL A 133 -15.20 0.44 -12.63
N GLY A 134 -15.14 1.42 -13.53
CA GLY A 134 -14.00 1.52 -14.43
C GLY A 134 -13.88 2.85 -15.14
N THR A 135 -12.77 2.99 -15.87
CA THR A 135 -12.40 4.16 -16.67
C THR A 135 -12.29 3.75 -18.13
N ILE A 136 -12.98 4.46 -19.01
CA ILE A 136 -13.04 4.14 -20.43
C ILE A 136 -12.42 5.28 -21.23
N PHE A 137 -11.64 4.94 -22.26
CA PHE A 137 -10.98 5.94 -23.09
C PHE A 137 -10.88 5.48 -24.53
N GLY A 138 -10.98 6.46 -25.46
CA GLY A 138 -10.56 6.29 -26.84
C GLY A 138 -9.76 7.48 -27.35
N ILE A 139 -8.71 7.22 -28.14
CA ILE A 139 -7.71 8.22 -28.50
C ILE A 139 -7.69 8.34 -30.02
N TYR A 140 -7.92 9.57 -30.52
CA TYR A 140 -7.94 9.91 -31.94
C TYR A 140 -6.79 10.84 -32.29
N ARG A 141 -6.26 10.69 -33.50
CA ARG A 141 -5.34 11.68 -34.01
C ARG A 141 -6.19 12.84 -34.51
N LYS A 142 -5.95 14.04 -33.99
CA LYS A 142 -6.59 15.24 -34.53
C LYS A 142 -6.35 15.30 -36.02
N LYS A 143 -7.42 15.59 -36.78
CA LYS A 143 -7.47 15.34 -38.21
C LYS A 143 -7.29 16.61 -39.03
N SER A 144 -7.45 17.77 -38.41
CA SER A 144 -7.47 19.06 -39.06
C SER A 144 -6.42 19.99 -38.48
N THR A 145 -5.94 20.88 -39.33
CA THR A 145 -5.01 21.93 -38.96
C THR A 145 -5.72 23.09 -38.28
N ASP A 146 -7.05 23.10 -38.28
CA ASP A 146 -7.86 24.19 -37.75
C ASP A 146 -7.55 24.43 -36.27
N GLU A 147 -8.07 25.55 -35.76
CA GLU A 147 -7.98 25.82 -34.34
C GLU A 147 -8.75 24.73 -33.60
N PRO A 148 -8.16 24.13 -32.57
CA PRO A 148 -8.81 22.98 -31.92
C PRO A 148 -10.21 23.34 -31.43
N SER A 149 -11.15 22.45 -31.70
CA SER A 149 -12.52 22.66 -31.26
C SER A 149 -13.19 21.30 -31.07
N GLU A 150 -14.36 21.34 -30.42
CA GLU A 150 -15.26 20.21 -30.29
C GLU A 150 -15.37 19.38 -31.56
N LYS A 151 -15.31 20.00 -32.75
CA LYS A 151 -15.52 19.22 -33.97
C LYS A 151 -14.44 18.18 -34.16
N ASP A 152 -13.25 18.40 -33.58
CA ASP A 152 -12.14 17.45 -33.64
C ASP A 152 -12.44 16.15 -32.88
N ALA A 153 -13.56 16.08 -32.14
CA ALA A 153 -13.92 14.82 -31.49
C ALA A 153 -15.04 14.07 -32.22
N LEU A 154 -15.65 14.69 -33.24
CA LEU A 154 -16.78 14.10 -33.96
C LEU A 154 -16.28 13.15 -35.06
N GLN A 155 -15.55 12.14 -34.62
CA GLN A 155 -14.96 11.24 -35.58
C GLN A 155 -15.66 9.88 -35.50
N PRO A 156 -15.72 9.13 -36.57
CA PRO A 156 -16.20 7.75 -36.46
C PRO A 156 -15.17 6.93 -35.72
N GLY A 157 -15.63 5.97 -34.92
CA GLY A 157 -14.73 5.17 -34.11
C GLY A 157 -13.75 4.34 -34.92
N ARG A 158 -14.05 4.12 -36.20
CA ARG A 158 -13.07 3.46 -37.06
C ARG A 158 -11.81 4.29 -37.23
N ASN A 159 -11.79 5.53 -36.73
CA ASN A 159 -10.63 6.41 -36.80
C ASN A 159 -9.66 6.25 -35.65
N LEU A 160 -10.04 5.42 -34.66
CA LEU A 160 -9.29 5.32 -33.41
C LEU A 160 -7.89 4.80 -33.67
N VAL A 161 -6.89 5.35 -32.98
CA VAL A 161 -5.56 4.76 -32.94
C VAL A 161 -5.32 3.93 -31.68
N ALA A 162 -6.10 4.15 -30.61
CA ALA A 162 -5.95 3.38 -29.38
C ALA A 162 -7.22 3.52 -28.58
N ALA A 163 -7.57 2.48 -27.80
CA ALA A 163 -8.71 2.55 -26.90
C ALA A 163 -8.69 1.39 -25.90
N GLY A 164 -9.46 1.57 -24.83
CA GLY A 164 -9.52 0.49 -23.86
C GLY A 164 -10.14 0.98 -22.56
N TYR A 165 -9.76 0.33 -21.47
CA TYR A 165 -10.41 0.64 -20.20
C TYR A 165 -9.57 0.10 -19.04
N ALA A 166 -9.81 0.66 -17.87
CA ALA A 166 -9.31 0.08 -16.63
C ALA A 166 -10.50 -0.37 -15.81
N LEU A 167 -10.39 -1.52 -15.18
CA LEU A 167 -11.47 -2.10 -14.39
C LEU A 167 -10.99 -2.17 -12.95
N TYR A 168 -11.70 -1.52 -12.05
CA TYR A 168 -11.43 -1.62 -10.62
C TYR A 168 -12.41 -2.66 -10.08
N GLY A 169 -12.05 -3.92 -10.28
CA GLY A 169 -12.86 -5.01 -9.78
C GLY A 169 -12.19 -5.68 -8.60
N SER A 170 -12.12 -7.01 -8.62
CA SER A 170 -11.44 -7.70 -7.53
C SER A 170 -9.96 -7.40 -7.58
N ALA A 171 -9.46 -7.12 -8.77
CA ALA A 171 -8.14 -6.54 -8.95
C ALA A 171 -8.26 -5.43 -9.99
N THR A 172 -7.18 -4.70 -10.18
CA THR A 172 -7.18 -3.59 -11.12
C THR A 172 -6.42 -4.00 -12.38
N MET A 173 -7.09 -3.91 -13.53
CA MET A 173 -6.49 -4.34 -14.80
C MET A 173 -6.74 -3.30 -15.89
N LEU A 174 -5.74 -3.08 -16.72
CA LEU A 174 -5.85 -2.19 -17.88
C LEU A 174 -5.84 -3.01 -19.17
N VAL A 175 -6.91 -2.84 -19.95
CA VAL A 175 -7.05 -3.47 -21.26
C VAL A 175 -6.87 -2.40 -22.33
N LEU A 176 -5.80 -2.53 -23.13
CA LEU A 176 -5.47 -1.57 -24.18
C LEU A 176 -5.49 -2.26 -25.53
N ALA A 177 -6.31 -1.75 -26.44
CA ALA A 177 -6.33 -2.25 -27.81
C ALA A 177 -5.68 -1.22 -28.72
N MET A 178 -4.93 -1.72 -29.70
CA MET A 178 -4.35 -0.93 -30.78
C MET A 178 -4.41 -1.79 -32.05
N ASP A 179 -3.81 -1.28 -33.14
CA ASP A 179 -3.71 -2.01 -34.39
C ASP A 179 -3.03 -3.36 -34.21
N CYS A 180 -2.05 -3.46 -33.31
CA CYS A 180 -1.39 -4.74 -33.09
C CYS A 180 -2.23 -5.73 -32.28
N GLY A 181 -3.37 -5.33 -31.73
CA GLY A 181 -4.19 -6.27 -30.99
C GLY A 181 -4.51 -5.84 -29.56
N VAL A 182 -5.03 -6.75 -28.73
CA VAL A 182 -5.55 -6.42 -27.42
C VAL A 182 -4.63 -7.06 -26.37
N ASN A 183 -4.17 -6.24 -25.39
CA ASN A 183 -3.25 -6.70 -24.35
C ASN A 183 -3.73 -6.27 -22.96
N CYS A 184 -3.76 -7.23 -22.03
CA CYS A 184 -4.26 -7.04 -20.67
C CYS A 184 -3.10 -6.87 -19.68
N PHE A 185 -3.16 -5.82 -18.85
CA PHE A 185 -2.11 -5.54 -17.87
C PHE A 185 -2.69 -5.52 -16.46
N MET A 186 -2.14 -6.35 -15.55
CA MET A 186 -2.56 -6.33 -14.15
C MET A 186 -1.77 -5.31 -13.35
N LEU A 187 -2.46 -4.49 -12.56
CA LEU A 187 -1.76 -3.56 -11.68
C LEU A 187 -1.27 -4.31 -10.46
N ASP A 188 0.03 -4.25 -10.23
CA ASP A 188 0.63 -4.72 -9.01
C ASP A 188 0.69 -3.53 -8.07
N PRO A 189 -0.19 -3.43 -7.07
CA PRO A 189 -0.25 -2.20 -6.28
C PRO A 189 0.91 -2.02 -5.31
N ALA A 190 1.67 -3.08 -5.00
CA ALA A 190 2.85 -2.92 -4.14
C ALA A 190 4.01 -2.17 -4.80
N ILE A 191 4.02 -2.04 -6.13
CA ILE A 191 5.11 -1.32 -6.80
C ILE A 191 4.62 -0.33 -7.84
N GLY A 192 3.32 -0.18 -8.05
CA GLY A 192 2.85 0.73 -9.09
C GLY A 192 3.25 0.36 -10.51
N GLU A 193 3.10 -0.92 -10.88
CA GLU A 193 3.49 -1.34 -12.22
C GLU A 193 2.37 -2.17 -12.84
N PHE A 194 2.13 -1.94 -14.13
CA PHE A 194 1.11 -2.64 -14.90
C PHE A 194 1.78 -3.80 -15.65
N ILE A 195 1.63 -5.02 -15.14
CA ILE A 195 2.36 -6.19 -15.62
C ILE A 195 1.58 -6.84 -16.75
N LEU A 196 2.25 -7.14 -17.86
CA LEU A 196 1.59 -7.77 -19.00
C LEU A 196 1.28 -9.21 -18.67
N VAL A 197 0.00 -9.57 -18.64
CA VAL A 197 -0.41 -10.90 -18.20
C VAL A 197 -1.18 -11.69 -19.26
N ASP A 198 -1.79 -11.04 -20.25
CA ASP A 198 -2.48 -11.74 -21.33
C ASP A 198 -2.17 -11.03 -22.64
N LYS A 199 -1.51 -11.72 -23.57
CA LYS A 199 -1.01 -11.14 -24.80
C LYS A 199 -1.95 -11.45 -25.97
N ASP A 200 -2.21 -10.44 -26.80
CA ASP A 200 -2.88 -10.60 -28.10
C ASP A 200 -4.14 -11.45 -28.00
N VAL A 201 -5.03 -11.05 -27.09
CA VAL A 201 -6.18 -11.89 -26.74
C VAL A 201 -7.22 -11.89 -27.86
N LYS A 202 -8.04 -12.95 -27.91
CA LYS A 202 -9.09 -13.15 -28.90
C LYS A 202 -10.34 -13.68 -28.21
N ILE A 203 -11.50 -13.17 -28.62
CA ILE A 203 -12.77 -13.62 -28.05
C ILE A 203 -13.18 -14.94 -28.70
N LYS A 204 -13.77 -15.84 -27.88
CA LYS A 204 -14.42 -17.04 -28.40
C LYS A 204 -15.35 -16.68 -29.54
N LYS A 205 -15.37 -17.52 -30.58
CA LYS A 205 -16.25 -17.23 -31.71
C LYS A 205 -17.72 -17.42 -31.35
N LYS A 206 -18.04 -18.23 -30.32
CA LYS A 206 -19.41 -18.30 -29.83
C LYS A 206 -19.37 -18.54 -28.32
N GLY A 207 -20.27 -17.87 -27.58
CA GLY A 207 -20.28 -17.92 -26.14
C GLY A 207 -21.50 -18.64 -25.57
N LYS A 208 -21.63 -18.56 -24.22
CA LYS A 208 -22.76 -19.23 -23.57
C LYS A 208 -23.42 -18.36 -22.51
N ILE A 209 -23.24 -17.04 -22.56
CA ILE A 209 -23.82 -16.09 -21.60
C ILE A 209 -24.45 -14.92 -22.35
N TYR A 210 -25.57 -14.41 -21.83
CA TYR A 210 -26.21 -13.19 -22.31
C TYR A 210 -26.40 -12.21 -21.16
N SER A 211 -26.21 -10.91 -21.47
CA SER A 211 -26.15 -9.85 -20.47
C SER A 211 -26.97 -8.65 -20.92
N LEU A 212 -28.12 -8.42 -20.28
CA LEU A 212 -28.88 -7.19 -20.44
C LEU A 212 -29.84 -7.05 -19.26
N ASN A 213 -30.47 -5.86 -19.15
CA ASN A 213 -31.41 -5.58 -18.05
C ASN A 213 -32.79 -6.03 -18.48
N GLU A 214 -33.26 -7.16 -17.93
CA GLU A 214 -34.55 -7.72 -18.33
C GLU A 214 -35.71 -7.11 -17.57
N GLY A 215 -35.45 -6.14 -16.68
CA GLY A 215 -36.53 -5.37 -16.08
C GLY A 215 -37.18 -4.40 -17.04
N TYR A 216 -36.48 -4.00 -18.08
CA TYR A 216 -37.08 -3.23 -19.16
C TYR A 216 -37.86 -4.07 -20.16
N ALA A 217 -38.17 -5.34 -19.84
CA ALA A 217 -38.69 -6.24 -20.88
C ALA A 217 -40.01 -5.77 -21.47
N ARG A 218 -40.82 -5.04 -20.68
CA ARG A 218 -42.08 -4.50 -21.17
C ARG A 218 -41.88 -3.51 -22.32
N ASP A 219 -40.71 -2.88 -22.42
CA ASP A 219 -40.42 -1.90 -23.46
C ASP A 219 -39.52 -2.46 -24.56
N PHE A 220 -39.19 -3.75 -24.51
CA PHE A 220 -38.27 -4.36 -25.47
C PHE A 220 -38.73 -4.14 -26.91
N ASP A 221 -37.77 -3.93 -27.79
CA ASP A 221 -37.98 -4.16 -29.21
C ASP A 221 -38.45 -5.59 -29.42
N PRO A 222 -39.44 -5.83 -30.29
CA PRO A 222 -39.92 -7.21 -30.54
C PRO A 222 -38.82 -8.23 -30.85
N ALA A 223 -37.73 -7.82 -31.49
CA ALA A 223 -36.65 -8.73 -31.85
C ALA A 223 -35.77 -9.04 -30.65
N VAL A 224 -35.58 -8.07 -29.76
CA VAL A 224 -34.87 -8.32 -28.51
C VAL A 224 -35.59 -9.39 -27.72
N THR A 225 -36.90 -9.22 -27.56
CA THR A 225 -37.75 -10.22 -26.91
C THR A 225 -37.53 -11.61 -27.50
N GLU A 226 -37.49 -11.69 -28.84
CA GLU A 226 -37.41 -13.01 -29.46
C GLU A 226 -36.03 -13.60 -29.30
N TYR A 227 -34.98 -12.79 -29.51
CA TYR A 227 -33.62 -13.33 -29.35
C TYR A 227 -33.43 -13.89 -27.96
N ILE A 228 -33.76 -13.11 -26.93
CA ILE A 228 -33.57 -13.54 -25.55
C ILE A 228 -34.38 -14.79 -25.27
N GLN A 229 -35.62 -14.83 -25.74
CA GLN A 229 -36.48 -16.00 -25.58
C GLN A 229 -35.84 -17.24 -26.15
N ARG A 230 -35.02 -17.10 -27.19
CA ARG A 230 -34.28 -18.24 -27.74
C ARG A 230 -33.05 -18.58 -26.92
N LYS A 231 -32.51 -17.64 -26.15
CA LYS A 231 -31.41 -18.00 -25.28
C LYS A 231 -31.88 -18.84 -24.08
N LYS A 232 -33.14 -18.68 -23.67
CA LYS A 232 -33.69 -19.46 -22.56
C LYS A 232 -34.41 -20.73 -23.02
N PHE A 233 -35.09 -20.68 -24.17
CA PHE A 233 -35.85 -21.81 -24.70
C PHE A 233 -35.34 -22.18 -26.08
N PRO A 234 -34.15 -22.78 -26.18
CA PRO A 234 -33.58 -23.10 -27.50
C PRO A 234 -34.46 -24.11 -28.20
N PRO A 235 -34.82 -23.87 -29.46
CA PRO A 235 -35.64 -24.85 -30.20
C PRO A 235 -34.94 -26.18 -30.43
N ASP A 236 -33.63 -26.27 -30.23
CA ASP A 236 -32.83 -27.35 -30.79
C ASP A 236 -32.15 -28.21 -29.72
N ASN A 237 -32.70 -28.26 -28.50
CA ASN A 237 -32.19 -29.19 -27.50
C ASN A 237 -30.77 -28.82 -27.05
N SER A 238 -30.25 -27.68 -27.46
CA SER A 238 -29.03 -27.21 -26.82
C SER A 238 -29.36 -26.59 -25.45
N ALA A 239 -28.35 -26.51 -24.62
CA ALA A 239 -28.55 -25.99 -23.27
C ALA A 239 -28.83 -24.49 -23.30
N PRO A 240 -29.77 -23.98 -22.51
CA PRO A 240 -29.93 -22.53 -22.35
C PRO A 240 -28.63 -21.85 -21.97
N TYR A 241 -28.51 -20.58 -22.38
CA TYR A 241 -27.42 -19.71 -21.91
C TYR A 241 -27.66 -19.32 -20.46
N GLY A 242 -26.58 -19.02 -19.75
CA GLY A 242 -26.70 -18.35 -18.45
C GLY A 242 -26.76 -16.84 -18.59
N ALA A 243 -27.29 -16.18 -17.55
CA ALA A 243 -27.45 -14.72 -17.53
C ALA A 243 -26.57 -14.06 -16.46
N ARG A 244 -25.93 -12.93 -16.83
CA ARG A 244 -25.11 -12.10 -15.95
C ARG A 244 -25.29 -10.65 -16.35
N TYR A 245 -25.47 -9.75 -15.37
CA TYR A 245 -25.58 -8.34 -15.71
C TYR A 245 -25.22 -7.54 -14.46
N VAL A 246 -23.96 -7.13 -14.37
CA VAL A 246 -23.51 -6.45 -13.18
C VAL A 246 -24.16 -5.07 -13.05
N GLY A 247 -24.52 -4.43 -14.16
CA GLY A 247 -25.00 -3.07 -14.12
C GLY A 247 -23.94 -2.01 -14.39
N SER A 248 -22.69 -2.41 -14.58
CA SER A 248 -21.55 -1.55 -14.84
C SER A 248 -20.86 -2.05 -16.10
N MET A 249 -20.72 -1.17 -17.11
CA MET A 249 -20.39 -1.62 -18.44
C MET A 249 -19.00 -2.24 -18.54
N VAL A 250 -18.01 -1.62 -17.86
CA VAL A 250 -16.65 -2.14 -17.99
C VAL A 250 -16.57 -3.56 -17.45
N ALA A 251 -17.36 -3.88 -16.43
CA ALA A 251 -17.37 -5.24 -15.89
C ALA A 251 -18.11 -6.21 -16.80
N ASP A 252 -19.24 -5.78 -17.39
CA ASP A 252 -20.00 -6.72 -18.23
C ASP A 252 -19.28 -6.99 -19.53
N VAL A 253 -18.60 -5.97 -20.09
CA VAL A 253 -17.84 -6.12 -21.32
C VAL A 253 -16.57 -6.94 -21.08
N HIS A 254 -15.84 -6.65 -20.00
CA HIS A 254 -14.64 -7.43 -19.74
C HIS A 254 -14.97 -8.91 -19.55
N ARG A 255 -16.09 -9.21 -18.88
CA ARG A 255 -16.50 -10.62 -18.76
C ARG A 255 -16.77 -11.25 -20.12
N THR A 256 -17.32 -10.45 -21.05
CA THR A 256 -17.66 -10.97 -22.36
C THR A 256 -16.38 -11.21 -23.18
N LEU A 257 -15.37 -10.37 -22.95
CA LEU A 257 -14.08 -10.59 -23.58
C LEU A 257 -13.50 -11.91 -23.11
N VAL A 258 -13.53 -12.13 -21.80
CA VAL A 258 -12.81 -13.26 -21.24
C VAL A 258 -13.56 -14.56 -21.45
N TYR A 259 -14.89 -14.56 -21.25
CA TYR A 259 -15.69 -15.77 -21.29
C TYR A 259 -16.48 -15.96 -22.57
N GLY A 260 -16.69 -14.90 -23.35
CA GLY A 260 -17.50 -15.02 -24.56
C GLY A 260 -18.96 -14.75 -24.29
N GLY A 261 -19.73 -14.67 -25.37
CA GLY A 261 -21.13 -14.30 -25.23
C GLY A 261 -21.51 -13.00 -25.90
N ILE A 262 -22.58 -12.38 -25.41
CA ILE A 262 -23.16 -11.20 -26.05
C ILE A 262 -23.57 -10.22 -24.96
N PHE A 263 -23.43 -8.92 -25.25
CA PHE A 263 -23.84 -7.84 -24.36
C PHE A 263 -24.73 -6.88 -25.15
N LEU A 264 -25.83 -6.45 -24.52
CA LEU A 264 -26.87 -5.67 -25.18
C LEU A 264 -27.27 -4.47 -24.32
N TYR A 265 -27.20 -3.26 -24.91
CA TYR A 265 -27.95 -2.10 -24.46
C TYR A 265 -28.61 -1.49 -25.68
N PRO A 266 -29.74 -2.06 -26.13
CA PRO A 266 -30.22 -1.77 -27.49
C PRO A 266 -31.29 -0.70 -27.51
N ALA A 267 -31.73 -0.31 -28.71
CA ALA A 267 -32.80 0.68 -28.88
C ALA A 267 -34.13 0.12 -28.42
N LYS A 269 -40.35 2.69 -29.38
CA LYS A 269 -39.81 1.89 -28.28
C LYS A 269 -39.25 2.75 -27.14
N LYS A 270 -39.58 4.05 -27.15
CA LYS A 270 -38.81 5.04 -26.40
C LYS A 270 -37.34 4.89 -26.81
N SER A 271 -36.41 5.48 -26.06
CA SER A 271 -34.97 5.40 -26.32
C SER A 271 -34.53 4.91 -27.71
N PRO A 272 -34.92 5.60 -28.79
CA PRO A 272 -34.58 5.07 -30.13
C PRO A 272 -33.10 5.02 -30.41
N ASN A 273 -32.27 5.66 -29.57
CA ASN A 273 -30.82 5.63 -29.75
C ASN A 273 -30.12 4.86 -28.64
N GLY A 274 -30.85 4.09 -27.83
CA GLY A 274 -30.10 3.46 -26.76
C GLY A 274 -29.93 4.47 -25.63
N LYS A 275 -29.13 4.09 -24.64
CA LYS A 275 -28.84 4.93 -23.48
C LYS A 275 -27.36 5.23 -23.32
N LEU A 276 -26.49 4.35 -23.79
CA LEU A 276 -25.06 4.52 -23.63
C LEU A 276 -24.55 5.55 -24.64
N ARG A 277 -23.42 6.16 -24.31
CA ARG A 277 -22.88 7.27 -25.09
C ARG A 277 -21.85 6.77 -26.08
N LEU A 278 -21.90 7.31 -27.30
CA LEU A 278 -21.12 6.80 -28.41
C LEU A 278 -19.62 7.09 -28.23
N LEU A 279 -19.26 8.29 -27.79
CA LEU A 279 -17.87 8.74 -27.93
C LEU A 279 -16.96 8.07 -26.93
N TYR A 280 -17.42 7.87 -25.70
CA TYR A 280 -16.57 7.43 -24.60
C TYR A 280 -17.14 6.22 -23.85
N GLU A 281 -18.06 5.47 -24.45
CA GLU A 281 -18.47 4.15 -23.98
C GLU A 281 -18.60 3.17 -25.16
N CYS A 282 -19.47 3.45 -26.12
CA CYS A 282 -19.75 2.47 -27.17
C CYS A 282 -18.56 2.29 -28.11
N ASN A 283 -17.95 3.40 -28.58
CA ASN A 283 -16.84 3.26 -29.52
C ASN A 283 -15.62 2.58 -28.90
N PRO A 284 -15.09 2.98 -27.73
CA PRO A 284 -13.96 2.22 -27.15
C PRO A 284 -14.25 0.72 -26.98
N MET A 285 -15.43 0.34 -26.50
CA MET A 285 -15.71 -1.08 -26.32
C MET A 285 -15.86 -1.78 -27.67
N ALA A 286 -16.48 -1.09 -28.64
CA ALA A 286 -16.61 -1.66 -29.98
C ALA A 286 -15.24 -1.88 -30.59
N TYR A 287 -14.28 -1.04 -30.23
CA TYR A 287 -12.94 -1.14 -30.79
C TYR A 287 -12.13 -2.26 -30.12
N VAL A 288 -12.22 -2.36 -28.79
CA VAL A 288 -11.65 -3.53 -28.11
C VAL A 288 -12.20 -4.80 -28.75
N MET A 289 -13.52 -4.84 -28.96
CA MET A 289 -14.17 -6.05 -29.44
C MET A 289 -13.63 -6.46 -30.80
N GLU A 290 -13.52 -5.50 -31.73
CA GLU A 290 -13.16 -5.84 -33.11
C GLU A 290 -11.70 -6.23 -33.21
N LYS A 291 -10.83 -5.59 -32.41
CA LYS A 291 -9.43 -5.97 -32.43
C LYS A 291 -9.20 -7.34 -31.79
N ALA A 292 -10.17 -7.83 -31.01
CA ALA A 292 -10.13 -9.16 -30.40
C ALA A 292 -10.84 -10.23 -31.23
N GLY A 293 -11.30 -9.90 -32.44
CA GLY A 293 -12.03 -10.88 -33.26
C GLY A 293 -13.53 -10.95 -33.00
N GLY A 294 -14.11 -9.90 -32.40
CA GLY A 294 -15.51 -9.87 -32.08
C GLY A 294 -16.22 -8.82 -32.89
N MET A 295 -17.49 -8.62 -32.57
CA MET A 295 -18.32 -7.71 -33.36
C MET A 295 -18.97 -6.68 -32.45
N ALA A 296 -19.53 -5.64 -33.08
CA ALA A 296 -20.32 -4.66 -32.35
C ALA A 296 -21.21 -3.92 -33.33
N THR A 297 -22.51 -4.01 -33.12
CA THR A 297 -23.51 -3.39 -33.98
C THR A 297 -24.40 -2.45 -33.18
N THR A 298 -25.00 -1.50 -33.89
CA THR A 298 -26.17 -0.79 -33.41
C THR A 298 -27.45 -1.57 -33.69
N GLY A 299 -27.36 -2.68 -34.42
CA GLY A 299 -28.52 -3.29 -35.01
C GLY A 299 -28.73 -2.90 -36.46
N LYS A 300 -28.34 -1.68 -36.84
CA LYS A 300 -28.45 -1.22 -38.22
C LYS A 300 -27.10 -1.02 -38.90
N GLU A 301 -26.04 -0.73 -38.15
CA GLU A 301 -24.70 -0.66 -38.71
C GLU A 301 -23.69 -0.95 -37.61
N ALA A 302 -22.44 -1.11 -38.03
CA ALA A 302 -21.33 -1.26 -37.09
C ALA A 302 -21.19 0.01 -36.25
N VAL A 303 -21.02 -0.18 -34.92
CA VAL A 303 -20.89 0.95 -34.00
C VAL A 303 -19.79 1.88 -34.45
N LEU A 304 -18.66 1.31 -34.92
CA LEU A 304 -17.50 2.08 -35.35
C LEU A 304 -17.76 2.90 -36.61
N ASP A 305 -18.84 2.64 -37.38
CA ASP A 305 -19.12 3.37 -38.63
C ASP A 305 -20.11 4.53 -38.45
N VAL A 306 -20.70 4.69 -37.27
CA VAL A 306 -21.53 5.86 -37.00
C VAL A 306 -20.67 7.12 -37.02
N ILE A 307 -21.14 8.14 -37.72
CA ILE A 307 -20.47 9.45 -37.72
C ILE A 307 -21.21 10.34 -36.71
N PRO A 308 -20.58 10.73 -35.61
CA PRO A 308 -21.31 11.51 -34.61
C PRO A 308 -21.53 12.95 -35.05
N THR A 309 -22.63 13.52 -34.56
CA THR A 309 -22.89 14.94 -34.72
C THR A 309 -22.89 15.71 -33.41
N ASP A 310 -22.90 15.03 -32.26
CA ASP A 310 -22.90 15.65 -30.93
C ASP A 310 -21.99 14.85 -29.99
N ILE A 311 -21.26 15.53 -29.11
CA ILE A 311 -20.24 14.81 -28.35
C ILE A 311 -20.90 13.91 -27.27
N HIS A 312 -22.10 14.26 -26.79
CA HIS A 312 -22.80 13.39 -25.85
C HIS A 312 -23.92 12.56 -26.50
N GLN A 313 -23.96 12.44 -27.83
CA GLN A 313 -25.02 11.67 -28.46
C GLN A 313 -24.98 10.20 -28.03
N ARG A 314 -26.14 9.55 -28.09
CA ARG A 314 -26.25 8.16 -27.68
C ARG A 314 -26.13 7.24 -28.88
N ALA A 315 -25.90 5.95 -28.59
CA ALA A 315 -25.97 4.89 -29.59
C ALA A 315 -26.44 3.59 -28.94
N PRO A 316 -27.27 2.81 -29.63
CA PRO A 316 -27.54 1.44 -29.18
C PRO A 316 -26.32 0.58 -29.45
N VAL A 317 -26.08 -0.41 -28.59
CA VAL A 317 -24.89 -1.23 -28.73
C VAL A 317 -25.22 -2.69 -28.45
N ILE A 318 -24.70 -3.58 -29.28
CA ILE A 318 -24.79 -5.04 -29.14
C ILE A 318 -23.42 -5.57 -29.55
N LEU A 319 -22.71 -6.21 -28.62
CA LEU A 319 -21.35 -6.67 -28.88
C LEU A 319 -21.08 -8.02 -28.21
N GLY A 320 -19.94 -8.61 -28.60
CA GLY A 320 -19.52 -9.92 -28.11
C GLY A 320 -18.94 -10.89 -29.13
N SER A 321 -19.14 -12.18 -28.88
CA SER A 321 -18.66 -13.21 -29.80
C SER A 321 -19.35 -13.06 -31.16
N PRO A 322 -18.67 -13.34 -32.28
CA PRO A 322 -19.28 -13.02 -33.58
C PRO A 322 -20.45 -13.93 -33.95
N ASP A 323 -20.46 -15.20 -33.55
CA ASP A 323 -21.61 -16.04 -33.85
C ASP A 323 -22.84 -15.56 -33.11
N ASP A 324 -22.67 -14.97 -31.94
CA ASP A 324 -23.81 -14.49 -31.16
C ASP A 324 -24.34 -13.18 -31.73
N VAL A 325 -23.46 -12.23 -32.06
CA VAL A 325 -23.93 -10.99 -32.67
C VAL A 325 -24.62 -11.27 -33.99
N LEU A 326 -23.98 -12.08 -34.86
CA LEU A 326 -24.59 -12.38 -36.16
C LEU A 326 -25.99 -12.96 -35.98
N GLU A 327 -26.16 -13.77 -34.93
CA GLU A 327 -27.47 -14.37 -34.66
C GLU A 327 -28.46 -13.28 -34.25
N PHE A 328 -28.07 -12.37 -33.37
CA PHE A 328 -28.97 -11.29 -33.03
C PHE A 328 -29.41 -10.55 -34.30
N LEU A 329 -28.47 -10.26 -35.21
CA LEU A 329 -28.79 -9.54 -36.44
C LEU A 329 -29.75 -10.33 -37.33
N LYS A 330 -29.56 -11.65 -37.44
CA LYS A 330 -30.56 -12.53 -38.07
C LYS A 330 -31.95 -12.20 -37.54
N VAL A 331 -32.14 -12.23 -36.22
CA VAL A 331 -33.46 -12.00 -35.63
C VAL A 331 -33.85 -10.54 -35.75
N TYR A 332 -32.90 -9.63 -35.60
CA TYR A 332 -33.22 -8.22 -35.80
C TYR A 332 -33.80 -7.98 -37.19
N GLU A 333 -33.22 -8.60 -38.21
CA GLU A 333 -33.65 -8.29 -39.58
C GLU A 333 -34.99 -8.91 -39.90
N LYS A 334 -35.34 -10.01 -39.23
CA LYS A 334 -36.65 -10.64 -39.36
C LYS A 334 -37.76 -9.72 -38.87
N HIS A 335 -37.43 -8.69 -38.10
CA HIS A 335 -38.42 -7.75 -37.58
C HIS A 335 -38.34 -6.38 -38.24
N SER A 336 -37.39 -6.15 -39.13
CA SER A 336 -37.23 -4.81 -39.70
C SER A 336 -37.95 -4.63 -41.05
N ALA A 337 -38.68 -3.53 -41.15
N ASP B 10 -17.24 10.69 16.37
CA ASP B 10 -16.00 10.16 16.96
C ASP B 10 -15.65 8.79 16.38
N VAL B 11 -14.39 8.65 15.91
CA VAL B 11 -14.05 7.55 15.02
C VAL B 11 -14.06 6.22 15.77
N ASN B 12 -14.47 5.17 15.09
CA ASN B 12 -14.52 3.83 15.65
C ASN B 12 -13.95 2.84 14.65
N THR B 13 -13.32 1.79 15.17
CA THR B 13 -12.67 0.74 14.42
C THR B 13 -13.19 -0.59 14.94
N LEU B 14 -13.09 -1.66 14.12
CA LEU B 14 -13.74 -2.92 14.44
C LEU B 14 -13.22 -3.48 15.76
N THR B 15 -11.89 -3.51 15.91
CA THR B 15 -11.28 -3.93 17.17
C THR B 15 -11.91 -3.23 18.36
N ARG B 16 -12.07 -1.92 18.28
CA ARG B 16 -12.61 -1.17 19.40
C ARG B 16 -14.10 -1.44 19.58
N PHE B 17 -14.82 -1.60 18.47
CA PHE B 17 -16.26 -1.81 18.58
C PHE B 17 -16.57 -3.16 19.21
N VAL B 18 -15.80 -4.18 18.84
CA VAL B 18 -16.08 -5.52 19.34
C VAL B 18 -15.55 -5.67 20.76
N MET B 19 -14.44 -5.00 21.08
CA MET B 19 -13.94 -5.04 22.44
C MET B 19 -14.89 -4.39 23.42
N GLU B 20 -15.55 -3.31 23.00
CA GLU B 20 -16.48 -2.61 23.88
C GLU B 20 -17.73 -3.46 24.13
N GLU B 21 -18.30 -4.04 23.07
CA GLU B 21 -19.50 -4.86 23.21
C GLU B 21 -19.27 -6.01 24.18
N GLY B 22 -18.05 -6.54 24.21
CA GLY B 22 -17.72 -7.66 25.05
C GLY B 22 -17.44 -7.26 26.48
N ARG B 23 -16.79 -6.09 26.64
CA ARG B 23 -16.49 -5.57 27.97
C ARG B 23 -17.76 -5.40 28.80
N LYS B 24 -18.75 -4.70 28.25
CA LYS B 24 -19.98 -4.56 29.03
C LYS B 24 -20.85 -5.82 28.98
N ALA B 25 -20.52 -6.79 28.13
CA ALA B 25 -21.11 -8.11 28.27
C ALA B 25 -20.38 -8.97 29.29
N ARG B 26 -19.35 -8.44 29.94
CA ARG B 26 -18.48 -9.17 30.88
C ARG B 26 -18.17 -10.60 30.43
N GLY B 27 -17.77 -10.75 29.18
CA GLY B 27 -17.43 -12.05 28.64
C GLY B 27 -15.98 -12.44 28.90
N THR B 28 -15.52 -13.45 28.15
CA THR B 28 -14.24 -14.09 28.42
C THR B 28 -13.12 -13.71 27.46
N GLY B 29 -13.42 -12.92 26.42
CA GLY B 29 -12.44 -12.55 25.43
C GLY B 29 -12.33 -13.45 24.22
N GLU B 30 -12.88 -14.68 24.29
CA GLU B 30 -12.68 -15.68 23.24
C GLU B 30 -13.20 -15.20 21.89
N LEU B 31 -14.38 -14.60 21.88
CA LEU B 31 -15.00 -14.19 20.62
C LEU B 31 -14.23 -13.02 20.01
N THR B 32 -13.91 -12.02 20.84
CA THR B 32 -13.02 -10.95 20.40
C THR B 32 -11.74 -11.52 19.82
N GLN B 33 -11.18 -12.56 20.45
CA GLN B 33 -9.97 -13.13 19.86
C GLN B 33 -10.30 -13.82 18.54
N LEU B 34 -11.49 -14.42 18.42
CA LEU B 34 -11.90 -15.02 17.16
C LEU B 34 -12.04 -13.96 16.07
N LEU B 35 -12.85 -12.93 16.31
CA LEU B 35 -13.10 -11.93 15.29
C LEU B 35 -11.81 -11.20 14.88
N ASN B 36 -10.86 -10.99 15.81
CA ASN B 36 -9.61 -10.33 15.46
C ASN B 36 -8.78 -11.20 14.52
N SER B 37 -8.67 -12.50 14.86
CA SER B 37 -8.02 -13.45 13.96
C SER B 37 -8.63 -13.39 12.56
N LEU B 38 -9.95 -13.36 12.48
CA LEU B 38 -10.61 -13.34 11.19
C LEU B 38 -10.29 -12.05 10.44
N CYS B 39 -10.14 -10.93 11.17
CA CYS B 39 -9.82 -9.65 10.53
C CYS B 39 -8.43 -9.65 9.93
N THR B 40 -7.48 -10.27 10.62
CA THR B 40 -6.14 -10.39 10.04
C THR B 40 -6.20 -11.21 8.76
N ALA B 41 -6.81 -12.39 8.82
CA ALA B 41 -6.95 -13.22 7.62
C ALA B 41 -7.58 -12.41 6.50
N VAL B 42 -8.67 -11.70 6.80
CA VAL B 42 -9.42 -10.99 5.78
C VAL B 42 -8.53 -9.98 5.07
N LYS B 43 -7.80 -9.17 5.84
CA LYS B 43 -6.91 -8.18 5.23
C LYS B 43 -5.78 -8.84 4.46
N ALA B 44 -5.35 -10.03 4.88
CA ALA B 44 -4.34 -10.72 4.10
C ALA B 44 -4.93 -11.25 2.81
N ILE B 45 -6.19 -11.67 2.83
CA ILE B 45 -6.87 -12.08 1.59
C ILE B 45 -7.06 -10.89 0.66
N SER B 46 -7.49 -9.74 1.20
CA SER B 46 -7.74 -8.57 0.36
C SER B 46 -6.48 -8.18 -0.40
N SER B 47 -5.33 -8.21 0.28
CA SER B 47 -4.06 -7.94 -0.34
C SER B 47 -3.80 -8.89 -1.51
N ALA B 48 -4.01 -10.19 -1.28
CA ALA B 48 -3.73 -11.13 -2.36
C ALA B 48 -4.73 -11.01 -3.50
N VAL B 49 -5.97 -10.61 -3.22
CA VAL B 49 -6.97 -10.57 -4.29
C VAL B 49 -6.71 -9.38 -5.21
N ARG B 50 -6.24 -8.26 -4.64
CA ARG B 50 -5.82 -7.11 -5.44
C ARG B 50 -4.43 -7.29 -6.05
N LYS B 51 -3.74 -8.41 -5.79
CA LYS B 51 -2.56 -8.87 -6.56
C LYS B 51 -1.27 -8.14 -6.18
N ALA B 52 -1.09 -7.83 -4.89
CA ALA B 52 -0.01 -6.95 -4.48
C ALA B 52 1.39 -7.54 -4.69
N GLY B 53 1.56 -8.83 -4.89
CA GLY B 53 2.93 -9.18 -5.23
C GLY B 53 3.04 -9.85 -6.59
N ILE B 54 2.05 -9.65 -7.44
CA ILE B 54 1.94 -10.48 -8.65
C ILE B 54 3.18 -10.40 -9.53
N ALA B 55 3.96 -9.30 -9.46
CA ALA B 55 5.10 -9.16 -10.39
C ALA B 55 6.17 -10.20 -10.11
N HIS B 56 6.40 -10.53 -8.84
CA HIS B 56 7.32 -11.62 -8.54
C HIS B 56 6.88 -12.93 -9.22
N LEU B 57 5.58 -13.13 -9.36
CA LEU B 57 5.08 -14.32 -10.04
C LEU B 57 5.40 -14.30 -11.52
N TYR B 58 5.58 -13.12 -12.12
CA TYR B 58 5.96 -13.03 -13.52
C TYR B 58 7.45 -12.75 -13.69
N GLY B 59 8.26 -13.09 -12.68
CA GLY B 59 9.70 -13.15 -12.83
C GLY B 59 10.47 -11.89 -12.49
N ILE B 60 9.88 -10.92 -11.80
CA ILE B 60 10.59 -9.65 -11.60
C ILE B 60 11.97 -9.87 -10.96
N ALA B 61 12.12 -10.89 -10.13
CA ALA B 61 13.41 -11.16 -9.50
C ALA B 61 14.16 -12.32 -10.12
N GLY B 62 13.68 -12.86 -11.25
CA GLY B 62 14.41 -13.88 -11.99
C GLY B 62 13.81 -15.28 -11.98
N SER B 63 12.68 -15.50 -11.30
CA SER B 63 12.07 -16.84 -11.26
C SER B 63 10.65 -16.79 -10.73
N LYS B 73 -5.11 -21.12 -7.01
CA LYS B 73 -4.31 -21.07 -5.81
C LYS B 73 -4.77 -19.97 -4.86
N LEU B 74 -5.39 -18.91 -5.40
CA LEU B 74 -5.98 -17.90 -4.53
C LEU B 74 -7.08 -18.51 -3.66
N ASP B 75 -7.73 -19.56 -4.15
CA ASP B 75 -8.64 -20.33 -3.31
C ASP B 75 -7.91 -20.94 -2.14
N VAL B 76 -6.81 -21.63 -2.41
CA VAL B 76 -6.13 -22.40 -1.38
C VAL B 76 -5.52 -21.46 -0.34
N LEU B 77 -4.89 -20.36 -0.79
CA LEU B 77 -4.29 -19.42 0.16
C LEU B 77 -5.34 -18.85 1.09
N SER B 78 -6.46 -18.38 0.54
CA SER B 78 -7.55 -17.83 1.33
C SER B 78 -8.01 -18.82 2.40
N ASN B 79 -8.09 -20.12 2.04
CA ASN B 79 -8.51 -21.14 3.00
C ASN B 79 -7.45 -21.34 4.08
N ASP B 80 -6.18 -21.45 3.67
CA ASP B 80 -5.07 -21.53 4.61
C ASP B 80 -5.07 -20.34 5.57
N LEU B 81 -5.29 -19.13 5.06
CA LEU B 81 -5.25 -17.94 5.93
C LEU B 81 -6.36 -17.98 6.97
N VAL B 82 -7.58 -18.37 6.55
CA VAL B 82 -8.68 -18.46 7.51
C VAL B 82 -8.40 -19.58 8.52
N MET B 83 -8.08 -20.77 8.01
CA MET B 83 -7.87 -21.94 8.86
C MET B 83 -6.75 -21.68 9.88
N ASN B 84 -5.62 -21.09 9.46
CA ASN B 84 -4.50 -20.91 10.39
C ASN B 84 -4.82 -19.83 11.41
N MET B 85 -5.43 -18.73 10.97
CA MET B 85 -5.71 -17.65 11.90
C MET B 85 -6.79 -18.06 12.90
N LEU B 86 -7.76 -18.89 12.46
CA LEU B 86 -8.79 -19.34 13.39
C LEU B 86 -8.21 -20.29 14.43
N LYS B 87 -7.45 -21.29 13.98
CA LYS B 87 -6.69 -22.13 14.91
C LYS B 87 -5.83 -21.28 15.85
N SER B 88 -5.03 -20.38 15.29
CA SER B 88 -4.24 -19.42 16.06
C SER B 88 -5.01 -18.77 17.21
N SER B 89 -6.34 -18.66 17.12
CA SER B 89 -7.09 -17.80 18.03
C SER B 89 -7.38 -18.43 19.40
N PHE B 90 -7.18 -19.75 19.56
CA PHE B 90 -7.52 -20.47 20.79
C PHE B 90 -9.01 -20.38 21.13
N ALA B 91 -9.85 -20.07 20.13
CA ALA B 91 -11.28 -19.89 20.38
C ALA B 91 -12.20 -20.83 19.61
N THR B 92 -11.70 -21.81 18.86
CA THR B 92 -12.55 -22.67 18.03
C THR B 92 -12.23 -24.13 18.26
N CYS B 93 -13.18 -25.02 17.90
CA CYS B 93 -12.90 -26.45 18.03
C CYS B 93 -13.22 -27.20 16.74
N VAL B 94 -14.20 -26.71 15.98
CA VAL B 94 -14.59 -27.34 14.73
C VAL B 94 -14.65 -26.27 13.64
N LEU B 95 -13.95 -26.51 12.53
CA LEU B 95 -13.96 -25.57 11.40
C LEU B 95 -14.57 -26.26 10.18
N VAL B 96 -15.51 -25.59 9.52
CA VAL B 96 -16.10 -26.10 8.28
C VAL B 96 -15.86 -25.09 7.18
N SER B 97 -15.21 -25.54 6.10
CA SER B 97 -14.82 -24.68 5.00
C SER B 97 -15.29 -25.29 3.69
N GLU B 98 -15.74 -24.42 2.78
CA GLU B 98 -16.06 -24.85 1.42
C GLU B 98 -14.94 -25.69 0.81
N GLU B 99 -13.70 -25.48 1.27
CA GLU B 99 -12.53 -26.07 0.63
C GLU B 99 -12.25 -27.50 1.05
N ASP B 100 -12.79 -27.95 2.17
CA ASP B 100 -12.43 -29.22 2.80
C ASP B 100 -13.63 -30.15 2.82
N LYS B 101 -13.42 -31.39 2.36
CA LYS B 101 -14.54 -32.33 2.24
C LYS B 101 -15.18 -32.60 3.58
N HIS B 102 -14.37 -32.74 4.62
CA HIS B 102 -14.84 -33.08 5.95
C HIS B 102 -14.52 -31.95 6.91
N ALA B 103 -15.09 -32.05 8.12
CA ALA B 103 -14.88 -31.01 9.11
C ALA B 103 -13.48 -31.14 9.64
N ILE B 104 -12.85 -29.99 9.90
CA ILE B 104 -11.54 -29.94 10.53
C ILE B 104 -11.76 -29.90 12.03
N ILE B 105 -11.03 -30.72 12.78
CA ILE B 105 -11.09 -30.71 14.24
C ILE B 105 -9.84 -30.04 14.78
N VAL B 106 -10.01 -28.93 15.49
CA VAL B 106 -8.87 -28.24 16.09
C VAL B 106 -8.19 -29.13 17.11
N GLU B 107 -6.86 -29.06 17.16
CA GLU B 107 -6.08 -29.89 18.07
C GLU B 107 -6.36 -29.50 19.52
N PRO B 108 -6.24 -30.48 20.46
CA PRO B 108 -6.62 -30.22 21.87
C PRO B 108 -6.06 -28.95 22.48
N GLU B 109 -4.80 -28.63 22.25
CA GLU B 109 -4.16 -27.54 22.96
C GLU B 109 -4.63 -26.16 22.52
N LYS B 110 -5.27 -26.07 21.34
CA LYS B 110 -5.72 -24.79 20.84
C LYS B 110 -7.25 -24.63 20.87
N ARG B 111 -7.97 -25.58 21.47
CA ARG B 111 -9.43 -25.63 21.37
C ARG B 111 -10.12 -24.56 22.22
N GLY B 112 -11.01 -23.80 21.58
CA GLY B 112 -11.99 -23.00 22.28
C GLY B 112 -13.39 -23.53 22.08
N LYS B 113 -14.38 -22.67 22.34
CA LYS B 113 -15.77 -23.09 22.43
C LYS B 113 -16.60 -22.78 21.17
N TYR B 114 -16.01 -22.26 20.11
CA TYR B 114 -16.78 -21.85 18.94
C TYR B 114 -16.57 -22.81 17.77
N VAL B 115 -17.64 -23.01 17.00
CA VAL B 115 -17.64 -23.72 15.73
C VAL B 115 -17.81 -22.65 14.65
N VAL B 116 -17.04 -22.76 13.57
CA VAL B 116 -17.04 -21.73 12.51
C VAL B 116 -17.25 -22.38 11.15
N CYS B 117 -18.21 -21.87 10.38
CA CYS B 117 -18.51 -22.31 9.03
C CYS B 117 -18.19 -21.17 8.06
N PHE B 118 -17.38 -21.42 7.03
CA PHE B 118 -17.04 -20.29 6.16
C PHE B 118 -16.74 -20.74 4.74
N ASP B 119 -16.95 -19.82 3.79
CA ASP B 119 -16.46 -19.94 2.41
C ASP B 119 -15.31 -18.94 2.22
N PRO B 120 -14.04 -19.37 2.23
CA PRO B 120 -12.95 -18.39 2.32
C PRO B 120 -12.87 -17.41 1.16
N LEU B 121 -13.42 -17.75 -0.02
CA LEU B 121 -13.33 -16.89 -1.23
C LEU B 121 -14.51 -17.27 -2.12
N ASP B 122 -15.70 -16.91 -1.67
CA ASP B 122 -16.92 -17.13 -2.42
C ASP B 122 -16.87 -16.39 -3.74
N GLY B 123 -17.36 -17.05 -4.80
CA GLY B 123 -17.37 -16.47 -6.13
C GLY B 123 -16.08 -16.65 -6.88
N SER B 124 -15.05 -17.26 -6.27
CA SER B 124 -13.77 -17.46 -6.94
C SER B 124 -13.89 -18.24 -8.25
N SER B 125 -15.05 -18.83 -8.56
CA SER B 125 -15.25 -19.47 -9.86
C SER B 125 -14.84 -18.54 -10.99
N ASN B 126 -15.16 -17.25 -10.87
CA ASN B 126 -15.03 -16.28 -11.95
C ASN B 126 -14.06 -15.16 -11.60
N ILE B 127 -13.02 -15.48 -10.82
CA ILE B 127 -11.89 -14.58 -10.59
C ILE B 127 -11.17 -14.28 -11.91
N ASP B 128 -11.41 -15.11 -12.94
CA ASP B 128 -10.80 -14.88 -14.25
C ASP B 128 -11.29 -13.58 -14.87
N CYS B 129 -12.58 -13.29 -14.75
CA CYS B 129 -13.04 -12.03 -15.29
C CYS B 129 -13.02 -10.91 -14.25
N LEU B 130 -12.39 -11.14 -13.10
CA LEU B 130 -12.17 -10.12 -12.06
C LEU B 130 -13.48 -9.66 -11.41
N VAL B 131 -14.50 -10.54 -11.43
CA VAL B 131 -15.75 -10.29 -10.70
C VAL B 131 -15.48 -10.18 -9.18
N SER B 132 -16.36 -9.42 -8.49
CA SER B 132 -16.35 -9.37 -7.03
C SER B 132 -16.33 -10.76 -6.40
N VAL B 133 -15.53 -10.90 -5.34
CA VAL B 133 -15.45 -12.12 -4.55
C VAL B 133 -15.52 -11.73 -3.07
N GLY B 134 -15.78 -12.72 -2.21
CA GLY B 134 -15.87 -12.40 -0.80
C GLY B 134 -15.69 -13.59 0.12
N THR B 135 -15.49 -13.30 1.41
CA THR B 135 -15.43 -14.32 2.46
C THR B 135 -16.72 -14.28 3.24
N ILE B 136 -17.33 -15.43 3.50
CA ILE B 136 -18.57 -15.49 4.25
C ILE B 136 -18.32 -16.39 5.45
N PHE B 137 -18.81 -15.98 6.62
CA PHE B 137 -18.55 -16.75 7.83
C PHE B 137 -19.80 -16.80 8.68
N GLY B 138 -19.86 -17.80 9.56
CA GLY B 138 -20.92 -17.94 10.54
C GLY B 138 -20.34 -18.65 11.75
N ILE B 139 -20.61 -18.12 12.96
CA ILE B 139 -19.98 -18.55 14.20
C ILE B 139 -21.04 -19.12 15.14
N TYR B 140 -20.80 -20.32 15.67
CA TYR B 140 -21.70 -20.96 16.64
C TYR B 140 -20.97 -21.29 17.94
N ARG B 141 -21.63 -21.10 19.06
CA ARG B 141 -21.18 -21.75 20.30
C ARG B 141 -21.38 -23.25 20.11
N LYS B 142 -20.33 -24.05 20.31
CA LYS B 142 -20.49 -25.49 20.39
C LYS B 142 -21.56 -25.82 21.43
N LYS B 143 -22.54 -26.64 21.05
CA LYS B 143 -23.70 -26.90 21.90
C LYS B 143 -23.61 -28.22 22.65
N SER B 144 -23.15 -29.27 21.98
CA SER B 144 -22.98 -30.57 22.62
C SER B 144 -21.74 -30.60 23.51
N THR B 145 -21.80 -31.45 24.55
CA THR B 145 -20.66 -31.72 25.44
C THR B 145 -19.82 -32.92 25.00
N ASP B 146 -20.05 -33.45 23.80
CA ASP B 146 -19.26 -34.56 23.28
C ASP B 146 -17.89 -34.10 22.76
N GLU B 147 -17.02 -35.08 22.52
CA GLU B 147 -15.78 -34.83 21.79
C GLU B 147 -16.10 -34.07 20.49
N PRO B 148 -15.36 -33.03 20.15
CA PRO B 148 -15.76 -32.19 19.00
C PRO B 148 -15.76 -32.98 17.70
N SER B 149 -16.79 -32.78 16.90
CA SER B 149 -16.95 -33.55 15.67
C SER B 149 -17.80 -32.76 14.69
N GLU B 150 -17.86 -33.26 13.46
CA GLU B 150 -18.65 -32.64 12.40
C GLU B 150 -20.07 -32.27 12.85
N LYS B 151 -20.66 -33.06 13.77
CA LYS B 151 -22.04 -32.83 14.22
C LYS B 151 -22.18 -31.50 14.93
N ASP B 152 -21.08 -30.95 15.46
CA ASP B 152 -21.15 -29.66 16.12
C ASP B 152 -21.47 -28.55 15.14
N ALA B 153 -21.24 -28.77 13.84
CA ALA B 153 -21.54 -27.79 12.82
C ALA B 153 -22.87 -28.04 12.11
N LEU B 154 -23.68 -28.97 12.60
CA LEU B 154 -25.00 -29.22 12.01
C LEU B 154 -26.10 -28.60 12.86
N GLN B 155 -25.93 -27.30 13.25
CA GLN B 155 -26.95 -26.59 14.01
C GLN B 155 -27.79 -25.70 13.10
N PRO B 156 -29.04 -25.41 13.46
CA PRO B 156 -29.85 -24.50 12.65
C PRO B 156 -29.34 -23.06 12.73
N GLY B 157 -29.50 -22.34 11.62
CA GLY B 157 -28.98 -20.98 11.54
C GLY B 157 -29.46 -20.07 12.65
N ARG B 158 -30.57 -20.41 13.30
CA ARG B 158 -31.04 -19.51 14.35
C ARG B 158 -30.21 -19.61 15.61
N ASN B 159 -29.25 -20.54 15.68
CA ASN B 159 -28.35 -20.66 16.83
C ASN B 159 -27.07 -19.85 16.69
N LEU B 160 -26.92 -19.05 15.62
CA LEU B 160 -25.70 -18.29 15.42
C LEU B 160 -25.50 -17.22 16.52
N VAL B 161 -24.25 -17.02 16.93
CA VAL B 161 -23.98 -15.84 17.74
C VAL B 161 -23.47 -14.68 16.90
N ALA B 162 -22.88 -14.96 15.74
CA ALA B 162 -22.32 -13.93 14.87
C ALA B 162 -22.19 -14.46 13.45
N ALA B 163 -22.34 -13.56 12.47
CA ALA B 163 -22.21 -13.93 11.07
C ALA B 163 -22.00 -12.68 10.22
N GLY B 164 -21.48 -12.89 9.03
CA GLY B 164 -21.31 -11.80 8.09
C GLY B 164 -20.33 -12.19 6.99
N TYR B 165 -19.81 -11.16 6.33
CA TYR B 165 -19.01 -11.37 5.13
C TYR B 165 -18.05 -10.22 4.93
N ALA B 166 -16.88 -10.54 4.37
CA ALA B 166 -15.98 -9.57 3.76
C ALA B 166 -16.15 -9.57 2.24
N LEU B 167 -16.43 -8.40 1.67
CA LEU B 167 -16.63 -8.22 0.24
C LEU B 167 -15.41 -7.53 -0.36
N TYR B 168 -14.76 -8.19 -1.33
CA TYR B 168 -13.70 -7.55 -2.11
C TYR B 168 -14.29 -7.04 -3.42
N GLY B 169 -14.85 -5.83 -3.36
CA GLY B 169 -15.45 -5.20 -4.53
C GLY B 169 -14.62 -4.03 -5.00
N SER B 170 -15.26 -2.89 -5.35
CA SER B 170 -14.48 -1.70 -5.69
C SER B 170 -13.61 -1.29 -4.51
N ALA B 171 -14.14 -1.46 -3.30
CA ALA B 171 -13.38 -1.35 -2.07
C ALA B 171 -13.68 -2.60 -1.27
N THR B 172 -12.94 -2.76 -0.16
CA THR B 172 -13.09 -3.94 0.68
C THR B 172 -13.88 -3.56 1.92
N MET B 173 -14.99 -4.26 2.17
CA MET B 173 -15.85 -3.94 3.29
C MET B 173 -16.17 -5.19 4.10
N LEU B 174 -16.16 -5.05 5.44
CA LEU B 174 -16.63 -6.10 6.33
C LEU B 174 -17.98 -5.70 6.92
N VAL B 175 -18.96 -6.59 6.78
CA VAL B 175 -20.29 -6.43 7.34
C VAL B 175 -20.41 -7.50 8.42
N LEU B 176 -20.74 -7.10 9.66
CA LEU B 176 -20.76 -7.99 10.81
C LEU B 176 -22.09 -7.87 11.53
N ALA B 177 -22.81 -8.98 11.66
CA ALA B 177 -24.10 -9.01 12.30
C ALA B 177 -23.99 -9.76 13.62
N MET B 178 -24.68 -9.25 14.63
CA MET B 178 -24.73 -9.86 15.96
C MET B 178 -26.11 -9.53 16.51
N ASP B 179 -26.35 -9.88 17.79
CA ASP B 179 -27.60 -9.48 18.44
C ASP B 179 -27.77 -7.97 18.46
N CYS B 180 -26.68 -7.23 18.63
CA CYS B 180 -26.77 -5.78 18.66
C CYS B 180 -27.25 -5.18 17.34
N GLY B 181 -27.22 -5.93 16.24
CA GLY B 181 -27.55 -5.35 14.94
C GLY B 181 -26.47 -5.55 13.89
N VAL B 182 -26.48 -4.74 12.83
CA VAL B 182 -25.60 -4.90 11.68
C VAL B 182 -24.73 -3.66 11.54
N ASN B 183 -23.42 -3.86 11.38
CA ASN B 183 -22.52 -2.72 11.30
C ASN B 183 -21.52 -2.93 10.19
N CYS B 184 -21.18 -1.85 9.48
CA CYS B 184 -20.39 -1.93 8.25
C CYS B 184 -19.05 -1.21 8.43
N PHE B 185 -17.96 -1.95 8.23
CA PHE B 185 -16.60 -1.45 8.42
C PHE B 185 -15.88 -1.46 7.07
N MET B 186 -15.34 -0.30 6.68
CA MET B 186 -14.54 -0.19 5.45
C MET B 186 -13.06 -0.39 5.74
N LEU B 187 -12.42 -1.26 4.96
CA LEU B 187 -10.98 -1.44 5.09
C LEU B 187 -10.26 -0.25 4.46
N ASP B 188 -9.57 0.54 5.31
CA ASP B 188 -8.65 1.58 4.84
C ASP B 188 -7.29 0.94 4.58
N PRO B 189 -6.90 0.72 3.32
CA PRO B 189 -5.64 0.01 3.04
C PRO B 189 -4.39 0.79 3.39
N ALA B 190 -4.45 2.13 3.43
CA ALA B 190 -3.26 2.93 3.72
C ALA B 190 -2.73 2.64 5.12
N ILE B 191 -3.60 2.42 6.10
CA ILE B 191 -3.21 2.07 7.45
C ILE B 191 -3.65 0.67 7.84
N GLY B 192 -4.30 -0.07 6.94
CA GLY B 192 -4.76 -1.41 7.24
C GLY B 192 -5.66 -1.50 8.46
N GLU B 193 -6.77 -0.77 8.46
CA GLU B 193 -7.72 -0.76 9.58
C GLU B 193 -9.14 -0.72 9.05
N PHE B 194 -10.05 -1.44 9.72
CA PHE B 194 -11.47 -1.46 9.37
C PHE B 194 -12.21 -0.34 10.12
N ILE B 195 -12.80 0.59 9.39
CA ILE B 195 -13.32 1.82 9.95
C ILE B 195 -14.83 1.78 9.91
N LEU B 196 -15.47 1.92 11.08
CA LEU B 196 -16.93 1.91 11.15
C LEU B 196 -17.54 3.07 10.33
N VAL B 197 -18.35 2.75 9.33
CA VAL B 197 -18.94 3.81 8.49
C VAL B 197 -20.46 3.71 8.34
N ASP B 198 -21.14 2.62 8.70
CA ASP B 198 -22.60 2.59 8.64
C ASP B 198 -23.10 1.78 9.83
N LYS B 199 -23.69 2.46 10.81
CA LYS B 199 -24.02 1.84 12.09
C LYS B 199 -25.45 1.33 12.08
N ASP B 200 -25.66 0.19 12.74
CA ASP B 200 -26.98 -0.35 13.02
C ASP B 200 -27.87 -0.21 11.79
N VAL B 201 -27.41 -0.77 10.68
CA VAL B 201 -28.08 -0.54 9.40
C VAL B 201 -29.32 -1.42 9.31
N LYS B 202 -30.31 -0.91 8.54
CA LYS B 202 -31.60 -1.56 8.33
C LYS B 202 -31.96 -1.51 6.86
N ILE B 203 -32.59 -2.58 6.37
CA ILE B 203 -32.89 -2.70 4.96
C ILE B 203 -34.22 -2.01 4.68
N LYS B 204 -34.32 -1.36 3.53
CA LYS B 204 -35.57 -0.72 3.16
C LYS B 204 -36.70 -1.74 3.11
N LYS B 205 -37.91 -1.26 3.44
CA LYS B 205 -39.06 -2.15 3.53
C LYS B 205 -39.41 -2.74 2.17
N LYS B 206 -39.18 -1.99 1.10
CA LYS B 206 -39.47 -2.47 -0.25
C LYS B 206 -38.50 -1.79 -1.20
N GLY B 207 -37.95 -2.57 -2.13
CA GLY B 207 -36.99 -2.07 -3.08
C GLY B 207 -37.54 -2.11 -4.50
N LYS B 208 -36.62 -1.96 -5.47
CA LYS B 208 -37.01 -1.85 -6.87
C LYS B 208 -36.09 -2.65 -7.78
N ILE B 209 -35.30 -3.57 -7.23
CA ILE B 209 -34.37 -4.39 -7.99
C ILE B 209 -34.63 -5.84 -7.64
N TYR B 210 -34.63 -6.73 -8.65
CA TYR B 210 -34.66 -8.17 -8.43
C TYR B 210 -33.43 -8.82 -9.05
N SER B 211 -32.90 -9.85 -8.38
CA SER B 211 -31.63 -10.49 -8.73
C SER B 211 -31.77 -12.00 -8.81
N LEU B 212 -31.63 -12.55 -10.02
CA LEU B 212 -31.52 -14.01 -10.16
C LEU B 212 -31.09 -14.33 -11.59
N ASN B 213 -30.56 -15.54 -11.78
CA ASN B 213 -30.08 -16.02 -13.08
C ASN B 213 -31.27 -16.48 -13.91
N GLU B 214 -31.68 -15.65 -14.87
CA GLU B 214 -32.90 -15.94 -15.60
C GLU B 214 -32.69 -16.95 -16.71
N GLY B 215 -31.48 -17.48 -16.89
CA GLY B 215 -31.23 -18.55 -17.85
C GLY B 215 -31.85 -19.90 -17.48
N TYR B 216 -32.28 -20.06 -16.23
CA TYR B 216 -32.97 -21.27 -15.81
C TYR B 216 -34.48 -21.14 -15.97
N ALA B 217 -34.93 -20.25 -16.86
CA ALA B 217 -36.35 -19.92 -16.95
C ALA B 217 -37.20 -21.13 -17.30
N ARG B 218 -36.66 -22.06 -18.07
CA ARG B 218 -37.48 -23.22 -18.40
C ARG B 218 -37.49 -24.25 -17.28
N ASP B 219 -36.79 -23.96 -16.17
CA ASP B 219 -36.75 -24.83 -15.02
C ASP B 219 -37.49 -24.26 -13.81
N PHE B 220 -37.89 -22.98 -13.84
CA PHE B 220 -38.52 -22.40 -12.66
C PHE B 220 -39.88 -23.04 -12.41
N ASP B 221 -40.25 -23.14 -11.15
CA ASP B 221 -41.58 -23.55 -10.78
C ASP B 221 -42.58 -22.43 -11.08
N PRO B 222 -43.88 -22.73 -11.09
CA PRO B 222 -44.87 -21.70 -11.41
C PRO B 222 -44.82 -20.48 -10.49
N ALA B 223 -44.41 -20.66 -9.24
CA ALA B 223 -44.35 -19.53 -8.30
C ALA B 223 -43.29 -18.52 -8.73
N VAL B 224 -42.08 -18.99 -8.98
CA VAL B 224 -41.02 -18.09 -9.43
C VAL B 224 -41.41 -17.43 -10.75
N THR B 225 -41.94 -18.22 -11.71
CA THR B 225 -42.31 -17.67 -13.01
C THR B 225 -43.30 -16.53 -12.86
N GLU B 226 -44.35 -16.72 -12.04
CA GLU B 226 -45.31 -15.63 -11.88
C GLU B 226 -44.71 -14.46 -11.11
N TYR B 227 -43.89 -14.72 -10.07
CA TYR B 227 -43.31 -13.61 -9.32
C TYR B 227 -42.44 -12.73 -10.22
N ILE B 228 -41.60 -13.35 -11.04
CA ILE B 228 -40.78 -12.61 -11.99
C ILE B 228 -41.66 -11.75 -12.89
N GLN B 229 -42.70 -12.35 -13.49
CA GLN B 229 -43.56 -11.62 -14.41
C GLN B 229 -44.23 -10.42 -13.74
N ARG B 230 -44.59 -10.53 -12.46
CA ARG B 230 -45.08 -9.35 -11.72
C ARG B 230 -44.03 -8.23 -11.66
N LYS B 231 -42.75 -8.57 -11.72
CA LYS B 231 -41.72 -7.54 -11.59
C LYS B 231 -41.48 -6.82 -12.91
N LYS B 232 -41.67 -7.53 -14.03
CA LYS B 232 -41.60 -6.94 -15.37
C LYS B 232 -42.92 -6.32 -15.83
N PHE B 233 -44.06 -6.89 -15.41
CA PHE B 233 -45.38 -6.42 -15.83
C PHE B 233 -46.27 -6.23 -14.60
N PRO B 234 -46.14 -5.10 -13.91
CA PRO B 234 -46.90 -4.89 -12.66
C PRO B 234 -48.40 -4.80 -12.93
N PRO B 235 -49.19 -5.69 -12.35
CA PRO B 235 -50.65 -5.62 -12.52
C PRO B 235 -51.25 -4.32 -12.02
N ASP B 236 -50.53 -3.54 -11.22
CA ASP B 236 -50.97 -2.24 -10.74
C ASP B 236 -50.41 -1.10 -11.58
N ASN B 237 -49.72 -1.40 -12.67
CA ASN B 237 -49.19 -0.39 -13.59
C ASN B 237 -48.28 0.60 -12.87
N SER B 238 -47.50 0.12 -11.91
CA SER B 238 -46.38 0.90 -11.38
C SER B 238 -45.13 0.54 -12.16
N ALA B 239 -44.03 1.22 -11.86
CA ALA B 239 -42.82 1.10 -12.66
C ALA B 239 -42.23 -0.30 -12.52
N PRO B 240 -41.90 -0.97 -13.64
CA PRO B 240 -41.24 -2.27 -13.55
C PRO B 240 -39.94 -2.20 -12.77
N TYR B 241 -39.58 -3.33 -12.16
CA TYR B 241 -38.34 -3.45 -11.41
C TYR B 241 -37.16 -3.57 -12.36
N GLY B 242 -36.01 -3.01 -11.94
CA GLY B 242 -34.75 -3.24 -12.67
C GLY B 242 -34.11 -4.55 -12.23
N ALA B 243 -33.31 -5.16 -13.14
CA ALA B 243 -32.62 -6.42 -12.85
C ALA B 243 -31.11 -6.24 -12.73
N ARG B 244 -30.53 -6.98 -11.79
CA ARG B 244 -29.09 -7.04 -11.60
C ARG B 244 -28.75 -8.44 -11.12
N TYR B 245 -27.70 -9.03 -11.67
CA TYR B 245 -27.24 -10.35 -11.21
C TYR B 245 -25.75 -10.46 -11.52
N VAL B 246 -24.93 -10.21 -10.50
CA VAL B 246 -23.48 -10.30 -10.69
C VAL B 246 -23.08 -11.75 -10.93
N GLY B 247 -23.74 -12.70 -10.27
CA GLY B 247 -23.27 -14.07 -10.28
C GLY B 247 -22.30 -14.38 -9.16
N SER B 248 -22.03 -13.41 -8.27
CA SER B 248 -21.21 -13.60 -7.07
C SER B 248 -22.06 -13.23 -5.86
N MET B 249 -22.34 -14.23 -5.01
CA MET B 249 -23.39 -14.07 -4.02
C MET B 249 -23.14 -12.89 -3.08
N VAL B 250 -21.90 -12.70 -2.61
CA VAL B 250 -21.64 -11.63 -1.64
C VAL B 250 -21.95 -10.25 -2.23
N ALA B 251 -21.72 -10.07 -3.54
CA ALA B 251 -21.92 -8.76 -4.17
C ALA B 251 -23.39 -8.45 -4.37
N ASP B 252 -24.16 -9.45 -4.88
CA ASP B 252 -25.59 -9.34 -5.04
C ASP B 252 -26.29 -9.17 -3.69
N VAL B 253 -25.85 -9.91 -2.67
CA VAL B 253 -26.50 -9.80 -1.37
C VAL B 253 -26.23 -8.43 -0.74
N HIS B 254 -24.97 -7.97 -0.77
CA HIS B 254 -24.65 -6.66 -0.22
C HIS B 254 -25.41 -5.54 -0.92
N ARG B 255 -25.56 -5.63 -2.25
CA ARG B 255 -26.35 -4.63 -2.98
C ARG B 255 -27.83 -4.71 -2.57
N THR B 256 -28.32 -5.90 -2.24
CA THR B 256 -29.68 -5.99 -1.70
C THR B 256 -29.78 -5.31 -0.35
N LEU B 257 -28.78 -5.49 0.53
CA LEU B 257 -28.77 -4.80 1.81
C LEU B 257 -28.78 -3.29 1.63
N VAL B 258 -27.96 -2.79 0.70
CA VAL B 258 -27.68 -1.37 0.63
C VAL B 258 -28.76 -0.62 -0.12
N TYR B 259 -29.37 -1.26 -1.13
CA TYR B 259 -30.37 -0.61 -1.98
C TYR B 259 -31.79 -1.12 -1.77
N GLY B 260 -31.99 -2.26 -1.09
CA GLY B 260 -33.30 -2.88 -1.09
C GLY B 260 -33.49 -3.87 -2.24
N GLY B 261 -34.67 -4.47 -2.28
CA GLY B 261 -35.00 -5.41 -3.32
C GLY B 261 -34.94 -6.86 -2.85
N ILE B 262 -34.82 -7.76 -3.83
CA ILE B 262 -34.90 -9.19 -3.55
C ILE B 262 -33.82 -9.91 -4.37
N PHE B 263 -33.33 -11.03 -3.81
CA PHE B 263 -32.38 -11.93 -4.47
C PHE B 263 -32.93 -13.35 -4.39
N LEU B 264 -32.73 -14.14 -5.47
CA LEU B 264 -33.29 -15.49 -5.54
C LEU B 264 -32.32 -16.50 -6.14
N TYR B 265 -32.25 -17.70 -5.55
CA TYR B 265 -31.61 -18.84 -6.21
C TYR B 265 -32.48 -20.05 -5.95
N PRO B 266 -33.54 -20.19 -6.72
CA PRO B 266 -34.49 -21.28 -6.50
C PRO B 266 -33.95 -22.59 -7.07
N ALA B 267 -34.68 -23.67 -6.80
CA ALA B 267 -34.27 -24.97 -7.30
C ALA B 267 -34.38 -25.00 -8.82
N ASN B 268 -33.59 -25.87 -9.44
CA ASN B 268 -33.71 -26.10 -10.88
C ASN B 268 -33.29 -27.54 -11.15
N LYS B 269 -33.15 -27.92 -12.42
CA LYS B 269 -32.85 -29.32 -12.69
C LYS B 269 -31.44 -29.74 -12.28
N LYS B 270 -30.60 -28.84 -11.74
CA LYS B 270 -29.41 -29.25 -10.99
CA LYS B 270 -29.41 -29.27 -11.01
C LYS B 270 -29.84 -29.72 -9.62
N SER B 271 -30.52 -30.90 -9.60
CA SER B 271 -31.13 -31.49 -8.41
C SER B 271 -32.17 -30.54 -7.81
N PRO B 272 -33.29 -31.05 -7.34
CA PRO B 272 -34.33 -30.14 -6.84
C PRO B 272 -33.98 -29.53 -5.49
N ASN B 273 -32.71 -29.55 -5.10
CA ASN B 273 -32.33 -29.11 -3.76
C ASN B 273 -31.75 -27.71 -3.69
N GLY B 274 -31.65 -27.00 -4.81
CA GLY B 274 -31.00 -25.69 -4.82
C GLY B 274 -29.51 -25.79 -5.09
N LYS B 275 -28.87 -24.61 -5.19
CA LYS B 275 -27.46 -24.54 -5.52
C LYS B 275 -26.60 -24.07 -4.36
N LEU B 276 -27.01 -23.01 -3.65
CA LEU B 276 -26.12 -22.40 -2.67
C LEU B 276 -26.09 -23.20 -1.37
N ARG B 277 -24.96 -23.15 -0.67
CA ARG B 277 -24.75 -24.02 0.49
C ARG B 277 -25.43 -23.44 1.73
N LEU B 278 -26.03 -24.31 2.55
CA LEU B 278 -26.77 -23.86 3.72
C LEU B 278 -25.83 -23.36 4.82
N LEU B 279 -24.78 -24.12 5.15
CA LEU B 279 -24.00 -23.82 6.35
C LEU B 279 -23.23 -22.51 6.22
N TYR B 280 -22.58 -22.27 5.07
CA TYR B 280 -21.64 -21.17 4.94
C TYR B 280 -21.94 -20.23 3.78
N GLU B 281 -23.16 -20.30 3.22
CA GLU B 281 -23.64 -19.28 2.29
C GLU B 281 -25.01 -18.75 2.70
N CYS B 282 -26.02 -19.62 2.78
CA CYS B 282 -27.41 -19.17 3.05
C CYS B 282 -27.60 -18.71 4.50
N ASN B 283 -27.13 -19.51 5.45
CA ASN B 283 -27.34 -19.14 6.85
C ASN B 283 -26.68 -17.82 7.21
N PRO B 284 -25.40 -17.55 6.86
CA PRO B 284 -24.85 -16.26 7.30
C PRO B 284 -25.54 -15.08 6.66
N MET B 285 -25.95 -15.20 5.39
CA MET B 285 -26.67 -14.09 4.74
C MET B 285 -28.09 -13.95 5.30
N ALA B 286 -28.77 -15.06 5.62
CA ALA B 286 -30.11 -14.96 6.19
C ALA B 286 -30.06 -14.31 7.57
N TYR B 287 -29.05 -14.65 8.35
CA TYR B 287 -28.82 -13.99 9.62
C TYR B 287 -28.58 -12.49 9.41
N VAL B 288 -27.69 -12.12 8.48
CA VAL B 288 -27.49 -10.70 8.24
C VAL B 288 -28.82 -10.02 7.90
N MET B 289 -29.63 -10.66 7.06
CA MET B 289 -30.85 -10.03 6.59
C MET B 289 -31.88 -9.84 7.71
N GLU B 290 -32.03 -10.87 8.59
CA GLU B 290 -33.02 -10.74 9.66
C GLU B 290 -32.57 -9.73 10.72
N LYS B 291 -31.28 -9.66 11.00
CA LYS B 291 -30.80 -8.62 11.90
C LYS B 291 -30.97 -7.23 11.30
N ALA B 292 -31.07 -7.14 9.98
CA ALA B 292 -31.28 -5.86 9.31
C ALA B 292 -32.74 -5.56 9.05
N GLY B 293 -33.66 -6.34 9.63
CA GLY B 293 -35.07 -6.14 9.35
C GLY B 293 -35.56 -6.74 8.04
N GLY B 294 -34.79 -7.64 7.42
CA GLY B 294 -35.21 -8.32 6.21
C GLY B 294 -35.63 -9.74 6.47
N MET B 295 -35.74 -10.50 5.37
CA MET B 295 -36.26 -11.86 5.45
C MET B 295 -35.48 -12.78 4.53
N ALA B 296 -35.58 -14.07 4.80
CA ALA B 296 -34.87 -15.06 4.01
C ALA B 296 -35.58 -16.40 4.18
N THR B 297 -36.07 -16.95 3.06
CA THR B 297 -36.90 -18.15 3.05
C THR B 297 -36.38 -19.18 2.05
N THR B 298 -36.60 -20.45 2.38
CA THR B 298 -36.44 -21.46 1.35
C THR B 298 -37.65 -21.54 0.44
N GLY B 299 -38.74 -20.83 0.76
CA GLY B 299 -40.03 -21.03 0.14
C GLY B 299 -40.96 -21.82 1.06
N LYS B 300 -40.46 -22.93 1.62
CA LYS B 300 -41.21 -23.78 2.54
C LYS B 300 -41.06 -23.33 3.99
N GLU B 301 -39.87 -22.85 4.37
CA GLU B 301 -39.60 -22.40 5.73
C GLU B 301 -38.54 -21.31 5.66
N ALA B 302 -38.38 -20.63 6.79
CA ALA B 302 -37.26 -19.71 6.93
C ALA B 302 -35.93 -20.46 6.90
N VAL B 303 -34.95 -19.88 6.21
CA VAL B 303 -33.63 -20.50 6.06
C VAL B 303 -33.04 -20.83 7.42
N LEU B 304 -33.18 -19.90 8.37
CA LEU B 304 -32.61 -20.06 9.71
C LEU B 304 -33.23 -21.20 10.51
N ASP B 305 -34.34 -21.82 10.06
CA ASP B 305 -34.97 -22.94 10.79
C ASP B 305 -34.65 -24.30 10.22
N VAL B 306 -34.02 -24.38 9.05
CA VAL B 306 -33.58 -25.66 8.51
C VAL B 306 -32.63 -26.32 9.50
N ILE B 307 -32.87 -27.60 9.79
CA ILE B 307 -31.96 -28.41 10.59
C ILE B 307 -31.07 -29.20 9.63
N PRO B 308 -29.77 -28.95 9.58
CA PRO B 308 -28.93 -29.61 8.58
C PRO B 308 -28.68 -31.07 8.90
N THR B 309 -28.43 -31.87 7.86
CA THR B 309 -27.93 -33.24 8.02
C THR B 309 -26.52 -33.42 7.48
N ASP B 310 -26.03 -32.50 6.64
CA ASP B 310 -24.73 -32.67 6.00
C ASP B 310 -24.06 -31.31 5.84
N ILE B 311 -22.73 -31.27 5.98
CA ILE B 311 -22.09 -29.97 6.12
C ILE B 311 -22.13 -29.18 4.81
N HIS B 312 -22.19 -29.86 3.66
CA HIS B 312 -22.19 -29.20 2.35
C HIS B 312 -23.54 -29.28 1.64
N GLN B 313 -24.61 -29.63 2.34
CA GLN B 313 -25.89 -29.70 1.66
C GLN B 313 -26.24 -28.32 1.10
N ARG B 314 -27.12 -28.33 0.10
CA ARG B 314 -27.60 -27.12 -0.54
C ARG B 314 -28.99 -26.76 -0.05
N ALA B 315 -29.38 -25.50 -0.32
CA ALA B 315 -30.74 -25.03 -0.09
C ALA B 315 -31.08 -23.96 -1.11
N PRO B 316 -32.36 -23.80 -1.48
CA PRO B 316 -32.77 -22.63 -2.25
C PRO B 316 -32.94 -21.45 -1.31
N VAL B 317 -32.79 -20.23 -1.84
CA VAL B 317 -32.89 -19.03 -1.01
C VAL B 317 -33.64 -17.95 -1.77
N ILE B 318 -34.54 -17.27 -1.07
CA ILE B 318 -35.18 -16.03 -1.50
C ILE B 318 -35.05 -15.08 -0.32
N LEU B 319 -34.33 -13.98 -0.51
CA LEU B 319 -34.05 -13.07 0.60
C LEU B 319 -34.13 -11.63 0.13
N GLY B 320 -34.20 -10.71 1.10
CA GLY B 320 -34.21 -9.31 0.73
C GLY B 320 -35.17 -8.50 1.55
N SER B 321 -35.65 -7.40 0.99
CA SER B 321 -36.58 -6.55 1.74
C SER B 321 -37.82 -7.32 2.14
N PRO B 322 -38.44 -6.98 3.27
CA PRO B 322 -39.55 -7.81 3.78
C PRO B 322 -40.82 -7.71 2.94
N ASP B 323 -41.18 -6.54 2.40
CA ASP B 323 -42.35 -6.47 1.54
C ASP B 323 -42.17 -7.33 0.29
N ASP B 324 -40.93 -7.43 -0.20
CA ASP B 324 -40.67 -8.19 -1.43
C ASP B 324 -40.68 -9.70 -1.18
N VAL B 325 -40.11 -10.18 -0.07
CA VAL B 325 -40.18 -11.61 0.22
C VAL B 325 -41.62 -12.02 0.55
N LEU B 326 -42.37 -11.16 1.25
CA LEU B 326 -43.77 -11.47 1.54
C LEU B 326 -44.59 -11.57 0.26
N GLU B 327 -44.38 -10.66 -0.70
CA GLU B 327 -45.06 -10.79 -1.98
C GLU B 327 -44.72 -12.09 -2.65
N PHE B 328 -43.44 -12.46 -2.63
CA PHE B 328 -43.06 -13.76 -3.18
C PHE B 328 -43.84 -14.88 -2.48
N LEU B 329 -43.90 -14.83 -1.15
CA LEU B 329 -44.55 -15.88 -0.39
C LEU B 329 -46.06 -15.91 -0.60
N LYS B 330 -46.72 -14.77 -0.88
CA LYS B 330 -48.14 -14.88 -1.18
C LYS B 330 -48.37 -15.52 -2.56
N VAL B 331 -47.44 -15.34 -3.50
CA VAL B 331 -47.56 -16.04 -4.77
C VAL B 331 -47.30 -17.53 -4.59
N TYR B 332 -46.18 -17.87 -3.94
CA TYR B 332 -45.86 -19.28 -3.69
C TYR B 332 -47.03 -20.01 -3.04
N GLU B 333 -47.72 -19.36 -2.10
CA GLU B 333 -48.88 -19.97 -1.47
C GLU B 333 -50.01 -20.22 -2.47
N LYS B 334 -50.24 -19.27 -3.38
CA LYS B 334 -51.29 -19.44 -4.39
C LYS B 334 -51.02 -20.64 -5.29
N HIS B 335 -49.76 -21.06 -5.43
CA HIS B 335 -49.42 -22.24 -6.23
C HIS B 335 -49.14 -23.47 -5.38
N SER B 336 -49.27 -23.36 -4.06
CA SER B 336 -48.86 -24.43 -3.17
C SER B 336 -49.94 -25.53 -3.14
N ALA B 337 -49.49 -26.78 -3.10
N ASP C 10 3.25 -19.83 17.34
CA ASP C 10 2.18 -19.20 16.58
C ASP C 10 2.53 -17.73 16.28
N VAL C 11 2.01 -17.21 15.16
CA VAL C 11 2.20 -15.79 14.85
C VAL C 11 1.44 -14.94 15.86
N ASN C 12 2.05 -13.84 16.29
CA ASN C 12 1.47 -13.03 17.34
C ASN C 12 1.50 -11.56 16.94
N THR C 13 0.48 -10.81 17.38
CA THR C 13 0.37 -9.40 17.07
C THR C 13 0.22 -8.59 18.35
N LEU C 14 0.52 -7.29 18.21
CA LEU C 14 0.39 -6.34 19.32
C LEU C 14 -0.95 -6.51 20.03
N THR C 15 -2.04 -6.49 19.27
CA THR C 15 -3.36 -6.52 19.88
C THR C 15 -3.61 -7.84 20.62
N ARG C 16 -3.13 -8.96 20.08
CA ARG C 16 -3.33 -10.23 20.78
C ARG C 16 -2.43 -10.34 22.01
N PHE C 17 -1.19 -9.86 21.91
CA PHE C 17 -0.28 -9.91 23.06
C PHE C 17 -0.82 -9.08 24.23
N VAL C 18 -1.21 -7.83 23.97
CA VAL C 18 -1.66 -6.95 25.05
C VAL C 18 -3.01 -7.41 25.61
N MET C 19 -3.89 -7.91 24.76
CA MET C 19 -5.18 -8.39 25.23
C MET C 19 -5.01 -9.58 26.16
N GLU C 20 -4.10 -10.49 25.82
CA GLU C 20 -3.83 -11.63 26.70
C GLU C 20 -3.12 -11.19 27.97
N GLU C 21 -2.39 -10.07 27.94
CA GLU C 21 -1.78 -9.55 29.16
C GLU C 21 -2.85 -8.98 30.09
N GLY C 22 -3.85 -8.29 29.55
CA GLY C 22 -4.92 -7.79 30.39
C GLY C 22 -5.79 -8.88 30.99
N ARG C 23 -6.15 -9.89 30.18
CA ARG C 23 -6.92 -11.04 30.64
C ARG C 23 -6.31 -11.67 31.89
N LYS C 24 -5.00 -12.00 31.83
CA LYS C 24 -4.36 -12.64 32.98
C LYS C 24 -4.42 -11.74 34.21
N ALA C 25 -4.37 -10.42 34.01
CA ALA C 25 -4.48 -9.51 35.14
C ALA C 25 -5.91 -9.22 35.53
N ARG C 26 -6.88 -9.72 34.75
CA ARG C 26 -8.30 -9.48 35.01
C ARG C 26 -8.58 -7.98 35.14
N GLY C 27 -8.21 -7.24 34.10
CA GLY C 27 -8.30 -5.78 34.10
C GLY C 27 -9.61 -5.25 33.53
N THR C 28 -9.66 -3.93 33.42
CA THR C 28 -10.85 -3.20 32.96
C THR C 28 -10.90 -2.95 31.45
N GLY C 29 -9.84 -3.27 30.71
CA GLY C 29 -9.80 -2.99 29.29
C GLY C 29 -9.29 -1.62 28.89
N GLU C 30 -8.99 -0.75 29.85
CA GLU C 30 -8.62 0.62 29.49
C GLU C 30 -7.24 0.68 28.85
N LEU C 31 -6.25 0.03 29.47
CA LEU C 31 -4.91 0.02 28.91
C LEU C 31 -4.88 -0.62 27.53
N THR C 32 -5.65 -1.69 27.31
CA THR C 32 -5.76 -2.27 25.98
C THR C 32 -6.39 -1.28 25.01
N GLN C 33 -7.47 -0.61 25.42
CA GLN C 33 -8.04 0.45 24.58
C GLN C 33 -6.97 1.46 24.22
N LEU C 34 -6.19 1.89 25.22
CA LEU C 34 -5.20 2.94 25.02
C LEU C 34 -4.19 2.53 23.97
N LEU C 35 -3.60 1.34 24.12
CA LEU C 35 -2.56 0.89 23.21
C LEU C 35 -3.14 0.57 21.82
N ASN C 36 -4.38 0.05 21.76
CA ASN C 36 -5.04 -0.13 20.47
C ASN C 36 -5.14 1.19 19.71
N SER C 37 -5.61 2.24 20.38
CA SER C 37 -5.75 3.54 19.73
C SER C 37 -4.39 4.12 19.37
N LEU C 38 -3.36 3.86 20.17
CA LEU C 38 -2.02 4.36 19.85
C LEU C 38 -1.47 3.68 18.60
N CYS C 39 -1.73 2.38 18.44
CA CYS C 39 -1.23 1.67 17.26
C CYS C 39 -1.86 2.22 16.00
N THR C 40 -3.15 2.55 16.07
CA THR C 40 -3.84 3.11 14.92
C THR C 40 -3.23 4.46 14.54
N ALA C 41 -2.85 5.27 15.54
CA ALA C 41 -2.22 6.56 15.28
C ALA C 41 -0.85 6.37 14.64
N VAL C 42 -0.11 5.35 15.09
CA VAL C 42 1.22 5.11 14.57
C VAL C 42 1.17 4.66 13.10
N LYS C 43 0.19 3.81 12.76
CA LYS C 43 0.07 3.36 11.37
C LYS C 43 -0.22 4.54 10.43
N ALA C 44 -1.05 5.49 10.88
CA ALA C 44 -1.31 6.67 10.06
C ALA C 44 -0.12 7.60 10.02
N ILE C 45 0.66 7.67 11.10
CA ILE C 45 1.90 8.45 11.04
C ILE C 45 2.84 7.85 10.00
N SER C 46 3.07 6.53 10.07
CA SER C 46 3.97 5.85 9.13
C SER C 46 3.55 6.08 7.69
N SER C 47 2.26 5.91 7.38
CA SER C 47 1.75 6.17 6.04
C SER C 47 2.06 7.60 5.61
N ALA C 48 1.88 8.56 6.53
CA ALA C 48 2.19 9.96 6.23
C ALA C 48 3.69 10.17 6.08
N VAL C 49 4.50 9.62 6.99
CA VAL C 49 5.94 9.84 6.94
C VAL C 49 6.53 9.28 5.65
N ARG C 50 6.00 8.13 5.19
CA ARG C 50 6.47 7.53 3.93
C ARG C 50 5.92 8.22 2.68
N LYS C 51 5.14 9.31 2.84
CA LYS C 51 4.67 10.20 1.76
C LYS C 51 3.59 9.56 0.87
N ALA C 52 2.65 8.84 1.50
CA ALA C 52 1.71 8.02 0.73
C ALA C 52 0.79 8.84 -0.18
N GLY C 53 0.50 10.09 0.13
CA GLY C 53 -0.34 10.71 -0.89
C GLY C 53 0.30 11.89 -1.58
N ILE C 54 1.63 11.88 -1.68
CA ILE C 54 2.41 13.10 -1.95
C ILE C 54 2.11 13.67 -3.33
N ALA C 55 1.80 12.83 -4.32
CA ALA C 55 1.57 13.38 -5.66
C ALA C 55 0.40 14.36 -5.66
N HIS C 56 -0.60 14.15 -4.81
CA HIS C 56 -1.67 15.13 -4.74
C HIS C 56 -1.15 16.50 -4.34
N LEU C 57 -0.08 16.56 -3.56
CA LEU C 57 0.48 17.84 -3.17
C LEU C 57 1.13 18.54 -4.36
N TYR C 58 1.58 17.78 -5.35
CA TYR C 58 2.34 18.32 -6.46
C TYR C 58 1.49 18.45 -7.72
N GLY C 59 0.17 18.45 -7.58
CA GLY C 59 -0.73 18.85 -8.63
C GLY C 59 -1.26 17.75 -9.52
N ILE C 60 -1.21 16.48 -9.07
CA ILE C 60 -1.69 15.40 -9.91
C ILE C 60 -3.18 15.53 -10.19
N ALA C 61 -3.94 16.12 -9.28
CA ALA C 61 -5.35 16.40 -9.55
C ALA C 61 -5.65 17.90 -9.62
N GLY C 62 -4.66 18.72 -9.97
CA GLY C 62 -4.82 20.18 -9.95
C GLY C 62 -4.88 20.85 -8.58
N SER C 63 -5.71 20.34 -7.67
CA SER C 63 -5.96 21.02 -6.39
C SER C 63 -6.85 20.15 -5.49
N LYS C 73 4.16 20.62 8.21
CA LYS C 73 2.85 20.07 8.53
C LYS C 73 2.95 18.74 9.32
N LEU C 74 4.05 18.00 9.10
CA LEU C 74 4.08 16.58 9.47
C LEU C 74 4.14 16.38 10.99
N ASP C 75 4.82 17.26 11.72
CA ASP C 75 4.75 17.11 13.17
C ASP C 75 3.38 17.54 13.68
N VAL C 76 2.75 18.53 13.02
CA VAL C 76 1.39 18.92 13.40
C VAL C 76 0.43 17.75 13.21
N LEU C 77 0.49 17.09 12.05
CA LEU C 77 -0.41 15.97 11.79
C LEU C 77 -0.22 14.86 12.84
N SER C 78 1.02 14.50 13.15
CA SER C 78 1.28 13.41 14.09
C SER C 78 0.72 13.73 15.47
N ASN C 79 0.99 14.93 15.97
CA ASN C 79 0.37 15.34 17.22
C ASN C 79 -1.15 15.31 17.13
N ASP C 80 -1.71 15.75 16.00
CA ASP C 80 -3.16 15.66 15.81
C ASP C 80 -3.64 14.21 15.90
N LEU C 81 -2.91 13.28 15.28
CA LEU C 81 -3.35 11.88 15.23
C LEU C 81 -3.28 11.26 16.61
N VAL C 82 -2.16 11.45 17.31
CA VAL C 82 -2.00 10.90 18.65
C VAL C 82 -3.02 11.53 19.61
N MET C 83 -3.13 12.87 19.62
CA MET C 83 -4.07 13.52 20.55
C MET C 83 -5.49 13.04 20.31
N ASN C 84 -5.89 12.86 19.05
CA ASN C 84 -7.27 12.49 18.80
C ASN C 84 -7.57 11.02 19.11
N MET C 85 -6.65 10.12 18.77
CA MET C 85 -6.92 8.71 19.00
C MET C 85 -6.92 8.41 20.49
N LEU C 86 -5.98 9.00 21.24
CA LEU C 86 -5.95 8.83 22.69
C LEU C 86 -7.25 9.33 23.33
N LYS C 87 -7.71 10.53 22.95
CA LYS C 87 -8.99 11.02 23.47
C LYS C 87 -10.12 10.04 23.16
N SER C 88 -10.22 9.62 21.90
CA SER C 88 -11.27 8.68 21.50
C SER C 88 -11.18 7.32 22.19
N SER C 89 -10.11 7.02 22.95
CA SER C 89 -9.92 5.72 23.58
C SER C 89 -10.62 5.56 24.91
N PHE C 90 -11.20 6.63 25.45
CA PHE C 90 -11.92 6.60 26.72
C PHE C 90 -11.03 6.18 27.90
N ALA C 91 -9.71 6.25 27.73
CA ALA C 91 -8.77 5.72 28.71
C ALA C 91 -7.83 6.77 29.30
N THR C 92 -8.01 8.05 29.01
CA THR C 92 -7.03 9.04 29.44
C THR C 92 -7.71 10.24 30.07
N CYS C 93 -6.93 11.00 30.86
CA CYS C 93 -7.48 12.17 31.51
C CYS C 93 -6.59 13.40 31.36
N VAL C 94 -5.28 13.20 31.26
CA VAL C 94 -4.33 14.29 31.08
C VAL C 94 -3.28 13.89 30.05
N LEU C 95 -3.01 14.77 29.09
CA LEU C 95 -2.11 14.45 27.99
C LEU C 95 -1.04 15.52 27.86
N VAL C 96 0.22 15.09 27.82
CA VAL C 96 1.34 16.00 27.66
C VAL C 96 2.07 15.65 26.37
N SER C 97 2.32 16.66 25.54
CA SER C 97 2.95 16.50 24.24
C SER C 97 4.02 17.58 24.06
N GLU C 98 5.04 17.28 23.27
CA GLU C 98 6.10 18.25 23.07
C GLU C 98 5.58 19.51 22.41
N GLU C 99 4.50 19.39 21.63
CA GLU C 99 4.00 20.49 20.81
C GLU C 99 3.21 21.53 21.60
N ASP C 100 2.68 21.19 22.77
CA ASP C 100 1.75 22.05 23.49
C ASP C 100 2.36 22.47 24.82
N LYS C 101 2.44 23.79 25.03
CA LYS C 101 3.02 24.35 26.25
C LYS C 101 2.30 23.82 27.50
N HIS C 102 0.98 23.74 27.44
CA HIS C 102 0.18 23.31 28.58
C HIS C 102 -0.39 21.92 28.33
N ALA C 103 -0.54 21.16 29.41
CA ALA C 103 -1.14 19.84 29.32
C ALA C 103 -2.59 19.96 28.84
N ILE C 104 -3.04 18.95 28.11
CA ILE C 104 -4.42 18.88 27.65
C ILE C 104 -5.22 18.10 28.68
N ILE C 105 -6.37 18.63 29.06
CA ILE C 105 -7.28 17.94 29.99
C ILE C 105 -8.41 17.36 29.16
N VAL C 106 -8.58 16.04 29.23
CA VAL C 106 -9.63 15.41 28.44
C VAL C 106 -10.99 15.78 29.01
N GLU C 107 -11.95 16.05 28.13
CA GLU C 107 -13.30 16.44 28.55
C GLU C 107 -13.95 15.33 29.38
N PRO C 108 -14.85 15.69 30.30
CA PRO C 108 -15.33 14.70 31.30
C PRO C 108 -15.94 13.46 30.69
N GLU C 109 -16.67 13.60 29.58
CA GLU C 109 -17.37 12.45 29.02
C GLU C 109 -16.42 11.33 28.68
N LYS C 110 -15.22 11.67 28.23
CA LYS C 110 -14.29 10.73 27.62
C LYS C 110 -13.14 10.36 28.54
N ARG C 111 -13.31 10.53 29.85
CA ARG C 111 -12.18 10.41 30.76
C ARG C 111 -11.97 8.97 31.19
N GLY C 112 -10.71 8.54 31.17
CA GLY C 112 -10.28 7.29 31.74
C GLY C 112 -9.15 7.59 32.71
N LYS C 113 -8.48 6.56 33.22
CA LYS C 113 -7.65 6.73 34.40
C LYS C 113 -6.17 6.97 34.11
N TYR C 114 -5.76 7.12 32.85
CA TYR C 114 -4.35 7.16 32.51
C TYR C 114 -3.88 8.54 32.07
N VAL C 115 -2.58 8.80 32.28
CA VAL C 115 -1.89 10.03 31.90
C VAL C 115 -0.81 9.63 30.91
N VAL C 116 -0.80 10.27 29.73
CA VAL C 116 0.15 9.92 28.68
C VAL C 116 1.04 11.11 28.35
N CYS C 117 2.35 10.88 28.33
CA CYS C 117 3.32 11.87 27.88
C CYS C 117 3.92 11.37 26.58
N PHE C 118 4.01 12.24 25.57
CA PHE C 118 4.51 11.73 24.30
C PHE C 118 5.19 12.81 23.47
N ASP C 119 6.10 12.37 22.61
CA ASP C 119 6.68 13.18 21.53
C ASP C 119 6.11 12.66 20.22
N PRO C 120 5.23 13.41 19.54
CA PRO C 120 4.49 12.83 18.40
C PRO C 120 5.34 12.56 17.19
N LEU C 121 6.39 13.36 16.92
CA LEU C 121 7.29 13.05 15.80
C LEU C 121 8.70 13.53 16.17
N ASP C 122 9.37 12.74 17.01
CA ASP C 122 10.70 13.11 17.47
C ASP C 122 11.70 13.14 16.32
N GLY C 123 12.66 14.06 16.41
CA GLY C 123 13.63 14.20 15.35
C GLY C 123 13.08 14.77 14.05
N SER C 124 11.92 15.41 14.07
CA SER C 124 11.28 15.84 12.82
C SER C 124 12.02 16.99 12.15
N SER C 125 12.89 17.69 12.89
CA SER C 125 13.56 18.88 12.36
C SER C 125 14.23 18.59 11.02
N ASN C 126 14.90 17.45 10.93
CA ASN C 126 15.66 17.09 9.74
C ASN C 126 15.00 15.96 8.96
N ILE C 127 13.66 15.92 8.99
CA ILE C 127 12.92 15.05 8.10
C ILE C 127 13.24 15.38 6.65
N ASP C 128 13.78 16.58 6.39
CA ASP C 128 14.06 17.00 5.03
C ASP C 128 15.24 16.24 4.43
N CYS C 129 16.14 15.75 5.24
CA CYS C 129 17.15 14.84 4.71
C CYS C 129 16.75 13.37 4.86
N LEU C 130 15.47 13.12 5.18
CA LEU C 130 14.90 11.77 5.22
C LEU C 130 15.54 10.92 6.32
N VAL C 131 16.01 11.58 7.38
CA VAL C 131 16.50 10.86 8.54
C VAL C 131 15.35 10.08 9.20
N SER C 132 15.70 8.94 9.81
CA SER C 132 14.77 8.20 10.65
C SER C 132 14.13 9.12 11.67
N VAL C 133 12.84 8.92 11.90
CA VAL C 133 12.11 9.62 12.95
C VAL C 133 11.34 8.58 13.75
N GLY C 134 10.57 9.05 14.73
CA GLY C 134 9.85 8.10 15.57
C GLY C 134 8.91 8.81 16.53
N THR C 135 8.09 8.00 17.20
CA THR C 135 7.09 8.44 18.17
C THR C 135 7.43 7.83 19.53
N ILE C 136 7.44 8.65 20.59
CA ILE C 136 7.84 8.20 21.92
C ILE C 136 6.64 8.33 22.86
N PHE C 137 6.43 7.36 23.74
CA PHE C 137 5.33 7.50 24.69
C PHE C 137 5.68 6.99 26.09
N GLY C 138 4.98 7.53 27.08
CA GLY C 138 5.08 7.07 28.47
C GLY C 138 3.71 7.13 29.12
N ILE C 139 3.31 6.08 29.84
CA ILE C 139 1.95 5.95 30.36
C ILE C 139 2.01 5.84 31.87
N TYR C 140 1.32 6.75 32.56
CA TYR C 140 1.16 6.71 34.00
C TYR C 140 -0.30 6.55 34.37
N ARG C 141 -0.54 5.91 35.51
CA ARG C 141 -1.84 5.90 36.18
C ARG C 141 -1.93 7.12 37.08
N LYS C 142 -3.10 7.76 37.10
CA LYS C 142 -3.30 8.94 37.93
C LYS C 142 -3.41 8.55 39.40
N LYS C 143 -2.43 8.97 40.21
CA LYS C 143 -2.40 8.58 41.62
C LYS C 143 -3.33 9.42 42.49
N SER C 144 -3.54 10.68 42.14
CA SER C 144 -4.25 11.61 43.01
C SER C 144 -5.76 11.35 42.99
N THR C 145 -6.51 12.28 43.61
CA THR C 145 -7.94 12.12 43.86
C THR C 145 -8.78 13.29 43.35
N ASP C 146 -8.25 14.50 43.29
CA ASP C 146 -9.02 15.68 42.94
C ASP C 146 -9.12 15.80 41.43
N GLU C 147 -9.66 16.94 40.97
CA GLU C 147 -9.94 17.11 39.55
C GLU C 147 -8.63 17.07 38.74
N PRO C 148 -8.60 16.33 37.63
CA PRO C 148 -7.31 16.05 36.96
C PRO C 148 -6.63 17.32 36.46
N SER C 149 -5.31 17.39 36.65
CA SER C 149 -4.56 18.62 36.38
C SER C 149 -3.16 18.27 35.90
N GLU C 150 -2.44 19.29 35.42
CA GLU C 150 -1.07 19.14 34.96
C GLU C 150 -0.19 18.47 36.01
N LYS C 151 -0.51 18.64 37.30
CA LYS C 151 0.26 17.96 38.34
C LYS C 151 0.23 16.44 38.17
N ASP C 152 -0.80 15.89 37.51
CA ASP C 152 -0.89 14.44 37.37
C ASP C 152 0.20 13.87 36.46
N ALA C 153 0.91 14.72 35.72
CA ALA C 153 2.03 14.29 34.90
C ALA C 153 3.37 14.47 35.60
N LEU C 154 3.38 15.04 36.80
CA LEU C 154 4.65 15.30 37.49
C LEU C 154 5.03 14.15 38.40
N GLN C 155 5.05 12.97 37.84
CA GLN C 155 5.44 11.78 38.55
C GLN C 155 6.86 11.39 38.16
N PRO C 156 7.55 10.61 39.00
CA PRO C 156 8.86 10.10 38.61
C PRO C 156 8.71 8.92 37.66
N GLY C 157 9.72 8.75 36.80
CA GLY C 157 9.73 7.63 35.88
C GLY C 157 9.53 6.29 36.54
N ARG C 158 9.82 6.18 37.84
CA ARG C 158 9.55 4.94 38.56
C ARG C 158 8.08 4.56 38.54
N ASN C 159 7.17 5.52 38.34
CA ASN C 159 5.74 5.30 38.41
C ASN C 159 5.14 4.84 37.08
N LEU C 160 5.98 4.51 36.08
CA LEU C 160 5.52 4.24 34.72
C LEU C 160 4.89 2.84 34.58
N VAL C 161 3.67 2.80 34.06
CA VAL C 161 3.00 1.53 33.81
C VAL C 161 3.48 0.87 32.51
N ALA C 162 3.92 1.67 31.52
CA ALA C 162 4.32 1.16 30.21
C ALA C 162 4.89 2.32 29.39
N ALA C 163 5.79 2.00 28.46
CA ALA C 163 6.42 3.01 27.62
C ALA C 163 6.99 2.33 26.39
N GLY C 164 7.48 3.13 25.45
CA GLY C 164 8.17 2.58 24.29
C GLY C 164 8.29 3.61 23.18
N TYR C 165 8.35 3.10 21.94
CA TYR C 165 8.49 3.99 20.79
C TYR C 165 8.14 3.28 19.50
N ALA C 166 7.84 4.08 18.48
CA ALA C 166 7.75 3.64 17.10
C ALA C 166 8.93 4.24 16.34
N LEU C 167 9.60 3.42 15.56
CA LEU C 167 10.73 3.88 14.77
C LEU C 167 10.32 3.87 13.31
N TYR C 168 10.28 5.05 12.68
CA TYR C 168 10.03 5.13 11.25
C TYR C 168 11.38 5.13 10.53
N GLY C 169 12.00 3.95 10.48
CA GLY C 169 13.28 3.77 9.81
C GLY C 169 13.12 3.08 8.48
N SER C 170 14.07 2.21 8.10
CA SER C 170 13.95 1.47 6.84
C SER C 170 12.71 0.59 6.85
N ALA C 171 12.27 0.14 8.02
CA ALA C 171 10.97 -0.43 8.28
C ALA C 171 10.43 0.23 9.54
N THR C 172 9.14 0.03 9.80
CA THR C 172 8.48 0.68 10.94
C THR C 172 8.25 -0.36 12.01
N MET C 173 8.75 -0.08 13.22
CA MET C 173 8.70 -1.04 14.31
C MET C 173 8.28 -0.35 15.59
N LEU C 174 7.39 -0.98 16.33
CA LEU C 174 7.00 -0.48 17.64
C LEU C 174 7.69 -1.32 18.70
N VAL C 175 8.36 -0.64 19.63
CA VAL C 175 8.99 -1.29 20.78
C VAL C 175 8.15 -1.01 22.00
N LEU C 176 7.81 -2.06 22.75
CA LEU C 176 6.82 -1.99 23.82
C LEU C 176 7.41 -2.53 25.12
N ALA C 177 7.37 -1.72 26.18
CA ALA C 177 7.99 -2.03 27.47
C ALA C 177 6.93 -1.94 28.57
N MET C 178 6.83 -3.00 29.36
CA MET C 178 5.95 -3.03 30.55
C MET C 178 6.64 -3.88 31.61
N ASP C 179 5.87 -4.36 32.60
CA ASP C 179 6.45 -5.18 33.66
C ASP C 179 6.97 -6.52 33.14
N CYS C 180 6.35 -7.10 32.11
CA CYS C 180 6.83 -8.38 31.59
C CYS C 180 8.04 -8.26 30.67
N GLY C 181 8.62 -7.07 30.51
CA GLY C 181 9.80 -6.87 29.67
C GLY C 181 9.53 -6.03 28.43
N VAL C 182 10.45 -6.13 27.47
CA VAL C 182 10.44 -5.36 26.22
C VAL C 182 10.16 -6.35 25.09
N ASN C 183 9.24 -5.99 24.19
CA ASN C 183 8.95 -6.78 22.99
C ASN C 183 8.89 -5.87 21.76
N CYS C 184 9.33 -6.41 20.61
CA CYS C 184 9.49 -5.62 19.38
C CYS C 184 8.53 -6.15 18.31
N PHE C 185 7.68 -5.26 17.79
CA PHE C 185 6.66 -5.64 16.81
C PHE C 185 6.94 -4.88 15.53
N MET C 186 7.05 -5.62 14.42
CA MET C 186 7.27 -5.02 13.12
C MET C 186 5.93 -4.77 12.43
N LEU C 187 5.81 -3.62 11.78
CA LEU C 187 4.60 -3.31 11.03
C LEU C 187 4.69 -4.00 9.67
N ASP C 188 3.65 -4.72 9.28
CA ASP C 188 3.56 -5.26 7.92
C ASP C 188 2.61 -4.36 7.13
N PRO C 189 3.11 -3.41 6.35
CA PRO C 189 2.21 -2.45 5.71
C PRO C 189 1.22 -3.06 4.72
N ALA C 190 1.43 -4.27 4.20
CA ALA C 190 0.41 -4.81 3.29
C ALA C 190 -0.90 -5.15 4.00
N ILE C 191 -0.88 -5.41 5.30
CA ILE C 191 -2.09 -5.79 6.00
C ILE C 191 -2.29 -4.94 7.25
N GLY C 192 -1.33 -4.05 7.54
CA GLY C 192 -1.45 -3.18 8.70
C GLY C 192 -1.53 -3.91 10.02
N GLU C 193 -0.65 -4.87 10.26
CA GLU C 193 -0.61 -5.57 11.53
C GLU C 193 0.80 -5.51 12.12
N PHE C 194 0.89 -5.34 13.43
CA PHE C 194 2.17 -5.29 14.12
C PHE C 194 2.54 -6.68 14.58
N ILE C 195 3.54 -7.28 13.93
CA ILE C 195 3.89 -8.68 14.14
C ILE C 195 5.00 -8.76 15.17
N LEU C 196 4.78 -9.50 16.26
CA LEU C 196 5.82 -9.68 17.28
C LEU C 196 6.99 -10.46 16.70
N VAL C 197 8.20 -9.89 16.75
CA VAL C 197 9.33 -10.49 16.03
C VAL C 197 10.52 -10.69 16.94
N ASP C 198 10.50 -10.12 18.13
CA ASP C 198 11.55 -10.42 19.10
C ASP C 198 10.95 -10.31 20.48
N LYS C 199 10.97 -11.42 21.23
CA LYS C 199 10.35 -11.54 22.53
C LYS C 199 11.36 -11.26 23.64
N ASP C 200 10.93 -10.45 24.62
CA ASP C 200 11.64 -10.26 25.90
C ASP C 200 13.11 -9.89 25.68
N VAL C 201 13.35 -8.93 24.79
CA VAL C 201 14.72 -8.65 24.36
C VAL C 201 15.53 -8.09 25.51
N LYS C 202 16.84 -8.39 25.50
CA LYS C 202 17.74 -7.88 26.51
C LYS C 202 19.00 -7.36 25.84
N ILE C 203 19.55 -6.27 26.36
CA ILE C 203 20.71 -5.64 25.74
C ILE C 203 21.98 -6.39 26.12
N LYS C 204 22.98 -6.33 25.25
CA LYS C 204 24.28 -6.94 25.54
C LYS C 204 24.90 -6.30 26.78
N LYS C 205 25.67 -7.11 27.52
CA LYS C 205 26.29 -6.63 28.76
C LYS C 205 27.27 -5.50 28.48
N LYS C 206 27.93 -5.52 27.32
CA LYS C 206 28.89 -4.49 26.92
C LYS C 206 29.00 -4.49 25.40
N GLY C 207 28.90 -3.31 24.80
CA GLY C 207 28.98 -3.14 23.36
C GLY C 207 30.28 -2.51 22.90
N LYS C 208 30.30 -2.17 21.60
CA LYS C 208 31.50 -1.67 20.92
C LYS C 208 31.23 -0.39 20.14
N ILE C 209 30.24 0.40 20.57
CA ILE C 209 29.82 1.60 19.85
C ILE C 209 29.50 2.70 20.86
N TYR C 210 29.93 3.92 20.54
CA TYR C 210 29.60 5.09 21.33
C TYR C 210 28.98 6.13 20.41
N SER C 211 27.98 6.84 20.93
CA SER C 211 27.13 7.68 20.10
C SER C 211 26.87 9.02 20.78
N LEU C 212 27.41 10.11 20.22
CA LEU C 212 27.11 11.45 20.73
C LEU C 212 27.56 12.51 19.71
N ASN C 213 27.06 13.73 19.88
CA ASN C 213 27.47 14.86 19.04
C ASN C 213 28.81 15.36 19.55
N GLU C 214 29.87 14.99 18.83
CA GLU C 214 31.23 15.35 19.20
C GLU C 214 31.62 16.75 18.73
N GLY C 215 30.84 17.37 17.83
CA GLY C 215 31.17 18.71 17.34
C GLY C 215 31.21 19.75 18.43
N TYR C 216 30.41 19.58 19.49
CA TYR C 216 30.42 20.47 20.64
C TYR C 216 31.50 20.10 21.69
N ALA C 217 32.55 19.38 21.28
CA ALA C 217 33.58 18.93 22.21
C ALA C 217 34.20 20.09 23.00
N ARG C 218 34.25 21.28 22.40
CA ARG C 218 34.81 22.45 23.06
C ARG C 218 34.10 22.79 24.37
N ASP C 219 32.87 22.34 24.56
CA ASP C 219 32.07 22.61 25.76
C ASP C 219 31.85 21.38 26.61
N PHE C 220 32.59 20.31 26.38
CA PHE C 220 32.36 19.07 27.10
C PHE C 220 32.73 19.21 28.57
N ASP C 221 31.91 18.63 29.43
CA ASP C 221 32.33 18.32 30.78
C ASP C 221 33.68 17.62 30.74
N PRO C 222 34.61 17.93 31.66
CA PRO C 222 35.86 17.16 31.70
C PRO C 222 35.63 15.66 31.87
N ALA C 223 34.51 15.27 32.49
CA ALA C 223 34.23 13.84 32.68
C ALA C 223 33.99 13.13 31.36
N VAL C 224 33.20 13.72 30.46
CA VAL C 224 32.93 13.00 29.22
C VAL C 224 34.10 13.14 28.25
N THR C 225 34.94 14.17 28.41
CA THR C 225 36.08 14.28 27.52
C THR C 225 37.15 13.25 27.86
N GLU C 226 37.21 12.80 29.12
CA GLU C 226 38.08 11.67 29.43
C GLU C 226 37.48 10.37 28.92
N TYR C 227 36.22 10.08 29.28
CA TYR C 227 35.61 8.83 28.83
C TYR C 227 35.63 8.70 27.31
N ILE C 228 35.31 9.78 26.59
CA ILE C 228 35.29 9.66 25.13
C ILE C 228 36.69 9.37 24.59
N GLN C 229 37.73 9.88 25.25
CA GLN C 229 39.09 9.52 24.83
C GLN C 229 39.43 8.09 25.22
N ARG C 230 38.82 7.56 26.29
CA ARG C 230 39.03 6.14 26.59
C ARG C 230 38.45 5.24 25.51
N LYS C 231 37.59 5.75 24.64
CA LYS C 231 36.97 4.89 23.64
C LYS C 231 37.78 4.88 22.35
N LYS C 232 38.48 5.99 22.07
CA LYS C 232 39.32 6.14 20.89
C LYS C 232 40.76 5.75 21.14
N PHE C 233 41.21 5.83 22.39
CA PHE C 233 42.56 5.42 22.78
C PHE C 233 42.45 4.55 24.03
N PRO C 234 41.97 3.31 23.90
CA PRO C 234 41.83 2.44 25.06
C PRO C 234 43.15 2.22 25.75
N PRO C 235 43.17 2.15 27.07
CA PRO C 235 44.43 2.04 27.81
C PRO C 235 45.00 0.62 27.79
N ASP C 236 44.11 -0.38 27.88
CA ASP C 236 44.52 -1.78 27.77
C ASP C 236 44.89 -2.18 26.35
N ASN C 237 44.91 -1.24 25.41
CA ASN C 237 45.16 -1.51 23.99
C ASN C 237 44.28 -2.66 23.50
N SER C 238 42.98 -2.57 23.82
CA SER C 238 41.97 -3.37 23.18
C SER C 238 41.43 -2.62 21.97
N ALA C 239 40.45 -3.18 21.29
CA ALA C 239 39.95 -2.55 20.07
C ALA C 239 39.20 -1.27 20.42
N PRO C 240 39.50 -0.15 19.78
CA PRO C 240 38.70 1.05 19.99
C PRO C 240 37.29 0.84 19.48
N TYR C 241 36.35 1.56 20.10
CA TYR C 241 34.95 1.51 19.72
C TYR C 241 34.75 2.19 18.38
N GLY C 242 33.63 1.86 17.74
CA GLY C 242 33.19 2.64 16.60
C GLY C 242 32.19 3.70 17.04
N ALA C 243 32.06 4.74 16.21
CA ALA C 243 31.14 5.83 16.50
C ALA C 243 29.99 5.85 15.51
N ARG C 244 28.79 6.15 16.01
CA ARG C 244 27.61 6.42 15.19
C ARG C 244 26.80 7.50 15.87
N TYR C 245 26.43 8.55 15.15
CA TYR C 245 25.44 9.49 15.67
C TYR C 245 24.48 9.87 14.54
N VAL C 246 23.21 9.51 14.71
CA VAL C 246 22.20 9.80 13.69
C VAL C 246 21.69 11.23 13.86
N GLY C 247 21.52 11.65 15.12
CA GLY C 247 20.90 12.92 15.46
C GLY C 247 19.47 12.77 15.87
N SER C 248 18.87 11.62 15.56
CA SER C 248 17.47 11.31 15.86
C SER C 248 17.52 10.36 17.05
N MET C 249 17.00 10.81 18.19
CA MET C 249 17.14 10.01 19.40
C MET C 249 16.60 8.59 19.21
N VAL C 250 15.37 8.45 18.71
CA VAL C 250 14.74 7.13 18.62
C VAL C 250 15.59 6.16 17.79
N ALA C 251 16.24 6.67 16.75
CA ALA C 251 17.11 5.83 15.93
C ALA C 251 18.39 5.46 16.67
N ASP C 252 19.09 6.45 17.26
CA ASP C 252 20.31 6.14 18.02
C ASP C 252 20.00 5.22 19.20
N VAL C 253 18.85 5.38 19.84
CA VAL C 253 18.56 4.54 21.01
C VAL C 253 18.19 3.12 20.57
N HIS C 254 17.41 2.99 19.50
CA HIS C 254 17.07 1.66 19.00
C HIS C 254 18.33 0.86 18.65
N ARG C 255 19.29 1.50 17.95
CA ARG C 255 20.57 0.86 17.66
C ARG C 255 21.29 0.40 18.91
N THR C 256 21.32 1.24 19.95
CA THR C 256 21.94 0.85 21.21
C THR C 256 21.25 -0.36 21.80
N LEU C 257 19.92 -0.43 21.72
CA LEU C 257 19.20 -1.59 22.24
C LEU C 257 19.51 -2.85 21.46
N VAL C 258 19.84 -2.73 20.19
CA VAL C 258 19.94 -3.91 19.32
C VAL C 258 21.39 -4.38 19.24
N TYR C 259 22.33 -3.46 19.09
CA TYR C 259 23.74 -3.80 18.95
C TYR C 259 24.55 -3.52 20.22
N GLY C 260 23.93 -3.01 21.29
CA GLY C 260 24.66 -2.70 22.49
C GLY C 260 25.49 -1.43 22.36
N GLY C 261 26.04 -1.01 23.49
CA GLY C 261 26.86 0.19 23.49
C GLY C 261 26.30 1.26 24.40
N ILE C 262 26.63 2.51 24.10
CA ILE C 262 26.33 3.64 24.98
C ILE C 262 25.89 4.80 24.11
N PHE C 263 24.89 5.55 24.59
CA PHE C 263 24.43 6.76 23.92
C PHE C 263 24.43 7.91 24.93
N LEU C 264 24.82 9.10 24.46
CA LEU C 264 25.13 10.23 25.34
C LEU C 264 24.51 11.52 24.83
N TYR C 265 23.85 12.27 25.73
CA TYR C 265 23.53 13.68 25.52
C TYR C 265 23.67 14.39 26.86
N PRO C 266 24.90 14.77 27.23
CA PRO C 266 25.19 15.06 28.65
C PRO C 266 24.99 16.51 29.06
N ALA C 267 25.28 16.79 30.33
CA ALA C 267 25.30 18.19 30.77
C ALA C 267 26.63 18.83 30.43
N ASN C 268 26.63 20.17 30.51
CA ASN C 268 27.82 21.00 30.35
C ASN C 268 27.46 22.42 30.72
N LYS C 269 27.35 23.29 29.71
CA LYS C 269 26.75 24.60 29.89
C LYS C 269 25.94 25.06 28.68
N LYS C 270 25.86 24.26 27.60
CA LYS C 270 24.73 24.38 26.68
C LYS C 270 23.42 24.28 27.44
N SER C 271 23.47 23.72 28.63
CA SER C 271 22.43 23.59 29.63
C SER C 271 23.06 22.82 30.78
N PRO C 272 23.01 23.35 32.00
CA PRO C 272 23.33 22.51 33.17
C PRO C 272 22.43 21.30 33.29
N ASN C 273 21.29 21.27 32.58
CA ASN C 273 20.37 20.15 32.62
C ASN C 273 20.22 19.48 31.25
N GLY C 274 21.25 19.58 30.40
CA GLY C 274 21.20 18.95 29.08
C GLY C 274 20.15 19.52 28.15
N LYS C 275 19.86 18.78 27.08
CA LYS C 275 18.96 19.24 26.03
C LYS C 275 17.65 18.48 25.99
N LEU C 276 17.69 17.15 25.97
CA LEU C 276 16.48 16.36 25.83
C LEU C 276 15.51 16.61 26.97
N ARG C 277 14.22 16.41 26.69
CA ARG C 277 13.15 16.61 27.66
C ARG C 277 12.90 15.34 28.46
N LEU C 278 12.58 15.50 29.75
CA LEU C 278 12.54 14.35 30.65
C LEU C 278 11.23 13.57 30.54
N LEU C 279 10.10 14.25 30.36
CA LEU C 279 8.82 13.54 30.53
C LEU C 279 8.53 12.61 29.36
N TYR C 280 8.93 12.98 28.15
CA TYR C 280 8.50 12.28 26.95
C TYR C 280 9.67 11.93 26.02
N GLU C 281 10.91 12.17 26.44
CA GLU C 281 12.04 11.64 25.70
C GLU C 281 12.88 10.78 26.63
N CYS C 282 13.55 11.37 27.65
CA CYS C 282 14.49 10.60 28.47
C CYS C 282 13.81 9.50 29.27
N ASN C 283 12.67 9.81 29.88
CA ASN C 283 12.03 8.84 30.77
C ASN C 283 11.55 7.61 30.03
N PRO C 284 10.79 7.71 28.92
CA PRO C 284 10.41 6.49 28.20
C PRO C 284 11.61 5.66 27.79
N MET C 285 12.69 6.31 27.36
CA MET C 285 13.88 5.58 26.94
C MET C 285 14.64 4.99 28.12
N ALA C 286 14.56 5.61 29.31
CA ALA C 286 15.17 5.03 30.50
C ALA C 286 14.41 3.80 30.96
N TYR C 287 13.08 3.85 30.88
CA TYR C 287 12.28 2.69 31.22
C TYR C 287 12.58 1.54 30.27
N VAL C 288 12.55 1.81 28.96
CA VAL C 288 12.80 0.76 27.99
C VAL C 288 14.13 0.08 28.28
N MET C 289 15.15 0.89 28.56
CA MET C 289 16.48 0.34 28.80
C MET C 289 16.50 -0.56 30.03
N GLU C 290 15.89 -0.10 31.14
CA GLU C 290 15.99 -0.82 32.41
C GLU C 290 15.21 -2.13 32.37
N LYS C 291 14.09 -2.15 31.65
CA LYS C 291 13.38 -3.40 31.43
C LYS C 291 14.14 -4.32 30.50
N ALA C 292 15.11 -3.78 29.76
CA ALA C 292 15.91 -4.56 28.84
C ALA C 292 17.25 -4.97 29.44
N GLY C 293 17.48 -4.67 30.71
CA GLY C 293 18.73 -5.03 31.33
C GLY C 293 19.82 -3.99 31.20
N GLY C 294 19.48 -2.77 30.78
CA GLY C 294 20.43 -1.70 30.62
C GLY C 294 20.36 -0.70 31.76
N MET C 295 20.91 0.49 31.50
CA MET C 295 20.92 1.56 32.49
C MET C 295 20.63 2.91 31.85
N ALA C 296 20.30 3.88 32.70
CA ALA C 296 20.06 5.25 32.24
C ALA C 296 20.32 6.23 33.38
N THR C 297 21.36 7.05 33.26
CA THR C 297 21.75 7.98 34.32
C THR C 297 21.72 9.43 33.83
N THR C 298 21.54 10.37 34.77
CA THR C 298 21.80 11.78 34.48
C THR C 298 23.25 12.16 34.72
N GLY C 299 24.06 11.23 35.22
CA GLY C 299 25.34 11.57 35.80
C GLY C 299 25.18 11.53 37.30
N LYS C 300 24.27 12.36 37.82
CA LYS C 300 24.03 12.45 39.26
C LYS C 300 23.21 11.26 39.77
N GLU C 301 22.12 10.90 39.09
CA GLU C 301 21.24 9.85 39.59
C GLU C 301 20.64 9.11 38.41
N ALA C 302 19.84 8.09 38.72
CA ALA C 302 19.14 7.34 37.69
C ALA C 302 17.94 8.14 37.18
N VAL C 303 17.91 8.37 35.88
CA VAL C 303 16.85 9.08 35.17
C VAL C 303 15.47 8.86 35.78
N LEU C 304 15.09 7.59 35.95
CA LEU C 304 13.75 7.23 36.42
C LEU C 304 13.49 7.65 37.88
N ASP C 305 14.46 8.26 38.57
CA ASP C 305 14.28 8.72 39.95
C ASP C 305 14.12 10.23 40.07
N VAL C 306 14.39 11.00 39.01
CA VAL C 306 14.16 12.43 39.04
C VAL C 306 12.68 12.68 39.24
N ILE C 307 12.34 13.56 40.18
CA ILE C 307 10.95 13.96 40.39
C ILE C 307 10.77 15.30 39.66
N PRO C 308 9.97 15.36 38.60
CA PRO C 308 9.88 16.62 37.84
C PRO C 308 9.08 17.68 38.58
N THR C 309 9.44 18.93 38.28
CA THR C 309 8.68 20.10 38.68
C THR C 309 8.10 20.86 37.50
N ASP C 310 8.62 20.64 36.28
CA ASP C 310 8.04 21.21 35.06
C ASP C 310 7.86 20.11 34.02
N ILE C 311 6.72 20.12 33.31
CA ILE C 311 6.46 19.08 32.33
C ILE C 311 7.44 19.15 31.17
N HIS C 312 7.86 20.35 30.76
CA HIS C 312 8.81 20.50 29.67
C HIS C 312 10.24 20.65 30.14
N GLN C 313 10.58 20.17 31.34
CA GLN C 313 11.93 20.40 31.83
C GLN C 313 12.90 19.43 31.16
N ARG C 314 14.18 19.80 31.20
CA ARG C 314 15.23 19.05 30.52
C ARG C 314 16.03 18.20 31.51
N ALA C 315 16.68 17.18 30.96
CA ALA C 315 17.47 16.27 31.75
C ALA C 315 18.61 15.74 30.90
N PRO C 316 19.78 15.56 31.50
CA PRO C 316 20.88 14.90 30.80
C PRO C 316 20.62 13.42 30.76
N VAL C 317 21.18 12.74 29.76
CA VAL C 317 20.94 11.30 29.61
C VAL C 317 22.21 10.62 29.13
N ILE C 318 22.58 9.55 29.81
CA ILE C 318 23.62 8.61 29.42
C ILE C 318 23.05 7.22 29.62
N LEU C 319 22.89 6.45 28.53
CA LEU C 319 22.19 5.18 28.61
C LEU C 319 22.88 4.14 27.74
N GLY C 320 22.44 2.89 27.91
CA GLY C 320 22.95 1.79 27.12
C GLY C 320 23.31 0.53 27.88
N SER C 321 24.36 -0.14 27.42
CA SER C 321 24.81 -1.39 28.02
C SER C 321 25.35 -1.14 29.42
N PRO C 322 25.10 -2.05 30.38
CA PRO C 322 25.35 -1.71 31.80
C PRO C 322 26.82 -1.57 32.14
N ASP C 323 27.70 -2.44 31.62
CA ASP C 323 29.13 -2.27 31.81
C ASP C 323 29.58 -0.91 31.31
N ASP C 324 29.10 -0.50 30.14
CA ASP C 324 29.55 0.77 29.55
C ASP C 324 29.16 1.94 30.43
N VAL C 325 27.97 1.91 31.00
CA VAL C 325 27.45 3.06 31.73
C VAL C 325 28.10 3.16 33.10
N LEU C 326 28.32 2.02 33.76
CA LEU C 326 29.09 2.02 35.00
C LEU C 326 30.49 2.56 34.76
N GLU C 327 31.10 2.21 33.63
CA GLU C 327 32.42 2.72 33.30
C GLU C 327 32.38 4.24 33.11
N PHE C 328 31.33 4.77 32.49
CA PHE C 328 31.21 6.23 32.42
C PHE C 328 31.03 6.82 33.81
N LEU C 329 30.17 6.20 34.62
CA LEU C 329 29.91 6.69 35.96
C LEU C 329 31.21 6.83 36.75
N LYS C 330 32.09 5.83 36.70
CA LYS C 330 33.32 5.93 37.49
C LYS C 330 34.16 7.11 37.04
N VAL C 331 34.31 7.29 35.72
CA VAL C 331 35.01 8.45 35.22
C VAL C 331 34.35 9.74 35.73
N TYR C 332 33.03 9.72 35.85
CA TYR C 332 32.31 10.88 36.37
C TYR C 332 32.44 10.97 37.90
N GLU C 333 32.39 9.83 38.60
CA GLU C 333 32.64 9.84 40.03
C GLU C 333 34.03 10.38 40.33
N LYS C 334 35.01 10.09 39.47
CA LYS C 334 36.37 10.57 39.71
C LYS C 334 36.42 12.09 39.65
N HIS C 335 35.85 12.68 38.60
CA HIS C 335 35.94 14.12 38.39
C HIS C 335 35.07 14.94 39.36
N SER C 336 34.42 14.29 40.32
CA SER C 336 33.74 15.05 41.39
C SER C 336 33.98 14.41 42.75
N ALA C 337 33.10 14.70 43.69
N ASP D 10 3.20 22.07 -13.32
CA ASP D 10 2.62 20.76 -13.62
C ASP D 10 3.42 19.65 -12.97
N VAL D 11 2.70 18.71 -12.34
CA VAL D 11 3.35 17.51 -11.82
C VAL D 11 4.20 16.87 -12.92
N ASN D 12 5.34 16.31 -12.53
CA ASN D 12 6.20 15.57 -13.43
C ASN D 12 6.55 14.23 -12.79
N THR D 13 7.09 13.30 -13.57
CA THR D 13 7.52 12.04 -13.01
C THR D 13 8.89 11.65 -13.56
N LEU D 14 9.40 10.52 -13.07
CA LEU D 14 10.69 10.02 -13.55
C LEU D 14 10.59 9.57 -15.00
N THR D 15 9.54 8.80 -15.34
CA THR D 15 9.36 8.33 -16.71
C THR D 15 9.19 9.48 -17.70
N ARG D 16 8.38 10.47 -17.36
CA ARG D 16 8.14 11.56 -18.30
C ARG D 16 9.37 12.46 -18.40
N PHE D 17 10.06 12.70 -17.28
CA PHE D 17 11.23 13.56 -17.32
C PHE D 17 12.33 12.94 -18.18
N VAL D 18 12.59 11.65 -18.00
CA VAL D 18 13.68 11.02 -18.73
C VAL D 18 13.30 10.76 -20.19
N MET D 19 12.01 10.51 -20.47
CA MET D 19 11.64 10.25 -21.86
C MET D 19 11.69 11.51 -22.70
N GLU D 20 11.57 12.67 -22.07
CA GLU D 20 11.59 13.93 -22.81
C GLU D 20 13.03 14.37 -23.06
N GLU D 21 13.91 14.26 -22.06
CA GLU D 21 15.33 14.49 -22.30
C GLU D 21 15.86 13.59 -23.41
N GLY D 22 15.35 12.36 -23.49
CA GLY D 22 15.85 11.45 -24.49
C GLY D 22 15.34 11.74 -25.88
N ARG D 23 14.08 12.18 -25.98
CA ARG D 23 13.56 12.61 -27.27
C ARG D 23 14.23 13.89 -27.74
N LYS D 24 14.48 14.81 -26.80
CA LYS D 24 15.21 16.05 -27.13
C LYS D 24 16.58 15.73 -27.70
N ALA D 25 17.28 14.77 -27.11
CA ALA D 25 18.60 14.36 -27.61
C ALA D 25 18.52 13.54 -28.89
N ARG D 26 17.31 13.18 -29.33
CA ARG D 26 17.14 12.34 -30.51
C ARG D 26 17.91 11.02 -30.34
N GLY D 27 17.86 10.49 -29.13
CA GLY D 27 18.59 9.29 -28.81
C GLY D 27 17.84 8.06 -29.26
N THR D 28 18.32 6.92 -28.80
CA THR D 28 17.61 5.67 -29.03
C THR D 28 16.71 5.26 -27.88
N GLY D 29 16.57 6.05 -26.78
CA GLY D 29 15.66 5.41 -25.83
C GLY D 29 16.17 4.16 -25.10
N GLU D 30 17.41 3.73 -25.33
CA GLU D 30 17.97 2.59 -24.60
C GLU D 30 18.31 2.97 -23.16
N LEU D 31 18.84 4.18 -22.96
CA LEU D 31 19.08 4.69 -21.61
C LEU D 31 17.78 4.79 -20.81
N THR D 32 16.68 5.18 -21.48
CA THR D 32 15.37 5.22 -20.82
C THR D 32 14.91 3.82 -20.42
N GLN D 33 15.11 2.83 -21.31
CA GLN D 33 14.78 1.45 -20.98
C GLN D 33 15.56 0.98 -19.76
N LEU D 34 16.82 1.36 -19.66
CA LEU D 34 17.60 1.01 -18.47
C LEU D 34 17.00 1.67 -17.24
N LEU D 35 16.76 2.97 -17.32
CA LEU D 35 16.27 3.70 -16.15
C LEU D 35 14.87 3.23 -15.74
N ASN D 36 13.97 2.99 -16.69
CA ASN D 36 12.64 2.51 -16.30
C ASN D 36 12.74 1.15 -15.63
N SER D 37 13.59 0.28 -16.16
CA SER D 37 13.74 -1.03 -15.57
C SER D 37 14.37 -0.94 -14.18
N LEU D 38 15.30 -0.01 -14.00
CA LEU D 38 15.93 0.17 -12.70
C LEU D 38 14.95 0.75 -11.69
N CYS D 39 14.02 1.60 -12.16
CA CYS D 39 13.00 2.16 -11.27
C CYS D 39 12.04 1.09 -10.77
N THR D 40 11.67 0.15 -11.64
CA THR D 40 10.91 -1.01 -11.19
C THR D 40 11.64 -1.71 -10.05
N ALA D 41 12.90 -2.07 -10.27
CA ALA D 41 13.67 -2.76 -9.25
C ALA D 41 13.74 -1.96 -7.96
N VAL D 42 13.89 -0.62 -8.04
CA VAL D 42 13.92 0.18 -6.81
C VAL D 42 12.60 0.07 -6.05
N LYS D 43 11.47 0.04 -6.76
CA LYS D 43 10.18 0.02 -6.08
C LYS D 43 9.93 -1.30 -5.37
N ALA D 44 10.40 -2.41 -5.94
CA ALA D 44 10.24 -3.69 -5.24
C ALA D 44 11.19 -3.80 -4.07
N ILE D 45 12.40 -3.25 -4.21
CA ILE D 45 13.33 -3.24 -3.07
C ILE D 45 12.73 -2.43 -1.92
N SER D 46 12.15 -1.28 -2.26
CA SER D 46 11.48 -0.48 -1.23
C SER D 46 10.41 -1.29 -0.53
N SER D 47 9.55 -1.96 -1.32
CA SER D 47 8.47 -2.75 -0.73
C SER D 47 9.02 -3.81 0.22
N ALA D 48 10.07 -4.51 -0.19
CA ALA D 48 10.60 -5.57 0.66
C ALA D 48 11.32 -4.99 1.89
N VAL D 49 12.00 -3.85 1.72
CA VAL D 49 12.72 -3.26 2.85
C VAL D 49 11.73 -2.77 3.92
N ARG D 50 10.56 -2.29 3.50
CA ARG D 50 9.55 -1.85 4.47
C ARG D 50 8.78 -3.02 5.07
N LYS D 51 9.05 -4.26 4.60
CA LYS D 51 8.54 -5.52 5.16
C LYS D 51 7.09 -5.77 4.77
N ALA D 52 6.73 -5.50 3.51
CA ALA D 52 5.35 -5.64 3.06
C ALA D 52 4.84 -7.09 2.96
N GLY D 53 5.63 -8.10 3.25
CA GLY D 53 4.99 -9.40 3.36
C GLY D 53 5.43 -10.19 4.58
N ILE D 54 6.03 -9.50 5.56
CA ILE D 54 6.75 -10.19 6.63
C ILE D 54 5.83 -11.15 7.39
N ALA D 55 4.54 -10.83 7.50
CA ALA D 55 3.60 -11.67 8.24
C ALA D 55 3.56 -13.09 7.69
N HIS D 56 3.75 -13.24 6.37
CA HIS D 56 3.76 -14.57 5.78
C HIS D 56 5.02 -15.34 6.15
N LEU D 57 6.12 -14.64 6.37
CA LEU D 57 7.31 -15.32 6.84
C LEU D 57 7.15 -15.78 8.27
N TYR D 58 6.26 -15.16 9.04
CA TYR D 58 6.03 -15.56 10.43
C TYR D 58 4.81 -16.44 10.58
N GLY D 59 4.24 -16.93 9.48
CA GLY D 59 3.33 -18.06 9.54
C GLY D 59 1.83 -17.78 9.48
N ILE D 60 1.39 -16.58 9.08
CA ILE D 60 -0.05 -16.31 9.18
C ILE D 60 -0.86 -17.29 8.33
N ALA D 61 -0.26 -17.88 7.30
CA ALA D 61 -0.95 -18.86 6.48
C ALA D 61 -0.52 -20.30 6.74
N GLY D 62 0.12 -20.56 7.89
CA GLY D 62 0.68 -21.87 8.14
C GLY D 62 2.19 -21.96 7.91
N SER D 63 2.63 -21.83 6.65
CA SER D 63 4.06 -21.89 6.30
C SER D 63 4.86 -20.78 7.00
N LYS D 73 18.84 -12.15 3.38
CA LYS D 73 18.23 -12.44 2.10
C LYS D 73 17.86 -11.14 1.41
N LEU D 74 17.66 -10.08 2.20
CA LEU D 74 17.22 -8.80 1.64
C LEU D 74 18.20 -8.26 0.62
N ASP D 75 19.50 -8.31 0.92
CA ASP D 75 20.43 -7.81 -0.08
C ASP D 75 20.61 -8.81 -1.21
N VAL D 76 20.50 -10.10 -0.91
CA VAL D 76 20.48 -11.12 -1.94
C VAL D 76 19.33 -10.87 -2.91
N LEU D 77 18.14 -10.57 -2.36
CA LEU D 77 16.97 -10.32 -3.20
C LEU D 77 17.07 -8.98 -3.93
N SER D 78 17.73 -7.99 -3.34
CA SER D 78 17.93 -6.72 -4.03
C SER D 78 18.82 -6.90 -5.25
N ASN D 79 19.93 -7.61 -5.07
CA ASN D 79 20.79 -7.96 -6.18
C ASN D 79 20.02 -8.73 -7.25
N ASP D 80 19.24 -9.75 -6.86
CA ASP D 80 18.45 -10.49 -7.84
C ASP D 80 17.52 -9.55 -8.59
N LEU D 81 16.88 -8.61 -7.88
CA LEU D 81 15.98 -7.67 -8.51
C LEU D 81 16.71 -6.79 -9.53
N VAL D 82 17.85 -6.21 -9.15
CA VAL D 82 18.56 -5.32 -10.07
C VAL D 82 19.15 -6.09 -11.25
N MET D 83 19.77 -7.24 -10.98
CA MET D 83 20.37 -8.02 -12.05
C MET D 83 19.33 -8.45 -13.08
N ASN D 84 18.16 -8.86 -12.64
CA ASN D 84 17.19 -9.35 -13.61
C ASN D 84 16.46 -8.21 -14.33
N MET D 85 16.18 -7.10 -13.63
CA MET D 85 15.56 -5.97 -14.30
C MET D 85 16.50 -5.35 -15.33
N LEU D 86 17.79 -5.24 -15.01
CA LEU D 86 18.72 -4.63 -15.96
C LEU D 86 18.91 -5.50 -17.18
N LYS D 87 19.02 -6.82 -17.00
CA LYS D 87 19.22 -7.71 -18.14
C LYS D 87 18.06 -7.60 -19.13
N SER D 88 16.82 -7.58 -18.61
CA SER D 88 15.66 -7.59 -19.49
C SER D 88 15.35 -6.23 -20.10
N SER D 89 16.07 -5.17 -19.71
CA SER D 89 15.90 -3.86 -20.38
C SER D 89 16.43 -3.88 -21.80
N PHE D 90 17.29 -4.84 -22.13
CA PHE D 90 17.94 -4.93 -23.44
C PHE D 90 18.90 -3.77 -23.65
N ALA D 91 19.41 -3.19 -22.55
CA ALA D 91 20.24 -1.99 -22.62
C ALA D 91 21.62 -2.16 -22.00
N THR D 92 21.95 -3.32 -21.44
CA THR D 92 23.23 -3.48 -20.77
C THR D 92 24.02 -4.62 -21.39
N CYS D 93 25.34 -4.61 -21.16
CA CYS D 93 26.18 -5.71 -21.63
C CYS D 93 27.15 -6.19 -20.56
N VAL D 94 27.53 -5.33 -19.63
CA VAL D 94 28.46 -5.68 -18.55
C VAL D 94 27.87 -5.13 -17.24
N LEU D 95 27.72 -5.99 -16.23
CA LEU D 95 27.08 -5.63 -14.97
C LEU D 95 28.04 -5.91 -13.83
N VAL D 96 28.34 -4.87 -13.03
CA VAL D 96 29.28 -5.00 -11.91
C VAL D 96 28.52 -4.72 -10.63
N SER D 97 28.56 -5.67 -9.70
CA SER D 97 27.76 -5.61 -8.48
C SER D 97 28.64 -5.89 -7.28
N GLU D 98 28.36 -5.18 -6.19
CA GLU D 98 29.02 -5.46 -4.93
C GLU D 98 28.84 -6.93 -4.53
N GLU D 99 27.69 -7.54 -4.85
CA GLU D 99 27.46 -8.92 -4.42
C GLU D 99 28.30 -9.93 -5.18
N ASP D 100 28.68 -9.65 -6.42
CA ASP D 100 29.29 -10.64 -7.32
C ASP D 100 30.80 -10.43 -7.45
N LYS D 101 31.53 -11.54 -7.45
CA LYS D 101 32.99 -11.47 -7.47
C LYS D 101 33.51 -10.96 -8.82
N HIS D 102 32.95 -11.46 -9.91
CA HIS D 102 33.31 -11.02 -11.25
C HIS D 102 32.17 -10.23 -11.85
N ALA D 103 32.47 -9.47 -12.90
CA ALA D 103 31.44 -8.91 -13.75
C ALA D 103 30.56 -10.02 -14.30
N ILE D 104 29.26 -9.71 -14.45
CA ILE D 104 28.35 -10.55 -15.21
C ILE D 104 28.23 -9.99 -16.62
N ILE D 105 28.29 -10.89 -17.60
CA ILE D 105 28.24 -10.54 -19.03
C ILE D 105 26.88 -10.97 -19.58
N VAL D 106 26.08 -10.00 -20.03
CA VAL D 106 24.73 -10.29 -20.53
C VAL D 106 24.80 -11.13 -21.78
N GLU D 107 23.96 -12.16 -21.86
CA GLU D 107 23.98 -13.08 -23.00
C GLU D 107 23.59 -12.35 -24.29
N PRO D 108 24.11 -12.82 -25.44
CA PRO D 108 23.93 -12.08 -26.71
C PRO D 108 22.52 -11.60 -27.02
N GLU D 109 21.49 -12.42 -26.78
CA GLU D 109 20.15 -12.04 -27.21
C GLU D 109 19.56 -10.86 -26.44
N LYS D 110 20.13 -10.50 -25.29
CA LYS D 110 19.60 -9.40 -24.50
C LYS D 110 20.55 -8.21 -24.41
N ARG D 111 21.54 -8.14 -25.30
CA ARG D 111 22.71 -7.30 -25.07
C ARG D 111 22.50 -5.87 -25.57
N GLY D 112 22.83 -4.90 -24.71
CA GLY D 112 22.78 -3.50 -25.08
C GLY D 112 24.10 -2.81 -24.79
N LYS D 113 24.15 -1.50 -25.08
CA LYS D 113 25.43 -0.79 -25.12
C LYS D 113 25.92 -0.27 -23.76
N TYR D 114 25.17 -0.40 -22.67
CA TYR D 114 25.57 0.26 -21.42
C TYR D 114 26.18 -0.71 -20.40
N VAL D 115 27.07 -0.15 -19.58
CA VAL D 115 27.73 -0.83 -18.48
C VAL D 115 27.23 -0.19 -17.20
N VAL D 116 26.78 -1.00 -16.25
CA VAL D 116 26.25 -0.53 -14.98
C VAL D 116 27.11 -1.11 -13.85
N CYS D 117 27.42 -0.27 -12.88
CA CYS D 117 28.08 -0.72 -11.65
C CYS D 117 27.18 -0.33 -10.49
N PHE D 118 26.86 -1.27 -9.59
CA PHE D 118 25.89 -0.92 -8.57
C PHE D 118 26.12 -1.61 -7.22
N ASP D 119 25.63 -0.95 -6.17
CA ASP D 119 25.54 -1.57 -4.84
C ASP D 119 24.06 -1.75 -4.54
N PRO D 120 23.53 -2.98 -4.61
CA PRO D 120 22.07 -3.14 -4.61
C PRO D 120 21.41 -2.77 -3.31
N LEU D 121 22.09 -2.97 -2.16
CA LEU D 121 21.53 -2.50 -0.88
C LEU D 121 22.65 -2.09 0.10
N ASP D 122 23.20 -0.90 -0.12
CA ASP D 122 24.30 -0.44 0.71
C ASP D 122 23.84 -0.09 2.13
N GLY D 123 24.75 -0.22 3.10
CA GLY D 123 24.41 -0.08 4.49
C GLY D 123 23.73 -1.29 5.09
N SER D 124 23.52 -2.35 4.30
CA SER D 124 22.80 -3.56 4.72
C SER D 124 23.36 -4.21 5.98
N SER D 125 24.64 -3.96 6.32
CA SER D 125 25.24 -4.58 7.51
C SER D 125 24.41 -4.32 8.77
N ASN D 126 23.81 -3.13 8.86
CA ASN D 126 23.07 -2.75 10.06
C ASN D 126 21.56 -2.66 9.81
N ILE D 127 21.06 -3.45 8.84
CA ILE D 127 19.62 -3.51 8.63
C ILE D 127 18.91 -4.07 9.87
N ASP D 128 19.65 -4.75 10.76
CA ASP D 128 19.08 -5.21 12.02
C ASP D 128 18.57 -4.05 12.87
N CYS D 129 19.24 -2.91 12.87
CA CYS D 129 18.79 -1.82 13.71
C CYS D 129 17.87 -0.86 12.97
N LEU D 130 17.40 -1.23 11.77
CA LEU D 130 16.47 -0.44 10.94
C LEU D 130 17.09 0.88 10.48
N VAL D 131 18.42 0.91 10.43
CA VAL D 131 19.13 2.05 9.86
C VAL D 131 18.73 2.25 8.39
N SER D 132 18.81 3.49 7.93
CA SER D 132 18.61 3.79 6.52
C SER D 132 19.63 3.03 5.68
N VAL D 133 19.15 2.50 4.54
CA VAL D 133 20.00 1.84 3.54
C VAL D 133 19.63 2.39 2.16
N GLY D 134 20.26 1.86 1.12
CA GLY D 134 20.02 2.46 -0.18
C GLY D 134 20.57 1.64 -1.32
N THR D 135 20.37 2.17 -2.54
CA THR D 135 20.86 1.57 -3.77
C THR D 135 21.62 2.60 -4.58
N ILE D 136 22.89 2.31 -4.90
CA ILE D 136 23.80 3.22 -5.60
C ILE D 136 24.09 2.66 -6.99
N PHE D 137 24.15 3.53 -7.99
CA PHE D 137 24.38 3.02 -9.34
C PHE D 137 25.11 4.08 -10.16
N GLY D 138 25.84 3.61 -11.16
CA GLY D 138 26.51 4.49 -12.12
C GLY D 138 26.60 3.84 -13.48
N ILE D 139 26.40 4.60 -14.55
CA ILE D 139 26.19 4.04 -15.88
C ILE D 139 27.22 4.60 -16.87
N TYR D 140 27.93 3.69 -17.57
CA TYR D 140 28.89 4.04 -18.61
C TYR D 140 28.43 3.54 -19.97
N ARG D 141 28.83 4.24 -21.01
CA ARG D 141 28.66 3.74 -22.37
C ARG D 141 29.85 2.84 -22.72
N LYS D 142 29.57 1.73 -23.39
CA LYS D 142 30.62 0.85 -23.90
C LYS D 142 31.01 1.35 -25.28
N LYS D 143 32.28 1.72 -25.46
CA LYS D 143 32.72 2.36 -26.69
C LYS D 143 33.11 1.36 -27.77
N SER D 144 33.98 0.42 -27.44
CA SER D 144 34.64 -0.41 -28.44
C SER D 144 33.66 -1.34 -29.14
N THR D 145 34.21 -2.10 -30.09
CA THR D 145 33.49 -3.08 -30.88
C THR D 145 33.73 -4.51 -30.40
N ASP D 146 34.67 -4.71 -29.48
CA ASP D 146 35.03 -6.03 -29.02
C ASP D 146 33.84 -6.75 -28.37
N GLU D 147 34.03 -8.04 -28.13
CA GLU D 147 33.13 -8.78 -27.26
C GLU D 147 33.15 -8.12 -25.88
N PRO D 148 32.00 -7.96 -25.23
CA PRO D 148 32.00 -7.41 -23.86
C PRO D 148 32.88 -8.21 -22.91
N SER D 149 33.39 -7.53 -21.90
CA SER D 149 34.40 -8.04 -20.98
C SER D 149 34.38 -7.22 -19.70
N GLU D 150 34.85 -7.84 -18.62
CA GLU D 150 35.00 -7.15 -17.34
C GLU D 150 35.79 -5.86 -17.48
N LYS D 151 36.73 -5.79 -18.44
CA LYS D 151 37.56 -4.60 -18.61
C LYS D 151 36.76 -3.38 -19.05
N ASP D 152 35.65 -3.59 -19.78
CA ASP D 152 34.81 -2.46 -20.17
C ASP D 152 34.33 -1.63 -18.99
N ALA D 153 34.33 -2.18 -17.77
CA ALA D 153 33.92 -1.44 -16.60
C ALA D 153 35.05 -0.68 -15.91
N LEU D 154 36.30 -0.90 -16.35
CA LEU D 154 37.45 -0.21 -15.78
C LEU D 154 37.61 1.18 -16.41
N GLN D 155 36.65 2.03 -16.14
CA GLN D 155 36.61 3.36 -16.70
C GLN D 155 36.72 4.42 -15.60
N PRO D 156 37.39 5.54 -15.85
CA PRO D 156 37.36 6.64 -14.88
C PRO D 156 35.93 7.15 -14.72
N GLY D 157 35.64 7.68 -13.54
CA GLY D 157 34.31 8.17 -13.26
C GLY D 157 33.90 9.36 -14.11
N ARG D 158 34.86 10.06 -14.72
CA ARG D 158 34.48 11.15 -15.63
C ARG D 158 33.91 10.61 -16.93
N ASN D 159 33.87 9.30 -17.10
CA ASN D 159 33.19 8.74 -18.26
C ASN D 159 31.73 8.46 -18.01
N LEU D 160 31.22 8.79 -16.81
CA LEU D 160 29.83 8.53 -16.48
C LEU D 160 28.90 9.33 -17.38
N VAL D 161 27.86 8.68 -17.89
CA VAL D 161 26.78 9.39 -18.53
C VAL D 161 25.59 9.65 -17.60
N ALA D 162 25.48 8.91 -16.49
CA ALA D 162 24.42 9.09 -15.51
C ALA D 162 24.78 8.31 -14.26
N ALA D 163 24.43 8.85 -13.10
CA ALA D 163 24.62 8.13 -11.86
C ALA D 163 23.60 8.63 -10.85
N GLY D 164 23.43 7.91 -9.75
CA GLY D 164 22.48 8.35 -8.74
C GLY D 164 22.28 7.29 -7.66
N TYR D 165 21.25 7.50 -6.85
CA TYR D 165 20.96 6.56 -5.79
C TYR D 165 19.48 6.60 -5.40
N ALA D 166 19.05 5.52 -4.76
CA ALA D 166 17.75 5.45 -4.10
C ALA D 166 17.97 5.34 -2.60
N LEU D 167 17.33 6.23 -1.84
CA LEU D 167 17.49 6.24 -0.39
C LEU D 167 16.21 5.71 0.26
N TYR D 168 16.32 4.57 0.94
CA TYR D 168 15.20 4.06 1.74
C TYR D 168 15.37 4.58 3.16
N GLY D 169 14.85 5.80 3.38
CA GLY D 169 14.84 6.43 4.68
C GLY D 169 13.44 6.54 5.25
N SER D 170 13.14 7.63 5.96
CA SER D 170 11.78 7.84 6.41
C SER D 170 10.81 7.80 5.23
N ALA D 171 11.21 8.34 4.09
CA ALA D 171 10.58 7.98 2.82
C ALA D 171 11.64 7.46 1.85
N THR D 172 11.17 6.95 0.72
CA THR D 172 12.04 6.45 -0.33
C THR D 172 12.16 7.52 -1.40
N MET D 173 13.39 7.85 -1.80
CA MET D 173 13.65 8.90 -2.77
C MET D 173 14.76 8.49 -3.72
N LEU D 174 14.57 8.84 -4.99
CA LEU D 174 15.50 8.58 -6.07
C LEU D 174 16.18 9.88 -6.47
N VAL D 175 17.50 9.88 -6.44
CA VAL D 175 18.30 11.03 -6.84
C VAL D 175 19.08 10.63 -8.07
N LEU D 176 18.91 11.39 -9.15
CA LEU D 176 19.41 11.03 -10.47
C LEU D 176 20.20 12.19 -11.06
N ALA D 177 21.48 11.95 -11.33
CA ALA D 177 22.38 12.93 -11.93
C ALA D 177 22.70 12.51 -13.36
N MET D 178 22.66 13.50 -14.25
CA MET D 178 23.04 13.37 -15.67
C MET D 178 23.79 14.65 -16.03
N ASP D 179 24.18 14.78 -17.30
CA ASP D 179 24.92 15.99 -17.62
C ASP D 179 24.05 17.23 -17.57
N CYS D 180 22.73 17.09 -17.47
CA CYS D 180 21.82 18.21 -17.34
C CYS D 180 21.57 18.64 -15.90
N GLY D 181 22.13 17.94 -14.90
CA GLY D 181 22.00 18.37 -13.52
C GLY D 181 21.43 17.27 -12.62
N VAL D 182 21.21 17.61 -11.36
CA VAL D 182 20.72 16.65 -10.36
C VAL D 182 19.25 16.93 -10.11
N ASN D 183 18.40 15.91 -10.21
CA ASN D 183 16.99 16.02 -9.83
C ASN D 183 16.62 14.94 -8.80
N CYS D 184 15.57 15.20 -8.04
CA CYS D 184 15.19 14.33 -6.91
C CYS D 184 13.71 13.98 -6.98
N PHE D 185 13.42 12.68 -6.93
CA PHE D 185 12.09 12.14 -7.16
C PHE D 185 11.65 11.38 -5.92
N MET D 186 10.49 11.77 -5.35
CA MET D 186 9.92 11.11 -4.19
C MET D 186 8.97 9.98 -4.61
N LEU D 187 9.13 8.80 -4.00
CA LEU D 187 8.25 7.66 -4.29
C LEU D 187 6.96 7.79 -3.48
N ASP D 188 5.86 7.85 -4.19
CA ASP D 188 4.53 7.88 -3.61
C ASP D 188 4.02 6.44 -3.53
N PRO D 189 4.11 5.80 -2.35
CA PRO D 189 3.66 4.39 -2.24
C PRO D 189 2.20 4.13 -2.63
N ALA D 190 1.29 5.10 -2.45
CA ALA D 190 -0.12 4.81 -2.74
C ALA D 190 -0.38 4.59 -4.21
N ILE D 191 0.49 5.06 -5.10
CA ILE D 191 0.23 4.94 -6.53
C ILE D 191 1.47 4.40 -7.22
N GLY D 192 2.60 4.35 -6.51
CA GLY D 192 3.78 3.71 -7.05
C GLY D 192 4.41 4.50 -8.18
N GLU D 193 4.71 5.77 -7.91
CA GLU D 193 5.17 6.71 -8.93
C GLU D 193 6.22 7.61 -8.28
N PHE D 194 7.28 7.93 -9.03
CA PHE D 194 8.38 8.76 -8.55
C PHE D 194 8.09 10.21 -8.95
N ILE D 195 7.74 11.04 -8.00
CA ILE D 195 7.28 12.40 -8.31
C ILE D 195 8.45 13.36 -8.13
N LEU D 196 8.70 14.18 -9.14
CA LEU D 196 9.76 15.19 -9.06
C LEU D 196 9.41 16.25 -8.02
N VAL D 197 10.34 16.53 -7.12
CA VAL D 197 10.05 17.40 -5.99
C VAL D 197 11.18 18.43 -5.83
N ASP D 198 12.38 18.13 -6.30
CA ASP D 198 13.45 19.13 -6.34
C ASP D 198 14.10 19.08 -7.72
N LYS D 199 14.22 20.26 -8.36
CA LYS D 199 14.70 20.37 -9.74
C LYS D 199 16.07 21.05 -9.77
N ASP D 200 17.02 20.44 -10.51
CA ASP D 200 18.33 21.02 -10.81
C ASP D 200 19.00 21.52 -9.53
N VAL D 201 19.22 20.58 -8.62
CA VAL D 201 19.61 20.87 -7.24
C VAL D 201 21.07 21.31 -7.17
N LYS D 202 21.37 22.26 -6.27
CA LYS D 202 22.73 22.75 -6.07
C LYS D 202 23.10 22.75 -4.59
N ILE D 203 24.29 22.23 -4.25
CA ILE D 203 24.71 22.13 -2.86
C ILE D 203 25.16 23.51 -2.35
N LYS D 204 24.91 23.76 -1.06
CA LYS D 204 25.41 24.97 -0.41
C LYS D 204 26.89 25.14 -0.67
N LYS D 205 27.32 26.40 -0.81
CA LYS D 205 28.74 26.66 -1.00
C LYS D 205 29.53 26.15 0.19
N LYS D 206 28.97 26.28 1.40
CA LYS D 206 29.61 25.89 2.66
C LYS D 206 28.54 25.50 3.66
N GLY D 207 28.79 24.45 4.45
CA GLY D 207 27.84 23.97 5.42
C GLY D 207 28.34 24.14 6.85
N LYS D 208 27.62 23.47 7.77
CA LYS D 208 27.93 23.50 9.19
C LYS D 208 27.91 22.11 9.84
N ILE D 209 28.10 21.03 9.06
CA ILE D 209 28.11 19.67 9.61
C ILE D 209 29.26 18.89 8.97
N TYR D 210 29.87 17.96 9.74
CA TYR D 210 30.90 17.06 9.25
C TYR D 210 30.61 15.64 9.72
N SER D 211 30.90 14.67 8.85
CA SER D 211 30.45 13.30 9.01
C SER D 211 31.60 12.33 8.77
N LEU D 212 32.01 11.60 9.81
CA LEU D 212 32.97 10.51 9.63
C LEU D 212 32.95 9.63 10.87
N ASN D 213 33.53 8.43 10.73
CA ASN D 213 33.63 7.50 11.86
C ASN D 213 34.87 7.81 12.69
N GLU D 214 34.67 8.57 13.77
CA GLU D 214 35.78 9.09 14.58
C GLU D 214 36.41 8.04 15.48
N GLY D 215 35.86 6.83 15.58
CA GLY D 215 36.51 5.79 16.36
C GLY D 215 37.85 5.37 15.80
N TYR D 216 38.13 5.76 14.56
CA TYR D 216 39.45 5.56 13.98
C TYR D 216 40.41 6.74 14.27
N ALA D 217 40.12 7.57 15.28
CA ALA D 217 40.99 8.69 15.62
C ALA D 217 42.45 8.25 15.74
N ARG D 218 42.71 7.15 16.43
CA ARG D 218 44.09 6.69 16.62
C ARG D 218 44.80 6.34 15.31
N ASP D 219 44.08 6.26 14.18
CA ASP D 219 44.71 5.84 12.94
C ASP D 219 44.66 6.94 11.87
N PHE D 220 44.25 8.15 12.22
CA PHE D 220 44.07 9.19 11.22
C PHE D 220 45.39 9.76 10.73
N ASP D 221 45.44 10.03 9.42
CA ASP D 221 46.47 10.91 8.89
C ASP D 221 46.52 12.20 9.71
N PRO D 222 47.70 12.81 9.88
CA PRO D 222 47.73 14.13 10.54
C PRO D 222 46.82 15.17 9.87
N ALA D 223 46.62 15.08 8.55
CA ALA D 223 45.76 16.04 7.85
C ALA D 223 44.32 15.96 8.34
N VAL D 224 43.82 14.73 8.54
CA VAL D 224 42.46 14.58 9.01
C VAL D 224 42.34 15.09 10.44
N THR D 225 43.32 14.81 11.29
CA THR D 225 43.20 15.20 12.69
C THR D 225 43.20 16.72 12.82
N GLU D 226 44.04 17.41 12.07
CA GLU D 226 43.99 18.86 12.13
C GLU D 226 42.68 19.38 11.57
N TYR D 227 42.20 18.79 10.48
CA TYR D 227 40.98 19.31 9.88
C TYR D 227 39.80 19.15 10.84
N ILE D 228 39.73 18.03 11.55
CA ILE D 228 38.64 17.82 12.48
C ILE D 228 38.72 18.82 13.62
N GLN D 229 39.91 18.98 14.21
CA GLN D 229 40.07 19.92 15.31
C GLN D 229 39.76 21.35 14.87
N ARG D 230 39.97 21.67 13.60
CA ARG D 230 39.54 22.97 13.07
C ARG D 230 38.02 23.09 12.96
N LYS D 231 37.28 21.97 12.95
CA LYS D 231 35.82 22.06 12.99
C LYS D 231 35.29 22.22 14.40
N LYS D 232 36.04 21.77 15.41
CA LYS D 232 35.62 21.94 16.81
C LYS D 232 36.21 23.20 17.45
N PHE D 233 37.43 23.58 17.10
CA PHE D 233 38.09 24.78 17.65
C PHE D 233 38.49 25.67 16.50
N PRO D 234 37.52 26.34 15.86
CA PRO D 234 37.79 26.95 14.55
C PRO D 234 38.76 28.12 14.68
N PRO D 235 39.45 28.47 13.60
CA PRO D 235 40.52 29.49 13.68
C PRO D 235 40.03 30.93 13.68
N ASP D 236 38.73 31.18 13.62
CA ASP D 236 38.25 32.54 13.37
C ASP D 236 37.03 32.88 14.21
N ASN D 237 36.93 32.33 15.43
CA ASN D 237 35.69 32.30 16.21
C ASN D 237 34.44 32.10 15.34
N SER D 238 34.48 31.13 14.44
CA SER D 238 33.23 30.66 13.88
C SER D 238 32.54 29.75 14.89
N ALA D 239 31.24 29.54 14.66
CA ALA D 239 30.55 28.51 15.42
C ALA D 239 31.12 27.14 15.04
N PRO D 240 31.54 26.32 16.01
CA PRO D 240 31.95 24.97 15.67
C PRO D 240 30.85 24.24 14.88
N TYR D 241 31.29 23.29 14.06
CA TYR D 241 30.36 22.48 13.28
C TYR D 241 29.66 21.47 14.19
N GLY D 242 28.49 21.01 13.76
CA GLY D 242 27.89 19.83 14.36
C GLY D 242 28.37 18.55 13.69
N ALA D 243 28.30 17.43 14.41
CA ALA D 243 28.69 16.13 13.88
C ALA D 243 27.46 15.24 13.70
N ARG D 244 27.39 14.56 12.55
CA ARG D 244 26.37 13.57 12.22
C ARG D 244 27.03 12.40 11.49
N TYR D 245 26.84 11.18 11.97
CA TYR D 245 27.35 10.05 11.21
C TYR D 245 26.39 8.88 11.39
N VAL D 246 25.51 8.69 10.41
CA VAL D 246 24.55 7.60 10.46
C VAL D 246 25.26 6.26 10.33
N GLY D 247 26.32 6.20 9.51
CA GLY D 247 27.00 4.94 9.27
C GLY D 247 26.54 4.20 8.02
N SER D 248 25.60 4.76 7.28
CA SER D 248 25.15 4.20 6.01
C SER D 248 25.39 5.25 4.93
N MET D 249 26.27 4.92 3.98
CA MET D 249 26.78 5.96 3.09
C MET D 249 25.66 6.76 2.40
N VAL D 250 24.68 6.06 1.82
CA VAL D 250 23.63 6.77 1.08
C VAL D 250 22.95 7.81 1.96
N ALA D 251 22.67 7.47 3.22
CA ALA D 251 22.02 8.43 4.11
C ALA D 251 22.92 9.63 4.41
N ASP D 252 24.21 9.38 4.71
CA ASP D 252 25.13 10.48 5.05
C ASP D 252 25.35 11.40 3.85
N VAL D 253 25.47 10.83 2.67
CA VAL D 253 25.69 11.65 1.49
C VAL D 253 24.46 12.49 1.16
N HIS D 254 23.25 11.94 1.39
CA HIS D 254 22.04 12.70 1.05
C HIS D 254 21.84 13.87 1.99
N ARG D 255 22.06 13.68 3.29
CA ARG D 255 22.03 14.80 4.22
C ARG D 255 23.06 15.86 3.83
N THR D 256 24.19 15.45 3.27
CA THR D 256 25.19 16.41 2.84
C THR D 256 24.70 17.21 1.65
N LEU D 257 23.99 16.53 0.74
CA LEU D 257 23.45 17.19 -0.44
C LEU D 257 22.39 18.20 -0.06
N VAL D 258 21.60 17.92 0.98
CA VAL D 258 20.46 18.77 1.28
C VAL D 258 20.82 19.87 2.28
N TYR D 259 21.73 19.60 3.23
CA TYR D 259 22.04 20.56 4.27
C TYR D 259 23.43 21.20 4.14
N GLY D 260 24.31 20.64 3.32
CA GLY D 260 25.66 21.16 3.18
C GLY D 260 26.60 20.57 4.21
N GLY D 261 27.89 20.89 4.03
CA GLY D 261 28.93 20.30 4.85
C GLY D 261 29.81 19.28 4.13
N ILE D 262 30.40 18.35 4.90
CA ILE D 262 31.50 17.50 4.44
C ILE D 262 31.27 16.07 4.94
N PHE D 263 31.61 15.09 4.10
CA PHE D 263 31.54 13.67 4.46
C PHE D 263 32.90 13.05 4.15
N LEU D 264 33.42 12.23 5.07
CA LEU D 264 34.78 11.72 4.93
C LEU D 264 34.85 10.23 5.23
N TYR D 265 35.43 9.47 4.32
CA TYR D 265 35.92 8.13 4.65
C TYR D 265 37.36 8.08 4.19
N PRO D 266 38.29 8.52 5.04
CA PRO D 266 39.71 8.53 4.69
C PRO D 266 40.34 7.16 4.85
N ALA D 267 41.66 7.10 4.76
CA ALA D 267 42.36 5.83 4.90
C ALA D 267 42.80 5.68 6.36
N ASN D 268 42.21 4.71 7.06
CA ASN D 268 42.69 4.39 8.40
C ASN D 268 43.87 3.44 8.27
N LYS D 269 43.78 2.27 8.91
CA LYS D 269 44.80 1.25 8.67
C LYS D 269 44.78 0.76 7.24
N LYS D 270 43.72 1.06 6.49
CA LYS D 270 43.44 0.47 5.20
C LYS D 270 44.39 0.94 4.10
N SER D 271 45.57 1.50 4.44
CA SER D 271 46.55 2.07 3.52
C SER D 271 45.89 3.21 2.73
N PRO D 272 46.64 4.11 2.06
CA PRO D 272 46.00 5.20 1.32
C PRO D 272 44.92 4.75 0.33
N ASN D 273 43.94 4.00 0.86
CA ASN D 273 42.95 3.28 0.09
C ASN D 273 41.56 3.40 0.71
N GLY D 274 41.44 3.41 2.03
CA GLY D 274 40.10 3.53 2.59
C GLY D 274 39.25 2.28 2.40
N LYS D 275 37.98 2.40 2.83
CA LYS D 275 37.08 1.25 2.87
C LYS D 275 36.07 1.21 1.73
N LEU D 276 35.52 2.33 1.28
CA LEU D 276 34.42 2.29 0.32
C LEU D 276 34.95 1.95 -1.06
N ARG D 277 34.02 1.59 -1.98
CA ARG D 277 34.39 1.05 -3.28
C ARG D 277 34.28 2.10 -4.38
N LEU D 278 35.27 2.12 -5.26
CA LEU D 278 35.41 3.22 -6.19
C LEU D 278 34.35 3.18 -7.28
N LEU D 279 34.10 2.00 -7.86
CA LEU D 279 33.23 1.93 -9.04
C LEU D 279 31.76 2.11 -8.68
N TYR D 280 31.26 1.47 -7.61
CA TYR D 280 29.83 1.49 -7.35
C TYR D 280 29.46 2.20 -6.05
N GLU D 281 30.40 2.92 -5.43
CA GLU D 281 30.08 3.78 -4.29
C GLU D 281 30.71 5.15 -4.51
N CYS D 282 32.04 5.21 -4.68
CA CYS D 282 32.73 6.49 -4.70
C CYS D 282 32.40 7.28 -5.97
N ASN D 283 32.49 6.63 -7.13
CA ASN D 283 32.28 7.35 -8.38
C ASN D 283 30.86 7.87 -8.54
N PRO D 284 29.81 7.12 -8.20
CA PRO D 284 28.46 7.68 -8.37
C PRO D 284 28.21 8.88 -7.48
N MET D 285 28.63 8.83 -6.20
CA MET D 285 28.43 9.95 -5.30
C MET D 285 29.31 11.13 -5.67
N ALA D 286 30.52 10.89 -6.19
CA ALA D 286 31.35 11.99 -6.67
C ALA D 286 30.68 12.68 -7.84
N TYR D 287 30.06 11.89 -8.71
CA TYR D 287 29.35 12.44 -9.86
C TYR D 287 28.16 13.28 -9.41
N VAL D 288 27.35 12.74 -8.49
CA VAL D 288 26.20 13.50 -8.00
C VAL D 288 26.66 14.81 -7.35
N MET D 289 27.78 14.77 -6.63
CA MET D 289 28.28 15.99 -5.99
C MET D 289 28.73 17.03 -7.01
N GLU D 290 29.39 16.60 -8.08
CA GLU D 290 29.97 17.56 -9.00
C GLU D 290 28.91 18.18 -9.90
N LYS D 291 27.96 17.36 -10.36
CA LYS D 291 26.86 17.90 -11.16
C LYS D 291 25.95 18.79 -10.33
N ALA D 292 25.95 18.66 -9.00
CA ALA D 292 25.22 19.57 -8.12
C ALA D 292 26.11 20.67 -7.58
N GLY D 293 27.27 20.88 -8.19
CA GLY D 293 28.11 21.99 -7.79
C GLY D 293 29.00 21.74 -6.59
N GLY D 294 29.13 20.49 -6.12
CA GLY D 294 30.04 20.13 -5.06
C GLY D 294 31.34 19.55 -5.58
N MET D 295 32.13 18.98 -4.66
CA MET D 295 33.42 18.38 -5.02
C MET D 295 33.56 17.01 -4.36
N ALA D 296 34.50 16.22 -4.90
CA ALA D 296 34.86 14.92 -4.30
C ALA D 296 36.29 14.57 -4.67
N THR D 297 37.12 14.29 -3.65
CA THR D 297 38.56 14.10 -3.78
C THR D 297 39.00 12.90 -2.94
N THR D 298 40.05 12.23 -3.39
CA THR D 298 40.70 11.18 -2.62
C THR D 298 41.70 11.72 -1.62
N GLY D 299 41.92 13.04 -1.59
CA GLY D 299 43.08 13.62 -0.96
C GLY D 299 44.13 13.99 -2.00
N LYS D 300 44.49 13.02 -2.85
CA LYS D 300 45.50 13.21 -3.89
C LYS D 300 44.91 13.61 -5.24
N GLU D 301 43.67 13.23 -5.54
CA GLU D 301 43.11 13.62 -6.83
C GLU D 301 41.59 13.68 -6.75
N ALA D 302 40.99 14.19 -7.83
CA ALA D 302 39.55 14.09 -7.99
C ALA D 302 39.15 12.62 -8.07
N VAL D 303 38.13 12.24 -7.32
CA VAL D 303 37.65 10.87 -7.35
C VAL D 303 37.39 10.42 -8.79
N LEU D 304 36.72 11.28 -9.56
CA LEU D 304 36.30 10.88 -10.91
C LEU D 304 37.45 10.81 -11.90
N ASP D 305 38.67 11.09 -11.47
CA ASP D 305 39.85 11.01 -12.34
C ASP D 305 40.62 9.70 -12.17
N VAL D 306 40.40 9.00 -11.04
CA VAL D 306 41.10 7.75 -10.78
C VAL D 306 40.84 6.77 -11.91
N ILE D 307 41.92 6.19 -12.43
CA ILE D 307 41.83 5.12 -13.43
C ILE D 307 41.93 3.79 -12.69
N PRO D 308 40.85 3.01 -12.61
CA PRO D 308 40.86 1.80 -11.78
C PRO D 308 41.36 0.60 -12.54
N THR D 309 41.96 -0.32 -11.80
CA THR D 309 42.46 -1.58 -12.36
C THR D 309 41.76 -2.82 -11.84
N ASP D 310 40.92 -2.70 -10.80
CA ASP D 310 40.16 -3.80 -10.23
C ASP D 310 38.75 -3.32 -9.94
N ILE D 311 37.74 -4.09 -10.37
CA ILE D 311 36.36 -3.64 -10.23
C ILE D 311 35.95 -3.46 -8.78
N HIS D 312 36.65 -4.11 -7.84
CA HIS D 312 36.35 -3.99 -6.42
C HIS D 312 37.41 -3.20 -5.67
N GLN D 313 38.21 -2.41 -6.38
CA GLN D 313 39.21 -1.61 -5.67
C GLN D 313 38.52 -0.50 -4.87
N ARG D 314 39.24 -0.01 -3.86
CA ARG D 314 38.77 0.93 -2.87
C ARG D 314 39.37 2.31 -3.12
N ALA D 315 38.84 3.34 -2.43
CA ALA D 315 39.41 4.68 -2.56
C ALA D 315 39.08 5.55 -1.35
N PRO D 316 40.00 6.41 -0.91
CA PRO D 316 39.62 7.45 0.05
C PRO D 316 38.65 8.42 -0.60
N VAL D 317 37.73 8.96 0.20
CA VAL D 317 36.74 9.89 -0.32
C VAL D 317 36.43 10.98 0.70
N ILE D 318 36.40 12.22 0.21
CA ILE D 318 36.05 13.43 0.97
C ILE D 318 35.19 14.27 0.03
N LEU D 319 33.91 14.47 0.38
CA LEU D 319 32.99 15.16 -0.53
C LEU D 319 32.06 16.09 0.25
N GLY D 320 31.49 17.04 -0.48
CA GLY D 320 30.48 17.92 0.09
C GLY D 320 30.54 19.31 -0.54
N SER D 321 30.04 20.27 0.23
CA SER D 321 30.11 21.67 -0.17
C SER D 321 31.53 22.03 -0.59
N PRO D 322 31.71 22.80 -1.67
CA PRO D 322 33.06 23.05 -2.16
C PRO D 322 33.93 23.85 -1.21
N ASP D 323 33.38 24.80 -0.45
CA ASP D 323 34.21 25.49 0.52
C ASP D 323 34.81 24.51 1.53
N ASP D 324 34.00 23.54 1.96
CA ASP D 324 34.46 22.63 3.01
C ASP D 324 35.52 21.68 2.45
N VAL D 325 35.40 21.29 1.19
CA VAL D 325 36.40 20.37 0.66
C VAL D 325 37.68 21.13 0.32
N LEU D 326 37.56 22.37 -0.15
CA LEU D 326 38.77 23.17 -0.37
C LEU D 326 39.51 23.42 0.94
N GLU D 327 38.78 23.62 2.05
CA GLU D 327 39.46 23.80 3.33
C GLU D 327 40.29 22.57 3.68
N PHE D 328 39.68 21.38 3.63
CA PHE D 328 40.43 20.15 3.93
C PHE D 328 41.62 20.01 2.99
N LEU D 329 41.40 20.19 1.69
CA LEU D 329 42.48 20.04 0.73
C LEU D 329 43.58 21.07 0.94
N LYS D 330 43.26 22.19 1.57
CA LYS D 330 44.31 23.16 1.89
C LYS D 330 45.15 22.62 3.03
N VAL D 331 44.50 22.19 4.11
CA VAL D 331 45.24 21.57 5.21
C VAL D 331 45.98 20.33 4.73
N TYR D 332 45.35 19.56 3.83
CA TYR D 332 46.00 18.35 3.32
C TYR D 332 47.34 18.66 2.67
N GLU D 333 47.40 19.73 1.87
CA GLU D 333 48.66 20.02 1.18
C GLU D 333 49.73 20.47 2.15
N LYS D 334 49.36 21.21 3.20
CA LYS D 334 50.34 21.61 4.21
C LYS D 334 51.05 20.41 4.81
N HIS D 335 50.35 19.28 4.90
CA HIS D 335 50.90 18.04 5.45
C HIS D 335 51.49 17.15 4.35
N SER D 336 52.10 17.71 3.32
CA SER D 336 52.75 16.87 2.32
C SER D 336 54.01 17.53 1.77
N ALA D 337 54.77 16.76 0.98
C10 EW0 E . 12.23 5.76 -28.91
C13 EW0 E . 8.76 6.41 -29.84
C15 EW0 E . 9.27 5.62 -27.55
C17 EW0 E . 4.08 5.67 -30.85
C20 EW0 E . 2.79 3.21 -31.16
C21 EW0 E . 3.13 3.68 -29.90
C22 EW0 E . 3.76 4.92 -29.73
C24 EW0 E . 11.49 9.40 -37.31
C1 EW0 E . 12.34 8.11 -35.02
C2 EW0 E . 12.51 7.09 -34.09
C3 EW0 E . 13.44 6.09 -34.35
C4 EW0 E . 14.19 6.13 -35.52
C5 EW0 E . 14.02 7.15 -36.44
C6 EW0 E . 13.07 8.14 -36.18
C7 EW0 E . 11.91 6.66 -31.57
C8 EW0 E . 13.19 6.39 -31.10
C9 EW0 E . 13.35 5.94 -29.76
C11 EW0 E . 10.98 6.05 -29.39
C12 EW0 E . 10.86 6.51 -30.76
C14 EW0 E . 9.44 6.71 -30.94
C16 EW0 E . 7.25 6.51 -29.72
C18 EW0 E . 3.75 5.22 -32.12
C19 EW0 E . 3.11 3.99 -32.28
C23 EW0 E . 1.76 1.55 -32.57
N1 EW0 E . 11.66 7.15 -32.91
N2 EW0 E . 9.64 6.02 -28.90
N3 EW0 E . 6.57 7.14 -30.82
O1 EW0 E . 6.63 6.11 -28.79
O2 EW0 E . 4.40 8.24 -31.56
O3 EW0 E . 4.60 7.85 -29.34
O4 EW0 E . 2.14 1.97 -31.28
O5 EW0 E . 12.86 9.19 -37.07
S1 EW0 E . 4.90 7.25 -30.64
CL1 EW0 E . 12.44 5.18 -27.23
C10 EW0 F . -12.45 -6.26 28.52
C13 EW0 F . -14.26 -8.89 26.64
C15 EW0 F . -12.74 -7.37 25.39
C17 EW0 F . -17.52 -11.02 23.77
C20 EW0 F . -19.55 -9.58 22.53
C21 EW0 F . -18.24 -9.41 22.13
C22 EW0 F . -17.22 -10.12 22.75
C24 EW0 F . -16.33 -12.15 34.41
C1 EW0 F . -15.31 -9.93 32.97
C2 EW0 F . -15.34 -8.75 32.24
C3 EW0 F . -15.73 -7.57 32.87
C4 EW0 F . -16.06 -7.57 34.20
C5 EW0 F . -16.03 -8.74 34.92
C6 EW0 F . -15.65 -9.93 34.31
C7 EW0 F . -14.11 -7.90 30.11
C8 EW0 F . -13.38 -6.88 30.72
C9 EW0 F . -12.55 -6.05 29.91
C11 EW0 F . -13.18 -7.29 27.92
C12 EW0 F . -14.01 -8.10 28.77
C14 EW0 F . -14.63 -9.05 27.90
C16 EW0 F . -14.77 -9.78 25.51
C18 EW0 F . -18.83 -11.19 24.16
C19 EW0 F . -19.85 -10.48 23.54
C23 EW0 F . -21.83 -8.91 22.43
N1 EW0 F . -14.99 -8.81 30.84
N2 EW0 F . -13.38 -7.85 26.60
N3 EW0 F . -15.57 -10.92 25.85
O1 EW0 F . -14.55 -9.57 24.38
O2 EW0 F . -16.48 -13.22 25.08
O3 EW0 F . -15.02 -12.15 23.65
O4 EW0 F . -20.55 -8.85 21.86
O5 EW0 F . -15.61 -11.13 35.04
S1 EW0 F . -16.14 -11.89 24.58
CL1 EW0 F . -11.39 -5.21 27.54
C10 EW0 G . -10.61 -9.90 28.67
C13 EW0 G . -8.61 -7.04 29.83
C15 EW0 G . -8.50 -7.69 27.46
C17 EW0 G . -4.78 -4.42 30.95
C20 EW0 G . -2.19 -5.37 31.00
C21 EW0 G . -2.81 -5.14 29.78
C22 EW0 G . -4.11 -4.64 29.75
C24 EW0 G . -13.44 -7.72 36.92
C1 EW0 G . -12.29 -9.11 34.86
C2 EW0 G . -11.59 -9.79 33.87
C3 EW0 G . -11.46 -11.17 33.94
C4 EW0 G . -12.04 -11.89 34.97
C5 EW0 G . -12.75 -11.19 35.95
C6 EW0 G . -12.87 -9.81 35.90
C7 EW0 G . -10.89 -9.35 31.41
C8 EW0 G . -11.59 -10.41 30.85
C9 EW0 G . -11.46 -10.70 29.47
C11 EW0 G . -9.92 -8.85 29.24
C12 EW0 G . -10.09 -8.60 30.65
C14 EW0 G . -9.25 -7.47 30.92
C16 EW0 G . -7.65 -5.88 29.81
C18 EW0 G . -4.15 -4.66 32.16
C19 EW0 G . -2.85 -5.13 32.18
C23 EW0 G . -0.10 -5.22 32.03
N1 EW0 G . -10.99 -8.99 32.82
N2 EW0 G . -8.99 -7.84 28.81
N3 EW0 G . -7.57 -5.08 31.00
O1 EW0 G . -6.94 -5.64 28.88
O2 EW0 G . -6.74 -2.88 32.09
O3 EW0 G . -6.69 -2.96 29.75
O4 EW0 G . -0.87 -5.85 31.05
O5 EW0 G . -13.59 -9.13 36.89
S1 EW0 G . -6.48 -3.79 30.96
CL1 EW0 G . -10.40 -10.25 26.95
C10 EW0 H . 11.11 9.30 -28.33
C13 EW0 H . 14.39 8.44 -26.91
C15 EW0 H . 12.44 8.44 -25.40
C17 EW0 H . 18.25 8.84 -24.16
C20 EW0 H . 18.80 11.02 -22.51
C21 EW0 H . 18.03 9.97 -22.06
C22 EW0 H . 17.76 8.89 -22.88
C24 EW0 H . 17.27 9.15 -35.10
C1 EW0 H . 15.26 9.74 -33.33
C2 EW0 H . 14.49 10.23 -32.29
C3 EW0 H . 13.91 11.49 -32.41
C4 EW0 H . 14.08 12.23 -33.56
C5 EW0 H . 14.85 11.74 -34.60
C6 EW0 H . 15.44 10.49 -34.48
C7 EW0 H . 13.21 9.40 -30.21
C8 EW0 H . 11.91 9.68 -30.63
C9 EW0 H . 10.86 9.62 -29.69
C11 EW0 H . 12.39 9.02 -27.92
C12 EW0 H . 13.44 9.07 -28.91
C14 EW0 H . 14.63 8.74 -28.18
C16 EW0 H . 15.53 8.13 -25.96
C18 EW0 H . 19.05 9.87 -24.62
C19 EW0 H . 19.31 10.98 -23.80
C23 EW0 H . 20.03 13.00 -22.07
N1 EW0 H . 14.35 9.41 -31.11
N2 EW0 H . 13.07 8.64 -26.70
N3 EW0 H . 16.71 7.35 -26.37
O1 EW0 H . 15.47 8.55 -24.86
O2 EW0 H . 19.07 6.83 -25.70
O3 EW0 H . 17.51 6.40 -24.01
O4 EW0 H . 19.05 12.10 -21.64
O5 EW0 H . 16.23 9.98 -35.53
S1 EW0 H . 17.84 7.34 -25.10
CL1 EW0 H . 9.76 9.25 -27.19
#